data_4RAD
#
_entry.id   4RAD
#
_cell.length_a   76.048
_cell.length_b   114.930
_cell.length_c   97.536
_cell.angle_alpha   90.00
_cell.angle_beta   101.30
_cell.angle_gamma   90.00
#
_symmetry.space_group_name_H-M   'P 1 21 1'
#
loop_
_entity.id
_entity.type
_entity.pdbx_description
1 polymer 'Hypoxanthine-guanine phosphoribosyltransferase'
2 non-polymer '(2-{[2-(2-amino-6-oxo-3,6-dihydro-9H-purin-9-yl)ethyl][2-(2-phosphonoethoxy)ethyl]amino}ethyl)phosphonic acid'
3 non-polymer 'MAGNESIUM ION'
4 water water
#
_entity_poly.entity_id   1
_entity_poly.type   'polypeptide(L)'
_entity_poly.pdbx_seq_one_letter_code
;ATRSPGVVISDDEPGYDLDLFCIPNHYAEDLERVFIPHGLIMDRTERLARDVMKEMGGHHIVALCVLKGGYKFFADLLDY
IKALNRNSDRSIPMTVDFIRLKSYCNDQSTGDIKVIGGDDLSTLTGKNVLIVEDIIDTGKTMQTLLSLVRQYNPKMVKVA
SLLVKRTPRSVGYKPDFVGFEIPDKFVVGYALDYNEYFRDLNHVCVISETGKAKYKA
;
_entity_poly.pdbx_strand_id   A,B,C,D,E,F,G,H
#
loop_
_chem_comp.id
_chem_comp.type
_chem_comp.name
_chem_comp.formula
3L5 non-polymer '(2-{[2-(2-amino-6-oxo-3,6-dihydro-9H-purin-9-yl)ethyl][2-(2-phosphonoethoxy)ethyl]amino}ethyl)phosphonic acid' 'C13 H24 N6 O8 P2'
MG non-polymer 'MAGNESIUM ION' 'Mg 2'
#
# COMPACT_ATOMS: atom_id res chain seq x y z
N PRO A 5 -10.64 -40.79 -9.49
CA PRO A 5 -11.46 -39.64 -9.88
C PRO A 5 -10.81 -38.30 -9.53
N GLY A 6 -9.76 -38.33 -8.70
CA GLY A 6 -9.05 -37.12 -8.33
C GLY A 6 -9.72 -36.34 -7.21
N VAL A 7 -9.18 -35.15 -6.91
CA VAL A 7 -9.76 -34.31 -5.88
C VAL A 7 -11.06 -33.66 -6.38
N VAL A 8 -12.18 -34.11 -5.82
CA VAL A 8 -13.48 -33.65 -6.27
C VAL A 8 -13.84 -32.30 -5.65
N ILE A 9 -14.01 -31.31 -6.52
CA ILE A 9 -14.39 -29.96 -6.10
C ILE A 9 -15.89 -29.73 -6.37
N SER A 10 -16.61 -29.36 -5.32
CA SER A 10 -18.08 -29.25 -5.37
C SER A 10 -18.59 -28.11 -6.24
N ASP A 11 -19.84 -28.24 -6.68
CA ASP A 11 -20.51 -27.17 -7.41
C ASP A 11 -20.60 -25.90 -6.58
N ASP A 12 -20.73 -26.04 -5.27
CA ASP A 12 -20.89 -24.89 -4.39
C ASP A 12 -19.56 -24.41 -3.80
N GLU A 13 -18.45 -24.92 -4.34
CA GLU A 13 -17.12 -24.48 -3.91
C GLU A 13 -17.05 -22.95 -3.95
N PRO A 14 -16.86 -22.29 -2.79
CA PRO A 14 -16.83 -20.83 -2.77
C PRO A 14 -15.51 -20.26 -3.26
N GLY A 15 -14.46 -21.08 -3.27
CA GLY A 15 -13.14 -20.62 -3.63
C GLY A 15 -12.56 -19.77 -2.50
N TYR A 16 -11.58 -18.94 -2.84
CA TYR A 16 -10.89 -18.12 -1.84
C TYR A 16 -10.85 -16.65 -2.23
N ASP A 17 -10.83 -15.80 -1.21
CA ASP A 17 -10.73 -14.35 -1.38
C ASP A 17 -9.40 -13.99 -2.03
N LEU A 18 -9.46 -13.16 -3.07
CA LEU A 18 -8.25 -12.75 -3.78
C LEU A 18 -7.27 -12.04 -2.87
N ASP A 19 -7.80 -11.23 -1.95
CA ASP A 19 -7.00 -10.38 -1.08
C ASP A 19 -6.15 -11.17 -0.07
N LEU A 20 -6.37 -12.47 0.01
CA LEU A 20 -5.65 -13.32 0.95
C LEU A 20 -4.45 -14.01 0.29
N PHE A 21 -4.30 -13.79 -1.00
CA PHE A 21 -3.23 -14.41 -1.76
C PHE A 21 -2.48 -13.36 -2.56
N CYS A 22 -1.33 -13.78 -3.10
CA CYS A 22 -0.56 -12.93 -3.99
C CYS A 22 -1.06 -13.16 -5.40
N ILE A 23 -1.55 -12.10 -6.04
CA ILE A 23 -1.94 -12.18 -7.44
C ILE A 23 -1.43 -10.94 -8.15
N PRO A 24 -1.20 -11.05 -9.46
CA PRO A 24 -0.79 -9.86 -10.21
C PRO A 24 -1.90 -8.81 -10.23
N ASN A 25 -1.55 -7.57 -9.91
CA ASN A 25 -2.53 -6.51 -9.77
C ASN A 25 -3.36 -6.26 -11.03
N HIS A 26 -2.76 -6.49 -12.20
CA HIS A 26 -3.45 -6.19 -13.46
C HIS A 26 -4.63 -7.13 -13.72
N TYR A 27 -4.72 -8.21 -12.95
CA TYR A 27 -5.85 -9.14 -13.04
C TYR A 27 -6.82 -8.97 -11.87
N ALA A 28 -6.50 -8.07 -10.94
CA ALA A 28 -7.22 -7.98 -9.67
C ALA A 28 -8.72 -7.70 -9.86
N GLU A 29 -9.05 -6.98 -10.92
CA GLU A 29 -10.44 -6.62 -11.20
C GLU A 29 -11.09 -7.60 -12.18
N ASP A 30 -10.26 -8.46 -12.79
CA ASP A 30 -10.73 -9.40 -13.82
C ASP A 30 -11.04 -10.78 -13.25
N LEU A 31 -10.66 -11.01 -12.00
CA LEU A 31 -10.88 -12.30 -11.33
C LEU A 31 -11.90 -12.15 -10.21
N GLU A 32 -12.61 -13.24 -9.93
CA GLU A 32 -13.64 -13.24 -8.90
C GLU A 32 -13.13 -13.91 -7.63
N ARG A 33 -12.60 -15.12 -7.78
CA ARG A 33 -12.10 -15.90 -6.66
C ARG A 33 -10.89 -16.72 -7.11
N VAL A 34 -10.01 -17.03 -6.17
CA VAL A 34 -9.07 -18.12 -6.37
C VAL A 34 -9.85 -19.41 -6.23
N PHE A 35 -9.73 -20.31 -7.21
CA PHE A 35 -10.52 -21.54 -7.23
C PHE A 35 -9.69 -22.71 -6.71
N ILE A 36 -8.51 -22.90 -7.27
CA ILE A 36 -7.56 -23.90 -6.79
C ILE A 36 -6.21 -23.23 -6.56
N PRO A 37 -5.82 -23.07 -5.28
CA PRO A 37 -4.51 -22.47 -5.01
C PRO A 37 -3.36 -23.26 -5.62
N HIS A 38 -2.33 -22.54 -6.08
CA HIS A 38 -1.17 -23.14 -6.73
C HIS A 38 -0.58 -24.26 -5.90
N GLY A 39 -0.44 -24.00 -4.60
CA GLY A 39 0.14 -24.97 -3.69
C GLY A 39 -0.65 -26.27 -3.62
N LEU A 40 -1.97 -26.17 -3.71
CA LEU A 40 -2.83 -27.34 -3.72
C LEU A 40 -2.53 -28.17 -4.94
N ILE A 41 -2.39 -27.49 -6.08
CA ILE A 41 -2.01 -28.14 -7.33
C ILE A 41 -0.67 -28.87 -7.17
N MET A 42 0.29 -28.23 -6.52
CA MET A 42 1.59 -28.85 -6.31
C MET A 42 1.48 -30.11 -5.46
N ASP A 43 0.72 -30.02 -4.37
CA ASP A 43 0.56 -31.17 -3.47
C ASP A 43 -0.08 -32.33 -4.20
N ARG A 44 -1.12 -32.04 -4.97
CA ARG A 44 -1.82 -33.08 -5.72
C ARG A 44 -0.90 -33.66 -6.79
N THR A 45 -0.08 -32.80 -7.39
CA THR A 45 0.82 -33.24 -8.45
C THR A 45 1.94 -34.11 -7.91
N GLU A 46 2.40 -33.84 -6.69
CA GLU A 46 3.36 -34.71 -6.02
C GLU A 46 2.81 -36.13 -5.91
N ARG A 47 1.56 -36.27 -5.48
CA ARG A 47 0.94 -37.58 -5.34
C ARG A 47 0.83 -38.26 -6.70
N LEU A 48 0.34 -37.53 -7.68
CA LEU A 48 0.16 -38.06 -9.03
C LEU A 48 1.48 -38.56 -9.61
N ALA A 49 2.56 -37.84 -9.30
CA ALA A 49 3.89 -38.23 -9.77
C ALA A 49 4.24 -39.63 -9.27
N ARG A 50 3.91 -39.91 -8.02
CA ARG A 50 4.18 -41.22 -7.44
C ARG A 50 3.28 -42.27 -8.07
N ASP A 51 2.03 -41.90 -8.35
CA ASP A 51 1.10 -42.80 -9.01
C ASP A 51 1.63 -43.16 -10.39
N VAL A 52 2.09 -42.16 -11.13
CA VAL A 52 2.61 -42.36 -12.48
C VAL A 52 3.79 -43.33 -12.48
N MET A 53 4.72 -43.15 -11.56
CA MET A 53 5.90 -44.00 -11.53
C MET A 53 5.55 -45.42 -11.14
N LYS A 54 4.54 -45.59 -10.29
CA LYS A 54 4.09 -46.93 -9.91
C LYS A 54 3.55 -47.73 -11.09
N GLU A 55 2.89 -47.06 -12.03
CA GLU A 55 2.27 -47.76 -13.16
C GLU A 55 3.18 -47.80 -14.39
N MET A 56 3.98 -46.75 -14.58
CA MET A 56 4.73 -46.56 -15.82
C MET A 56 6.25 -46.60 -15.63
N GLY A 57 6.71 -46.65 -14.38
CA GLY A 57 8.12 -46.54 -14.08
C GLY A 57 8.97 -47.73 -14.49
N GLY A 58 8.32 -48.79 -14.97
CA GLY A 58 9.02 -50.02 -15.32
C GLY A 58 9.78 -49.98 -16.64
N HIS A 59 9.57 -48.92 -17.42
CA HIS A 59 10.22 -48.80 -18.73
C HIS A 59 10.26 -47.34 -19.18
N HIS A 60 11.17 -47.06 -20.11
CA HIS A 60 11.35 -45.73 -20.69
C HIS A 60 10.04 -44.97 -20.89
N ILE A 61 9.91 -43.82 -20.22
CA ILE A 61 8.74 -42.98 -20.31
C ILE A 61 8.93 -41.85 -21.31
N VAL A 62 8.00 -41.71 -22.24
CA VAL A 62 7.92 -40.52 -23.09
C VAL A 62 6.78 -39.65 -22.58
N ALA A 63 7.11 -38.48 -22.03
CA ALA A 63 6.09 -37.56 -21.54
C ALA A 63 5.73 -36.58 -22.64
N LEU A 64 4.46 -36.55 -23.01
CA LEU A 64 4.00 -35.79 -24.16
C LEU A 64 3.16 -34.59 -23.70
N CYS A 65 3.72 -33.40 -23.87
CA CYS A 65 3.08 -32.17 -23.44
C CYS A 65 2.07 -31.68 -24.47
N VAL A 66 0.84 -31.44 -24.03
CA VAL A 66 -0.18 -30.88 -24.91
C VAL A 66 -0.22 -29.36 -24.74
N LEU A 67 0.38 -28.65 -25.69
CA LEU A 67 0.45 -27.19 -25.68
C LEU A 67 -0.90 -26.58 -26.05
N LYS A 68 -1.18 -25.34 -25.60
CA LYS A 68 -0.32 -24.56 -24.71
C LYS A 68 -0.63 -24.84 -23.26
N GLY A 69 -1.92 -25.04 -22.99
CA GLY A 69 -2.43 -25.06 -21.63
C GLY A 69 -1.85 -26.09 -20.70
N GLY A 70 -1.31 -27.18 -21.25
CA GLY A 70 -0.74 -28.23 -20.43
C GLY A 70 0.71 -28.00 -20.00
N TYR A 71 1.32 -26.90 -20.43
CA TYR A 71 2.77 -26.73 -20.26
C TYR A 71 3.17 -26.62 -18.78
N LYS A 72 2.39 -25.95 -17.94
CA LYS A 72 2.78 -25.83 -16.53
C LYS A 72 2.59 -27.15 -15.76
N PHE A 73 1.44 -27.80 -15.95
CA PHE A 73 1.21 -29.10 -15.33
C PHE A 73 2.29 -30.08 -15.77
N PHE A 74 2.63 -30.01 -17.06
CA PHE A 74 3.67 -30.86 -17.62
C PHE A 74 5.01 -30.63 -16.93
N ALA A 75 5.42 -29.37 -16.82
CA ALA A 75 6.71 -29.05 -16.24
C ALA A 75 6.80 -29.50 -14.78
N ASP A 76 5.73 -29.26 -14.02
CA ASP A 76 5.71 -29.58 -12.60
C ASP A 76 5.61 -31.08 -12.35
N LEU A 77 4.72 -31.74 -13.09
CA LEU A 77 4.58 -33.18 -12.96
C LEU A 77 5.91 -33.87 -13.28
N LEU A 78 6.57 -33.42 -14.34
CA LEU A 78 7.87 -34.00 -14.72
C LEU A 78 8.94 -33.76 -13.68
N ASP A 79 8.93 -32.59 -13.08
CA ASP A 79 9.92 -32.27 -12.05
C ASP A 79 9.75 -33.19 -10.85
N TYR A 80 8.51 -33.50 -10.49
CA TYR A 80 8.28 -34.42 -9.37
C TYR A 80 8.67 -35.84 -9.75
N ILE A 81 8.37 -36.25 -10.97
CA ILE A 81 8.76 -37.58 -11.43
C ILE A 81 10.28 -37.68 -11.53
N LYS A 82 10.92 -36.61 -11.98
CA LYS A 82 12.38 -36.56 -12.05
C LYS A 82 12.98 -36.68 -10.65
N ALA A 83 12.33 -36.05 -9.67
CA ALA A 83 12.82 -36.08 -8.29
C ALA A 83 12.77 -37.49 -7.72
N LEU A 84 11.69 -38.22 -8.02
CA LEU A 84 11.59 -39.61 -7.61
C LEU A 84 12.69 -40.43 -8.28
N ASN A 85 12.87 -40.21 -9.58
CA ASN A 85 13.74 -41.03 -10.40
C ASN A 85 15.23 -40.92 -10.00
N ARG A 86 15.64 -39.75 -9.52
CA ARG A 86 17.05 -39.55 -9.16
C ARG A 86 17.30 -39.89 -7.68
N ASN A 87 16.24 -40.29 -6.97
CA ASN A 87 16.37 -40.77 -5.60
C ASN A 87 15.89 -42.22 -5.44
N SER A 88 15.84 -42.95 -6.55
CA SER A 88 15.46 -44.36 -6.55
C SER A 88 16.66 -45.24 -6.83
N ASP A 89 16.67 -46.43 -6.24
CA ASP A 89 17.74 -47.40 -6.48
C ASP A 89 17.82 -47.73 -7.97
N ARG A 90 16.67 -47.90 -8.60
CA ARG A 90 16.57 -48.17 -10.02
C ARG A 90 15.85 -47.03 -10.73
N SER A 91 16.44 -46.55 -11.82
CA SER A 91 15.89 -45.45 -12.60
C SER A 91 15.64 -45.87 -14.04
N ILE A 92 14.83 -45.07 -14.74
CA ILE A 92 14.55 -45.29 -16.15
C ILE A 92 14.79 -44.01 -16.93
N PRO A 93 15.13 -44.14 -18.23
CA PRO A 93 15.20 -42.94 -19.06
C PRO A 93 13.84 -42.24 -19.14
N MET A 94 13.87 -40.93 -19.31
CA MET A 94 12.67 -40.15 -19.60
C MET A 94 12.98 -39.15 -20.70
N THR A 95 12.12 -39.12 -21.70
CA THR A 95 12.27 -38.17 -22.79
C THR A 95 10.96 -37.41 -22.92
N VAL A 96 10.99 -36.29 -23.64
CA VAL A 96 9.82 -35.45 -23.78
C VAL A 96 9.53 -35.11 -25.23
N ASP A 97 8.28 -34.76 -25.49
CA ASP A 97 7.90 -34.19 -26.76
C ASP A 97 6.69 -33.30 -26.57
N PHE A 98 6.39 -32.51 -27.59
CA PHE A 98 5.40 -31.45 -27.51
C PHE A 98 4.49 -31.49 -28.72
N ILE A 99 3.19 -31.41 -28.47
CA ILE A 99 2.18 -31.37 -29.51
C ILE A 99 1.15 -30.29 -29.23
N ARG A 100 0.57 -29.77 -30.29
CA ARG A 100 -0.50 -28.78 -30.22
C ARG A 100 -1.48 -29.05 -31.35
N LEU A 101 -2.78 -28.91 -31.05
CA LEU A 101 -3.82 -29.07 -32.08
C LEU A 101 -4.25 -27.71 -32.64
N VAL A 115 -2.52 -31.27 -36.18
CA VAL A 115 -1.55 -31.68 -35.16
C VAL A 115 -0.18 -31.07 -35.44
N ILE A 116 0.16 -30.02 -34.68
CA ILE A 116 1.47 -29.40 -34.79
C ILE A 116 2.44 -30.13 -33.88
N GLY A 117 3.65 -30.36 -34.38
CA GLY A 117 4.68 -31.05 -33.63
C GLY A 117 4.54 -32.56 -33.73
N GLY A 118 3.64 -33.01 -34.60
CA GLY A 118 3.48 -34.43 -34.86
C GLY A 118 4.48 -34.90 -35.90
N ASP A 119 5.71 -34.42 -35.77
CA ASP A 119 6.80 -34.77 -36.70
C ASP A 119 7.92 -35.45 -35.92
N ASP A 120 8.16 -36.72 -36.28
CA ASP A 120 9.13 -37.58 -35.62
C ASP A 120 8.65 -37.92 -34.21
N LEU A 121 7.43 -38.47 -34.15
CA LEU A 121 6.94 -39.16 -32.97
C LEU A 121 7.32 -40.63 -33.05
N SER A 122 8.19 -40.97 -34.00
CA SER A 122 8.54 -42.36 -34.27
C SER A 122 9.27 -43.01 -33.08
N THR A 123 9.78 -42.20 -32.17
CA THR A 123 10.44 -42.70 -30.98
C THR A 123 9.45 -42.92 -29.83
N LEU A 124 8.16 -42.81 -30.11
CA LEU A 124 7.13 -43.23 -29.16
C LEU A 124 7.02 -44.76 -29.15
N THR A 125 7.45 -45.39 -30.24
CA THR A 125 7.32 -46.82 -30.41
C THR A 125 8.05 -47.60 -29.30
N GLY A 126 7.32 -48.53 -28.69
CA GLY A 126 7.90 -49.39 -27.67
C GLY A 126 8.14 -48.72 -26.32
N LYS A 127 7.68 -47.47 -26.17
CA LYS A 127 7.89 -46.72 -24.93
C LYS A 127 6.60 -46.59 -24.14
N ASN A 128 6.73 -46.22 -22.86
CA ASN A 128 5.58 -45.89 -22.02
C ASN A 128 5.24 -44.42 -22.18
N VAL A 129 4.17 -44.14 -22.92
CA VAL A 129 3.86 -42.77 -23.29
C VAL A 129 2.82 -42.15 -22.35
N LEU A 130 3.17 -40.99 -21.81
CA LEU A 130 2.30 -40.25 -20.91
C LEU A 130 1.85 -38.97 -21.60
N ILE A 131 0.57 -38.91 -21.96
CA ILE A 131 -0.03 -37.70 -22.50
C ILE A 131 -0.43 -36.79 -21.34
N VAL A 132 0.04 -35.55 -21.34
CA VAL A 132 -0.26 -34.60 -20.25
C VAL A 132 -1.13 -33.45 -20.74
N GLU A 133 -2.36 -33.38 -20.22
CA GLU A 133 -3.33 -32.37 -20.62
C GLU A 133 -3.67 -31.44 -19.46
N ASP A 134 -4.16 -30.25 -19.79
CA ASP A 134 -4.60 -29.31 -18.76
C ASP A 134 -6.03 -29.60 -18.31
N ILE A 135 -6.91 -29.88 -19.26
CA ILE A 135 -8.30 -30.11 -18.92
C ILE A 135 -9.01 -31.00 -19.93
N ILE A 136 -9.82 -31.89 -19.38
CA ILE A 136 -10.68 -32.75 -20.18
C ILE A 136 -12.11 -32.26 -19.98
N ASP A 137 -12.73 -31.85 -21.09
CA ASP A 137 -14.08 -31.34 -21.09
C ASP A 137 -14.90 -32.22 -22.02
N THR A 138 -14.80 -32.00 -23.34
CA THR A 138 -15.51 -32.84 -24.28
C THR A 138 -14.84 -34.20 -24.41
N GLY A 139 -13.55 -34.24 -24.16
CA GLY A 139 -12.77 -35.46 -24.35
C GLY A 139 -12.30 -35.62 -25.78
N LYS A 140 -12.65 -34.67 -26.64
CA LYS A 140 -12.30 -34.74 -28.06
C LYS A 140 -10.80 -34.61 -28.29
N THR A 141 -10.14 -33.79 -27.48
CA THR A 141 -8.69 -33.61 -27.56
C THR A 141 -7.97 -34.90 -27.16
N MET A 142 -8.35 -35.45 -26.01
CA MET A 142 -7.80 -36.73 -25.53
C MET A 142 -8.02 -37.83 -26.57
N GLN A 143 -9.22 -37.87 -27.14
CA GLN A 143 -9.58 -38.86 -28.14
C GLN A 143 -8.70 -38.74 -29.39
N THR A 144 -8.51 -37.50 -29.84
CA THR A 144 -7.68 -37.24 -31.01
C THR A 144 -6.24 -37.69 -30.77
N LEU A 145 -5.70 -37.39 -29.60
CA LEU A 145 -4.30 -37.68 -29.32
C LEU A 145 -4.07 -39.17 -29.08
N LEU A 146 -5.01 -39.84 -28.41
CA LEU A 146 -4.91 -41.28 -28.25
C LEU A 146 -4.89 -41.98 -29.61
N SER A 147 -5.76 -41.53 -30.50
CA SER A 147 -5.83 -42.07 -31.86
C SER A 147 -4.49 -41.96 -32.57
N LEU A 148 -3.81 -40.85 -32.37
CA LEU A 148 -2.55 -40.58 -33.05
C LEU A 148 -1.41 -41.37 -32.41
N VAL A 149 -1.32 -41.31 -31.09
CA VAL A 149 -0.24 -41.96 -30.35
C VAL A 149 -0.26 -43.48 -30.52
N ARG A 150 -1.46 -44.06 -30.49
CA ARG A 150 -1.60 -45.51 -30.61
C ARG A 150 -1.07 -46.04 -31.95
N GLN A 151 -1.10 -45.20 -32.99
CA GLN A 151 -0.63 -45.61 -34.30
C GLN A 151 0.89 -45.79 -34.34
N TYR A 152 1.58 -45.18 -33.38
CA TYR A 152 3.03 -45.33 -33.26
C TYR A 152 3.37 -46.57 -32.43
N ASN A 153 2.34 -47.34 -32.07
CA ASN A 153 2.48 -48.58 -31.32
C ASN A 153 3.45 -48.47 -30.15
N PRO A 154 3.07 -47.69 -29.13
CA PRO A 154 3.83 -47.57 -27.89
C PRO A 154 3.66 -48.81 -27.02
N LYS A 155 4.51 -49.00 -26.02
CA LYS A 155 4.34 -50.11 -25.10
C LYS A 155 3.04 -49.92 -24.30
N MET A 156 2.80 -48.68 -23.90
CA MET A 156 1.54 -48.31 -23.26
C MET A 156 1.25 -46.83 -23.49
N VAL A 157 -0.01 -46.45 -23.30
CA VAL A 157 -0.41 -45.05 -23.35
C VAL A 157 -1.26 -44.74 -22.14
N LYS A 158 -0.90 -43.69 -21.41
CA LYS A 158 -1.69 -43.21 -20.29
C LYS A 158 -1.95 -41.72 -20.47
N VAL A 159 -3.01 -41.22 -19.82
CA VAL A 159 -3.36 -39.82 -19.87
C VAL A 159 -3.43 -39.25 -18.47
N ALA A 160 -2.70 -38.16 -18.25
CA ALA A 160 -2.78 -37.38 -17.04
C ALA A 160 -3.39 -36.04 -17.40
N SER A 161 -4.42 -35.64 -16.65
CA SER A 161 -5.05 -34.36 -16.85
C SER A 161 -5.17 -33.66 -15.51
N LEU A 162 -4.73 -32.41 -15.46
CA LEU A 162 -4.84 -31.62 -14.24
C LEU A 162 -6.29 -31.56 -13.81
N LEU A 163 -7.16 -31.22 -14.76
CA LEU A 163 -8.57 -31.00 -14.50
C LEU A 163 -9.46 -31.89 -15.35
N VAL A 164 -10.54 -32.37 -14.74
CA VAL A 164 -11.62 -33.03 -15.46
C VAL A 164 -12.93 -32.33 -15.09
N LYS A 165 -13.67 -31.87 -16.09
CA LYS A 165 -14.94 -31.20 -15.85
C LYS A 165 -16.10 -32.18 -15.78
N ARG A 166 -17.04 -31.92 -14.89
CA ARG A 166 -18.28 -32.69 -14.85
C ARG A 166 -19.21 -32.15 -15.93
N THR A 167 -19.04 -32.68 -17.13
CA THR A 167 -19.83 -32.27 -18.29
C THR A 167 -20.27 -33.52 -19.06
N PRO A 168 -21.46 -33.47 -19.69
CA PRO A 168 -22.09 -34.66 -20.27
C PRO A 168 -21.23 -35.31 -21.34
N ARG A 169 -20.48 -34.47 -22.04
CA ARG A 169 -19.63 -34.88 -23.15
C ARG A 169 -18.90 -36.21 -23.02
N SER A 170 -18.14 -36.38 -21.93
CA SER A 170 -17.33 -37.58 -21.77
C SER A 170 -18.21 -38.75 -21.37
N LYS A 174 -11.53 -42.72 -20.29
CA LYS A 174 -11.35 -41.90 -19.10
C LYS A 174 -9.87 -41.74 -18.74
N PRO A 175 -9.46 -40.54 -18.26
CA PRO A 175 -8.06 -40.30 -17.94
C PRO A 175 -7.54 -41.20 -16.81
N ASP A 176 -6.27 -41.59 -16.89
CA ASP A 176 -5.68 -42.51 -15.92
C ASP A 176 -5.27 -41.78 -14.64
N PHE A 177 -4.84 -40.54 -14.82
CA PHE A 177 -4.42 -39.70 -13.70
C PHE A 177 -5.19 -38.37 -13.76
N VAL A 178 -5.80 -38.00 -12.64
CA VAL A 178 -6.63 -36.81 -12.56
C VAL A 178 -6.26 -35.99 -11.34
N GLY A 179 -5.93 -34.72 -11.55
CA GLY A 179 -5.65 -33.82 -10.45
C GLY A 179 -6.92 -33.49 -9.70
N PHE A 180 -7.83 -32.78 -10.38
CA PHE A 180 -9.07 -32.30 -9.76
C PHE A 180 -10.26 -32.51 -10.68
N GLU A 181 -11.39 -32.88 -10.10
CA GLU A 181 -12.65 -32.92 -10.83
C GLU A 181 -13.46 -31.68 -10.45
N ILE A 182 -13.77 -30.85 -11.44
CA ILE A 182 -14.35 -29.54 -11.18
C ILE A 182 -15.73 -29.40 -11.80
N PRO A 183 -16.52 -28.44 -11.29
CA PRO A 183 -17.84 -28.17 -11.87
C PRO A 183 -17.76 -27.63 -13.28
N ASP A 184 -18.93 -27.50 -13.90
CA ASP A 184 -19.03 -26.96 -15.26
C ASP A 184 -18.98 -25.43 -15.21
N LYS A 185 -17.84 -24.88 -14.79
CA LYS A 185 -17.63 -23.44 -14.80
C LYS A 185 -16.29 -23.10 -15.42
N PHE A 186 -16.16 -21.87 -15.93
CA PHE A 186 -14.97 -21.52 -16.69
C PHE A 186 -13.84 -21.07 -15.78
N VAL A 187 -12.71 -21.75 -15.87
CA VAL A 187 -11.55 -21.48 -15.03
C VAL A 187 -10.36 -21.04 -15.87
N VAL A 188 -9.47 -20.26 -15.27
CA VAL A 188 -8.25 -19.79 -15.91
C VAL A 188 -7.09 -19.91 -14.95
N GLY A 189 -5.87 -19.73 -15.46
CA GLY A 189 -4.69 -19.73 -14.62
C GLY A 189 -3.93 -21.04 -14.70
N TYR A 190 -2.71 -21.03 -14.17
CA TYR A 190 -1.83 -22.18 -14.26
C TYR A 190 -1.75 -22.66 -15.71
N ALA A 191 -1.57 -21.68 -16.60
CA ALA A 191 -1.40 -21.85 -18.05
C ALA A 191 -2.72 -22.01 -18.81
N LEU A 192 -3.83 -22.15 -18.10
CA LEU A 192 -5.15 -22.15 -18.74
C LEU A 192 -5.54 -20.72 -19.07
N ASP A 193 -6.04 -20.49 -20.29
CA ASP A 193 -6.25 -19.14 -20.77
C ASP A 193 -7.70 -18.73 -20.96
N TYR A 194 -7.90 -17.43 -21.13
CA TYR A 194 -9.09 -16.88 -21.73
C TYR A 194 -8.64 -15.90 -22.81
N ASN A 195 -8.79 -16.32 -24.06
CA ASN A 195 -8.25 -15.58 -25.20
C ASN A 195 -6.79 -15.21 -24.98
N GLU A 196 -6.03 -16.23 -24.57
CA GLU A 196 -4.58 -16.18 -24.39
C GLU A 196 -4.12 -15.46 -23.13
N TYR A 197 -5.04 -14.81 -22.42
CA TYR A 197 -4.70 -14.16 -21.16
C TYR A 197 -4.88 -15.10 -19.96
N PHE A 198 -4.36 -14.68 -18.81
CA PHE A 198 -4.45 -15.42 -17.54
C PHE A 198 -3.55 -16.65 -17.47
N ARG A 199 -2.78 -16.95 -18.51
CA ARG A 199 -1.85 -18.08 -18.43
C ARG A 199 -0.74 -17.77 -17.41
N ASP A 200 -0.42 -16.49 -17.25
CA ASP A 200 0.64 -16.04 -16.36
C ASP A 200 0.15 -15.88 -14.92
N LEU A 201 -0.45 -16.93 -14.42
CA LEU A 201 -1.12 -16.94 -13.12
C LEU A 201 -0.81 -18.28 -12.50
N ASN A 202 -0.37 -18.31 -11.25
CA ASN A 202 0.04 -19.58 -10.65
C ASN A 202 -1.17 -20.34 -10.11
N HIS A 203 -2.22 -19.61 -9.74
CA HIS A 203 -3.45 -20.22 -9.25
C HIS A 203 -4.42 -20.53 -10.38
N VAL A 204 -5.32 -21.49 -10.15
CA VAL A 204 -6.50 -21.64 -11.00
C VAL A 204 -7.62 -20.78 -10.39
N CYS A 205 -8.23 -19.94 -11.22
CA CYS A 205 -9.17 -18.92 -10.75
C CYS A 205 -10.42 -18.83 -11.59
N VAL A 206 -11.45 -18.23 -10.99
CA VAL A 206 -12.70 -17.92 -11.67
C VAL A 206 -12.70 -16.48 -12.15
N ILE A 207 -13.06 -16.29 -13.42
CA ILE A 207 -12.98 -14.99 -14.06
C ILE A 207 -14.25 -14.18 -13.82
N SER A 208 -14.10 -12.88 -13.57
CA SER A 208 -15.24 -12.03 -13.23
C SER A 208 -15.96 -11.55 -14.48
N GLU A 209 -17.01 -10.75 -14.26
CA GLU A 209 -17.79 -10.18 -15.35
C GLU A 209 -16.93 -9.25 -16.19
N THR A 210 -16.25 -8.33 -15.51
CA THR A 210 -15.40 -7.35 -16.19
C THR A 210 -14.33 -8.09 -16.96
N GLY A 211 -13.81 -9.16 -16.38
CA GLY A 211 -12.78 -9.96 -17.00
C GLY A 211 -13.23 -10.58 -18.30
N LYS A 212 -14.35 -11.26 -18.28
CA LYS A 212 -14.86 -11.91 -19.48
C LYS A 212 -15.17 -10.89 -20.58
N ALA A 213 -15.55 -9.69 -20.17
CA ALA A 213 -15.90 -8.63 -21.13
C ALA A 213 -14.65 -7.91 -21.62
N LYS A 214 -13.69 -7.72 -20.72
CA LYS A 214 -12.47 -6.99 -21.04
C LYS A 214 -11.59 -7.76 -22.03
N TYR A 215 -11.60 -9.08 -21.93
CA TYR A 215 -10.73 -9.92 -22.76
C TYR A 215 -11.52 -10.69 -23.83
N LYS A 216 -12.79 -10.33 -24.00
CA LYS A 216 -13.62 -10.97 -25.01
C LYS A 216 -13.04 -10.73 -26.40
N ALA A 217 -13.26 -11.69 -27.30
CA ALA A 217 -12.73 -11.59 -28.66
C ALA A 217 -13.34 -10.40 -29.41
N SER B 4 -6.63 -8.35 9.14
CA SER B 4 -7.25 -9.47 8.44
C SER B 4 -7.35 -10.69 9.36
N PRO B 5 -8.47 -11.44 9.27
CA PRO B 5 -8.61 -12.66 10.08
C PRO B 5 -7.92 -13.86 9.46
N GLY B 6 -7.40 -13.70 8.25
CA GLY B 6 -6.76 -14.79 7.53
C GLY B 6 -7.77 -15.61 6.76
N VAL B 7 -7.31 -16.71 6.16
CA VAL B 7 -8.19 -17.58 5.39
C VAL B 7 -9.15 -18.29 6.34
N VAL B 8 -10.43 -17.98 6.18
CA VAL B 8 -11.46 -18.56 7.03
C VAL B 8 -11.78 -19.97 6.59
N ILE B 9 -11.40 -20.94 7.40
CA ILE B 9 -11.78 -22.32 7.18
C ILE B 9 -13.04 -22.61 7.98
N SER B 10 -14.16 -22.78 7.28
CA SER B 10 -15.47 -22.90 7.92
C SER B 10 -15.56 -24.10 8.84
N ASP B 11 -16.51 -24.05 9.78
CA ASP B 11 -16.67 -25.10 10.78
C ASP B 11 -16.97 -26.46 10.16
N ASP B 12 -17.64 -26.46 9.02
CA ASP B 12 -18.04 -27.70 8.36
C ASP B 12 -17.09 -28.10 7.23
N GLU B 13 -15.89 -27.52 7.24
CA GLU B 13 -14.87 -27.89 6.27
C GLU B 13 -14.64 -29.41 6.31
N PRO B 14 -14.83 -30.10 5.18
CA PRO B 14 -14.63 -31.56 5.17
C PRO B 14 -13.18 -31.99 5.11
N GLY B 15 -12.28 -31.11 4.67
CA GLY B 15 -10.89 -31.48 4.47
C GLY B 15 -10.78 -32.38 3.24
N TYR B 16 -9.64 -33.05 3.10
CA TYR B 16 -9.37 -33.87 1.91
C TYR B 16 -9.01 -35.31 2.26
N ASP B 17 -9.37 -36.22 1.36
CA ASP B 17 -9.01 -37.62 1.48
C ASP B 17 -7.49 -37.78 1.54
N LEU B 18 -7.01 -38.53 2.54
CA LEU B 18 -5.58 -38.79 2.71
C LEU B 18 -4.95 -39.42 1.47
N ASP B 19 -5.71 -40.31 0.82
CA ASP B 19 -5.18 -41.09 -0.31
C ASP B 19 -4.96 -40.25 -1.57
N LEU B 20 -5.33 -38.98 -1.52
CA LEU B 20 -5.15 -38.08 -2.66
C LEU B 20 -3.88 -37.23 -2.53
N PHE B 21 -3.20 -37.38 -1.39
CA PHE B 21 -1.99 -36.62 -1.12
C PHE B 21 -0.83 -37.54 -0.74
N CYS B 22 0.36 -36.97 -0.68
CA CYS B 22 1.53 -37.71 -0.22
C CYS B 22 1.63 -37.56 1.30
N ILE B 23 1.64 -38.69 1.98
CA ILE B 23 1.66 -38.73 3.44
C ILE B 23 2.62 -39.81 3.93
N PRO B 24 3.27 -39.58 5.09
CA PRO B 24 4.02 -40.68 5.70
C PRO B 24 3.11 -41.84 6.04
N ASN B 25 3.36 -43.00 5.45
CA ASN B 25 2.43 -44.12 5.54
C ASN B 25 2.25 -44.64 6.98
N HIS B 26 3.18 -44.30 7.87
CA HIS B 26 3.07 -44.68 9.27
C HIS B 26 2.13 -43.74 10.05
N TYR B 27 1.47 -42.83 9.34
CA TYR B 27 0.47 -41.95 9.93
C TYR B 27 -0.92 -42.16 9.31
N ALA B 28 -1.01 -43.11 8.38
CA ALA B 28 -2.21 -43.30 7.56
C ALA B 28 -3.49 -43.50 8.38
N GLU B 29 -3.41 -44.33 9.42
CA GLU B 29 -4.58 -44.62 10.25
C GLU B 29 -4.70 -43.67 11.44
N ASP B 30 -3.71 -42.79 11.61
CA ASP B 30 -3.68 -41.88 12.74
C ASP B 30 -4.30 -40.52 12.41
N LEU B 31 -4.64 -40.34 11.15
CA LEU B 31 -5.21 -39.09 10.66
C LEU B 31 -6.58 -39.34 10.03
N GLU B 32 -7.45 -38.33 10.12
CA GLU B 32 -8.79 -38.42 9.54
C GLU B 32 -8.80 -37.86 8.13
N ARG B 33 -8.37 -36.61 8.00
CA ARG B 33 -8.40 -35.90 6.72
C ARG B 33 -7.21 -34.94 6.66
N VAL B 34 -6.72 -34.65 5.46
CA VAL B 34 -5.87 -33.50 5.27
C VAL B 34 -6.74 -32.26 5.47
N PHE B 35 -6.32 -31.34 6.33
CA PHE B 35 -7.14 -30.18 6.66
C PHE B 35 -6.68 -28.94 5.92
N ILE B 36 -5.38 -28.65 6.02
CA ILE B 36 -4.79 -27.56 5.25
C ILE B 36 -3.58 -28.10 4.50
N PRO B 37 -3.72 -28.28 3.17
CA PRO B 37 -2.59 -28.81 2.39
C PRO B 37 -1.35 -27.92 2.51
N HIS B 38 -0.19 -28.55 2.56
CA HIS B 38 1.08 -27.86 2.72
C HIS B 38 1.21 -26.70 1.75
N GLY B 39 0.84 -26.95 0.49
CA GLY B 39 0.95 -25.93 -0.53
C GLY B 39 0.07 -24.71 -0.28
N LEU B 40 -1.10 -24.93 0.30
CA LEU B 40 -2.00 -23.84 0.63
C LEU B 40 -1.34 -22.95 1.69
N ILE B 41 -0.60 -23.59 2.60
CA ILE B 41 0.10 -22.85 3.64
C ILE B 41 1.15 -21.97 2.99
N MET B 42 1.88 -22.51 2.03
CA MET B 42 2.89 -21.74 1.30
C MET B 42 2.26 -20.53 0.62
N ASP B 43 1.14 -20.73 -0.08
CA ASP B 43 0.51 -19.62 -0.80
C ASP B 43 0.10 -18.51 0.16
N ARG B 44 -0.46 -18.90 1.29
CA ARG B 44 -0.93 -17.91 2.25
C ARG B 44 0.26 -17.20 2.89
N THR B 45 1.31 -17.98 3.18
CA THR B 45 2.52 -17.46 3.80
C THR B 45 3.27 -16.49 2.88
N GLU B 46 3.21 -16.73 1.57
CA GLU B 46 3.73 -15.78 0.58
C GLU B 46 3.07 -14.40 0.75
N ARG B 47 1.74 -14.37 0.82
CA ARG B 47 1.02 -13.11 0.94
C ARG B 47 1.34 -12.45 2.28
N LEU B 48 1.36 -13.26 3.34
CA LEU B 48 1.62 -12.77 4.69
C LEU B 48 2.97 -12.08 4.77
N ALA B 49 3.97 -12.66 4.09
CA ALA B 49 5.31 -12.09 4.06
C ALA B 49 5.24 -10.66 3.55
N ARG B 50 4.43 -10.44 2.52
CA ARG B 50 4.30 -9.10 1.95
C ARG B 50 3.57 -8.16 2.90
N ASP B 51 2.55 -8.69 3.59
CA ASP B 51 1.82 -7.90 4.59
C ASP B 51 2.75 -7.48 5.72
N VAL B 52 3.64 -8.39 6.13
CA VAL B 52 4.57 -8.09 7.21
C VAL B 52 5.55 -6.99 6.78
N MET B 53 6.10 -7.10 5.58
CA MET B 53 7.01 -6.09 5.06
C MET B 53 6.31 -4.74 4.92
N LYS B 54 5.03 -4.78 4.57
CA LYS B 54 4.23 -3.56 4.46
C LYS B 54 4.14 -2.84 5.80
N GLU B 55 3.88 -3.60 6.86
CA GLU B 55 3.63 -3.02 8.18
C GLU B 55 4.89 -2.82 9.00
N MET B 56 5.84 -3.74 8.88
CA MET B 56 7.02 -3.77 9.76
C MET B 56 8.32 -3.42 9.04
N GLY B 57 8.27 -3.33 7.73
CA GLY B 57 9.44 -2.90 6.96
C GLY B 57 9.78 -1.46 7.33
N GLY B 58 10.95 -1.01 6.92
CA GLY B 58 11.36 0.36 7.20
C GLY B 58 12.14 0.53 8.50
N HIS B 59 12.13 -0.51 9.33
CA HIS B 59 13.05 -0.55 10.47
C HIS B 59 13.41 -1.98 10.83
N HIS B 60 14.63 -2.16 11.34
CA HIS B 60 15.17 -3.45 11.72
C HIS B 60 14.15 -4.33 12.42
N ILE B 61 13.91 -5.51 11.84
CA ILE B 61 12.99 -6.48 12.41
C ILE B 61 13.72 -7.57 13.17
N VAL B 62 13.25 -7.86 14.38
CA VAL B 62 13.68 -9.03 15.12
C VAL B 62 12.55 -10.06 15.08
N ALA B 63 12.81 -11.18 14.41
CA ALA B 63 11.82 -12.25 14.28
C ALA B 63 12.02 -13.29 15.37
N LEU B 64 11.00 -13.43 16.22
CA LEU B 64 11.05 -14.39 17.34
C LEU B 64 10.32 -15.66 16.97
N CYS B 65 11.06 -16.77 16.91
CA CYS B 65 10.47 -18.07 16.66
C CYS B 65 10.03 -18.71 17.97
N VAL B 66 8.74 -19.02 18.09
CA VAL B 66 8.23 -19.70 19.27
C VAL B 66 8.29 -21.21 19.06
N LEU B 67 9.29 -21.84 19.68
CA LEU B 67 9.53 -23.27 19.54
C LEU B 67 8.54 -24.07 20.40
N LYS B 68 8.25 -25.32 20.04
CA LYS B 68 8.75 -25.98 18.84
C LYS B 68 7.86 -25.73 17.63
N GLY B 69 6.56 -25.66 17.89
CA GLY B 69 5.57 -25.71 16.84
C GLY B 69 5.61 -24.59 15.83
N GLY B 70 6.28 -23.49 16.17
CA GLY B 70 6.36 -22.35 15.28
C GLY B 70 7.47 -22.42 14.23
N TYR B 71 8.28 -23.47 14.28
CA TYR B 71 9.56 -23.45 13.56
C TYR B 71 9.38 -23.56 12.04
N LYS B 72 8.40 -24.34 11.58
CA LYS B 72 8.16 -24.43 10.15
C LYS B 72 7.62 -23.13 9.59
N PHE B 73 6.56 -22.63 10.21
CA PHE B 73 5.93 -21.39 9.78
C PHE B 73 6.95 -20.26 9.78
N PHE B 74 7.79 -20.25 10.81
CA PHE B 74 8.85 -19.28 10.95
C PHE B 74 9.83 -19.36 9.80
N ALA B 75 10.36 -20.55 9.55
CA ALA B 75 11.35 -20.75 8.50
C ALA B 75 10.79 -20.31 7.15
N ASP B 76 9.58 -20.76 6.85
CA ASP B 76 8.96 -20.47 5.56
C ASP B 76 8.56 -19.01 5.42
N LEU B 77 7.99 -18.43 6.47
CA LEU B 77 7.65 -17.01 6.44
C LEU B 77 8.89 -16.18 6.16
N LEU B 78 9.98 -16.45 6.86
CA LEU B 78 11.21 -15.69 6.69
C LEU B 78 11.81 -15.88 5.30
N ASP B 79 11.67 -17.07 4.74
CA ASP B 79 12.16 -17.32 3.38
C ASP B 79 11.41 -16.49 2.35
N TYR B 80 10.09 -16.34 2.53
CA TYR B 80 9.31 -15.52 1.62
C TYR B 80 9.64 -14.04 1.80
N ILE B 81 9.85 -13.63 3.05
CA ILE B 81 10.32 -12.27 3.35
C ILE B 81 11.69 -12.02 2.71
N LYS B 82 12.58 -13.00 2.80
CA LYS B 82 13.90 -12.90 2.20
C LYS B 82 13.78 -12.80 0.68
N ALA B 83 12.82 -13.54 0.12
CA ALA B 83 12.58 -13.52 -1.31
C ALA B 83 12.16 -12.12 -1.77
N LEU B 84 11.24 -11.51 -1.04
CA LEU B 84 10.84 -10.14 -1.33
C LEU B 84 12.02 -9.18 -1.27
N ASN B 85 12.80 -9.32 -0.21
CA ASN B 85 13.82 -8.33 0.10
C ASN B 85 15.01 -8.34 -0.86
N ARG B 86 15.22 -9.46 -1.55
CA ARG B 86 16.30 -9.54 -2.54
C ARG B 86 15.78 -9.32 -3.98
N ASN B 87 14.47 -9.19 -4.12
CA ASN B 87 13.85 -8.93 -5.43
C ASN B 87 13.09 -7.61 -5.48
N SER B 88 13.14 -6.86 -4.39
CA SER B 88 12.45 -5.58 -4.28
C SER B 88 13.42 -4.46 -3.97
N ASP B 89 12.94 -3.23 -4.08
CA ASP B 89 13.73 -2.06 -3.71
C ASP B 89 13.60 -1.80 -2.21
N ARG B 90 12.44 -2.15 -1.66
CA ARG B 90 12.21 -1.99 -0.22
C ARG B 90 12.75 -3.23 0.51
N SER B 91 13.57 -2.97 1.53
CA SER B 91 14.25 -4.03 2.25
C SER B 91 14.84 -3.48 3.55
N ILE B 92 14.89 -4.32 4.57
CA ILE B 92 15.51 -3.94 5.83
C ILE B 92 16.19 -5.14 6.48
N PRO B 93 17.24 -4.88 7.28
CA PRO B 93 17.88 -5.98 8.01
C PRO B 93 16.89 -6.69 8.93
N MET B 94 17.11 -7.99 9.10
CA MET B 94 16.27 -8.81 9.95
C MET B 94 17.17 -9.76 10.72
N THR B 95 17.03 -9.75 12.05
CA THR B 95 17.72 -10.72 12.91
C THR B 95 16.68 -11.66 13.50
N VAL B 96 17.15 -12.77 14.05
CA VAL B 96 16.25 -13.82 14.53
C VAL B 96 16.61 -14.25 15.93
N ASP B 97 15.64 -14.83 16.62
CA ASP B 97 15.89 -15.42 17.92
C ASP B 97 14.87 -16.52 18.17
N PHE B 98 15.19 -17.42 19.09
CA PHE B 98 14.36 -18.59 19.35
C PHE B 98 14.07 -18.68 20.84
N ILE B 99 12.79 -18.85 21.17
CA ILE B 99 12.36 -19.05 22.54
C ILE B 99 11.44 -20.24 22.63
N ARG B 100 11.47 -20.91 23.78
CA ARG B 100 10.54 -21.98 24.09
C ARG B 100 9.97 -21.75 25.47
N LEU B 101 8.66 -21.93 25.60
CA LEU B 101 8.00 -21.81 26.89
C LEU B 101 8.18 -23.09 27.71
N LYS B 102 8.33 -22.93 29.02
CA LYS B 102 8.64 -24.04 29.91
C LYS B 102 7.58 -25.15 29.84
N SER B 103 8.06 -26.38 29.65
CA SER B 103 7.18 -27.54 29.59
C SER B 103 6.55 -27.84 30.94
N GLY B 111 5.82 -15.93 38.89
CA GLY B 111 5.73 -17.32 39.30
C GLY B 111 4.94 -18.17 38.31
N ASP B 112 5.28 -18.05 37.03
CA ASP B 112 4.50 -18.66 35.96
C ASP B 112 5.44 -19.32 34.93
N ILE B 113 5.23 -19.07 33.63
CA ILE B 113 5.95 -19.81 32.58
C ILE B 113 7.37 -19.30 32.41
N LYS B 114 8.33 -20.21 32.38
CA LYS B 114 9.70 -19.86 32.08
C LYS B 114 9.89 -19.76 30.56
N VAL B 115 10.55 -18.71 30.12
CA VAL B 115 10.86 -18.52 28.70
C VAL B 115 12.27 -19.01 28.42
N ILE B 116 12.37 -20.26 27.96
CA ILE B 116 13.65 -20.88 27.68
C ILE B 116 14.40 -20.14 26.58
N GLY B 117 15.68 -19.90 26.83
CA GLY B 117 16.56 -19.30 25.84
C GLY B 117 16.23 -17.86 25.53
N GLY B 118 16.63 -17.42 24.34
CA GLY B 118 16.47 -16.04 23.94
C GLY B 118 17.66 -15.21 24.40
N ASP B 119 18.10 -14.29 23.55
CA ASP B 119 19.22 -13.42 23.89
C ASP B 119 18.78 -12.44 24.97
N ASP B 120 19.65 -11.48 25.28
CA ASP B 120 19.32 -10.45 26.25
C ASP B 120 18.12 -9.66 25.73
N LEU B 121 17.18 -9.38 26.62
CA LEU B 121 15.94 -8.75 26.23
C LEU B 121 16.13 -7.30 25.78
N SER B 122 17.32 -6.76 26.02
CA SER B 122 17.64 -5.40 25.59
C SER B 122 17.85 -5.32 24.07
N THR B 123 18.05 -6.47 23.43
CA THR B 123 18.30 -6.53 22.00
C THR B 123 17.03 -6.24 21.18
N LEU B 124 15.88 -6.27 21.85
CA LEU B 124 14.60 -5.98 21.20
C LEU B 124 14.27 -4.49 21.28
N THR B 125 14.91 -3.79 22.20
CA THR B 125 14.67 -2.36 22.41
C THR B 125 14.92 -1.56 21.13
N GLY B 126 13.92 -0.79 20.71
CA GLY B 126 14.04 0.07 19.55
C GLY B 126 13.87 -0.66 18.22
N LYS B 127 13.46 -1.93 18.28
CA LYS B 127 13.31 -2.74 17.06
C LYS B 127 11.84 -3.07 16.81
N ASN B 128 11.51 -3.32 15.55
CA ASN B 128 10.22 -3.89 15.20
C ASN B 128 10.22 -5.38 15.48
N VAL B 129 9.49 -5.80 16.51
CA VAL B 129 9.52 -7.19 16.93
C VAL B 129 8.34 -7.99 16.38
N LEU B 130 8.66 -9.10 15.71
CA LEU B 130 7.66 -10.01 15.17
C LEU B 130 7.67 -11.33 15.94
N ILE B 131 6.60 -11.56 16.69
CA ILE B 131 6.41 -12.83 17.36
C ILE B 131 5.74 -13.80 16.39
N VAL B 132 6.32 -14.97 16.18
CA VAL B 132 5.79 -15.94 15.22
C VAL B 132 5.34 -17.21 15.93
N GLU B 133 4.03 -17.45 15.95
CA GLU B 133 3.44 -18.58 16.67
C GLU B 133 2.80 -19.58 15.71
N ASP B 134 2.57 -20.79 16.21
CA ASP B 134 1.87 -21.82 15.45
C ASP B 134 0.36 -21.66 15.55
N ILE B 135 -0.17 -21.55 16.76
CA ILE B 135 -1.61 -21.50 16.93
C ILE B 135 -2.06 -20.71 18.16
N ILE B 136 -3.11 -19.90 17.97
CA ILE B 136 -3.76 -19.20 19.06
C ILE B 136 -5.00 -19.96 19.47
N ASP B 137 -5.01 -20.44 20.72
CA ASP B 137 -6.16 -21.13 21.26
C ASP B 137 -6.74 -20.33 22.43
N THR B 138 -6.16 -20.46 23.61
CA THR B 138 -6.57 -19.64 24.75
C THR B 138 -6.01 -18.23 24.64
N GLY B 139 -4.95 -18.07 23.85
CA GLY B 139 -4.29 -16.78 23.72
C GLY B 139 -3.33 -16.46 24.86
N LYS B 140 -3.13 -17.42 25.76
CA LYS B 140 -2.26 -17.22 26.91
C LYS B 140 -0.78 -17.24 26.52
N THR B 141 -0.43 -18.08 25.57
CA THR B 141 0.94 -18.11 25.06
C THR B 141 1.29 -16.75 24.47
N MET B 142 0.41 -16.23 23.61
CA MET B 142 0.62 -14.93 22.97
C MET B 142 0.69 -13.80 24.00
N GLN B 143 -0.14 -13.88 25.03
CA GLN B 143 -0.20 -12.80 26.00
C GLN B 143 1.08 -12.73 26.83
N THR B 144 1.59 -13.88 27.26
CA THR B 144 2.83 -13.91 28.02
C THR B 144 3.99 -13.38 27.18
N LEU B 145 4.04 -13.77 25.92
CA LEU B 145 5.12 -13.31 25.04
C LEU B 145 5.01 -11.81 24.78
N LEU B 146 3.80 -11.30 24.63
CA LEU B 146 3.62 -9.85 24.44
C LEU B 146 4.12 -9.07 25.66
N SER B 147 3.82 -9.58 26.86
CA SER B 147 4.29 -8.94 28.08
C SER B 147 5.80 -9.01 28.22
N LEU B 148 6.35 -10.15 27.83
CA LEU B 148 7.78 -10.41 28.00
C LEU B 148 8.62 -9.56 27.04
N VAL B 149 8.01 -9.10 25.95
CA VAL B 149 8.69 -8.25 24.99
C VAL B 149 8.46 -6.78 25.28
N ARG B 150 7.21 -6.43 25.61
CA ARG B 150 6.82 -5.03 25.81
C ARG B 150 7.62 -4.35 26.92
N GLN B 151 8.03 -5.10 27.93
CA GLN B 151 8.74 -4.50 29.06
C GLN B 151 10.21 -4.24 28.73
N TYR B 152 10.54 -4.22 27.45
CA TYR B 152 11.86 -3.80 26.98
C TYR B 152 11.73 -2.83 25.82
N ASN B 153 10.56 -2.22 25.72
CA ASN B 153 10.30 -1.08 24.85
C ASN B 153 10.89 -1.20 23.44
N PRO B 154 10.31 -2.09 22.63
CA PRO B 154 10.63 -2.15 21.20
C PRO B 154 9.91 -1.01 20.49
N LYS B 155 10.26 -0.73 19.24
CA LYS B 155 9.57 0.30 18.48
C LYS B 155 8.14 -0.16 18.19
N MET B 156 7.97 -1.45 17.93
CA MET B 156 6.65 -2.05 17.80
C MET B 156 6.71 -3.55 18.11
N VAL B 157 5.57 -4.12 18.48
CA VAL B 157 5.42 -5.55 18.63
C VAL B 157 4.23 -6.02 17.82
N LYS B 158 4.46 -7.08 17.02
CA LYS B 158 3.42 -7.67 16.19
C LYS B 158 3.41 -9.18 16.36
N VAL B 159 2.24 -9.78 16.21
CA VAL B 159 2.10 -11.22 16.32
C VAL B 159 1.67 -11.83 14.98
N ALA B 160 2.47 -12.77 14.50
CA ALA B 160 2.08 -13.62 13.38
C ALA B 160 1.77 -15.01 13.90
N SER B 161 0.62 -15.55 13.52
CA SER B 161 0.24 -16.89 13.90
C SER B 161 -0.29 -17.67 12.70
N LEU B 162 0.19 -18.89 12.51
CA LEU B 162 -0.28 -19.71 11.40
C LEU B 162 -1.78 -19.94 11.51
N LEU B 163 -2.20 -20.34 12.70
CA LEU B 163 -3.59 -20.73 12.95
C LEU B 163 -4.18 -19.93 14.10
N VAL B 164 -5.48 -19.65 14.00
CA VAL B 164 -6.25 -19.11 15.10
C VAL B 164 -7.53 -19.92 15.20
N LYS B 165 -7.80 -20.48 16.37
CA LYS B 165 -9.01 -21.27 16.58
C LYS B 165 -10.19 -20.39 16.93
N ARG B 166 -11.34 -20.70 16.35
CA ARG B 166 -12.59 -20.06 16.75
C ARG B 166 -13.07 -20.70 18.04
N THR B 167 -12.64 -20.10 19.14
CA THR B 167 -12.88 -20.66 20.46
C THR B 167 -12.99 -19.48 21.44
N PRO B 168 -13.80 -19.63 22.50
CA PRO B 168 -13.92 -18.50 23.43
C PRO B 168 -12.56 -18.10 24.00
N ARG B 169 -12.33 -16.79 24.08
CA ARG B 169 -11.02 -16.28 24.47
C ARG B 169 -11.15 -15.03 25.35
N SER B 170 -10.51 -15.05 26.52
CA SER B 170 -10.53 -13.89 27.41
C SER B 170 -9.51 -12.86 26.97
N VAL B 171 -8.42 -13.32 26.37
CA VAL B 171 -7.35 -12.45 25.91
C VAL B 171 -7.84 -11.53 24.79
N GLY B 172 -7.65 -10.23 24.98
CA GLY B 172 -8.17 -9.23 24.08
C GLY B 172 -7.38 -9.06 22.79
N TYR B 173 -6.06 -8.99 22.91
CA TYR B 173 -5.20 -8.72 21.76
C TYR B 173 -5.46 -9.67 20.59
N LYS B 174 -5.66 -9.11 19.41
CA LYS B 174 -5.85 -9.90 18.20
C LYS B 174 -4.55 -9.98 17.41
N PRO B 175 -4.19 -11.18 16.89
CA PRO B 175 -2.97 -11.28 16.08
C PRO B 175 -2.99 -10.35 14.88
N ASP B 176 -1.82 -9.81 14.52
CA ASP B 176 -1.71 -8.87 13.41
C ASP B 176 -1.66 -9.57 12.06
N PHE B 177 -1.08 -10.77 12.05
CA PHE B 177 -0.98 -11.56 10.84
C PHE B 177 -1.45 -12.97 11.13
N VAL B 178 -2.45 -13.42 10.38
CA VAL B 178 -3.07 -14.73 10.59
C VAL B 178 -3.07 -15.54 9.31
N GLY B 179 -2.56 -16.77 9.38
CA GLY B 179 -2.58 -17.65 8.23
C GLY B 179 -3.97 -18.18 7.93
N PHE B 180 -4.54 -18.89 8.89
CA PHE B 180 -5.85 -19.53 8.75
C PHE B 180 -6.64 -19.45 10.05
N GLU B 181 -7.93 -19.16 9.95
CA GLU B 181 -8.81 -19.21 11.11
C GLU B 181 -9.64 -20.49 11.05
N ILE B 182 -9.37 -21.41 11.97
CA ILE B 182 -9.93 -22.76 11.92
C ILE B 182 -10.97 -23.06 13.01
N PRO B 183 -11.80 -24.10 12.80
CA PRO B 183 -12.76 -24.53 13.82
C PRO B 183 -12.04 -25.09 15.04
N ASP B 184 -12.79 -25.36 16.11
CA ASP B 184 -12.22 -25.98 17.30
C ASP B 184 -12.06 -27.48 17.07
N LYS B 185 -11.10 -27.83 16.20
CA LYS B 185 -10.72 -29.22 15.97
C LYS B 185 -9.25 -29.37 16.33
N PHE B 186 -8.82 -30.57 16.72
CA PHE B 186 -7.43 -30.74 17.11
C PHE B 186 -6.61 -31.12 15.89
N VAL B 187 -5.75 -30.21 15.46
CA VAL B 187 -4.97 -30.38 14.23
C VAL B 187 -3.50 -30.68 14.54
N VAL B 188 -2.86 -31.41 13.63
CA VAL B 188 -1.44 -31.72 13.74
C VAL B 188 -0.78 -31.53 12.39
N GLY B 189 0.55 -31.42 12.41
CA GLY B 189 1.33 -31.32 11.19
C GLY B 189 1.92 -29.94 10.99
N TYR B 190 2.89 -29.85 10.08
CA TYR B 190 3.61 -28.61 9.83
C TYR B 190 4.19 -28.07 11.14
N ALA B 191 4.85 -28.99 11.88
CA ALA B 191 5.54 -28.75 13.16
C ALA B 191 4.60 -28.76 14.37
N LEU B 192 3.29 -28.71 14.14
CA LEU B 192 2.34 -28.86 15.24
C LEU B 192 2.25 -30.33 15.63
N ASP B 193 2.34 -30.61 16.93
CA ASP B 193 2.46 -31.98 17.42
C ASP B 193 1.29 -32.49 18.22
N TYR B 194 1.25 -33.81 18.36
CA TYR B 194 0.51 -34.48 19.42
C TYR B 194 1.49 -35.38 20.15
N ASN B 195 1.85 -34.98 21.36
CA ASN B 195 2.86 -35.67 22.15
C ASN B 195 4.15 -35.93 21.34
N GLU B 196 4.61 -34.86 20.68
CA GLU B 196 5.87 -34.81 19.92
C GLU B 196 5.82 -35.55 18.58
N TYR B 197 4.72 -36.23 18.30
CA TYR B 197 4.55 -36.86 16.99
C TYR B 197 3.78 -35.94 16.04
N PHE B 198 3.86 -36.26 14.75
CA PHE B 198 3.23 -35.52 13.65
C PHE B 198 3.93 -34.21 13.26
N ARG B 199 5.01 -33.84 13.95
CA ARG B 199 5.74 -32.64 13.57
C ARG B 199 6.35 -32.79 12.16
N ASP B 200 6.68 -34.03 11.79
CA ASP B 200 7.29 -34.31 10.49
C ASP B 200 6.28 -34.36 9.34
N LEU B 201 5.03 -34.11 9.65
CA LEU B 201 3.99 -34.04 8.63
C LEU B 201 4.04 -32.67 7.97
N ASN B 202 3.94 -32.60 6.63
CA ASN B 202 4.04 -31.31 5.95
C ASN B 202 2.68 -30.62 5.78
N HIS B 203 1.61 -31.40 5.75
CA HIS B 203 0.26 -30.85 5.79
C HIS B 203 -0.22 -30.64 7.21
N VAL B 204 -1.22 -29.77 7.39
CA VAL B 204 -1.97 -29.73 8.63
C VAL B 204 -3.17 -30.67 8.49
N CYS B 205 -3.31 -31.57 9.47
CA CYS B 205 -4.32 -32.61 9.42
C CYS B 205 -5.08 -32.72 10.75
N VAL B 206 -6.26 -33.32 10.70
CA VAL B 206 -7.01 -33.62 11.92
C VAL B 206 -6.71 -35.06 12.32
N ILE B 207 -6.26 -35.25 13.56
CA ILE B 207 -5.98 -36.60 14.06
C ILE B 207 -7.28 -37.37 14.12
N SER B 208 -7.18 -38.69 13.97
CA SER B 208 -8.31 -39.58 14.21
C SER B 208 -8.31 -39.99 15.69
N GLU B 209 -9.44 -40.52 16.16
CA GLU B 209 -9.52 -41.01 17.52
C GLU B 209 -8.52 -42.15 17.70
N THR B 210 -8.25 -42.87 16.62
CA THR B 210 -7.26 -43.93 16.63
C THR B 210 -5.88 -43.34 16.95
N GLY B 211 -5.48 -42.34 16.19
CA GLY B 211 -4.19 -41.70 16.38
C GLY B 211 -4.07 -41.07 17.75
N LYS B 212 -5.16 -40.42 18.18
CA LYS B 212 -5.16 -39.75 19.47
C LYS B 212 -4.93 -40.76 20.59
N ALA B 213 -5.51 -41.95 20.45
CA ALA B 213 -5.35 -43.00 21.44
C ALA B 213 -3.98 -43.69 21.31
N LYS B 214 -3.51 -43.83 20.08
CA LYS B 214 -2.23 -44.50 19.81
C LYS B 214 -1.04 -43.78 20.46
N TYR B 215 -1.01 -42.46 20.34
CA TYR B 215 0.13 -41.66 20.80
C TYR B 215 -0.13 -40.95 22.13
N LYS B 216 -1.20 -41.35 22.82
CA LYS B 216 -1.55 -40.71 24.09
C LYS B 216 -0.46 -40.95 25.14
N ALA B 217 -0.06 -39.88 25.83
CA ALA B 217 0.92 -39.96 26.90
C ALA B 217 0.24 -40.10 28.26
N SER C 4 25.76 -7.41 -19.33
CA SER C 4 25.36 -8.59 -18.56
C SER C 4 25.69 -9.88 -19.31
N PRO C 5 26.97 -10.30 -19.28
CA PRO C 5 27.41 -11.49 -20.03
C PRO C 5 27.03 -12.80 -19.35
N GLY C 6 26.61 -12.74 -18.09
CA GLY C 6 26.24 -13.92 -17.33
C GLY C 6 27.38 -14.47 -16.51
N VAL C 7 27.10 -15.55 -15.79
CA VAL C 7 28.13 -16.22 -15.00
C VAL C 7 29.15 -16.82 -15.95
N VAL C 8 30.37 -16.28 -15.92
CA VAL C 8 31.43 -16.78 -16.78
C VAL C 8 32.05 -18.02 -16.18
N ILE C 9 32.02 -19.11 -16.94
CA ILE C 9 32.62 -20.37 -16.51
C ILE C 9 33.91 -20.60 -17.31
N SER C 10 35.03 -20.72 -16.59
CA SER C 10 36.33 -20.79 -17.24
C SER C 10 36.54 -22.11 -17.99
N ASP C 11 37.50 -22.10 -18.92
CA ASP C 11 37.86 -23.28 -19.68
C ASP C 11 38.28 -24.43 -18.76
N ASP C 12 38.83 -24.09 -17.61
CA ASP C 12 39.35 -25.08 -16.68
C ASP C 12 38.42 -25.29 -15.49
N GLU C 13 37.12 -25.14 -15.71
CA GLU C 13 36.13 -25.45 -14.70
C GLU C 13 36.10 -26.97 -14.49
N PRO C 14 36.43 -27.44 -13.27
CA PRO C 14 36.43 -28.90 -13.05
C PRO C 14 35.04 -29.49 -12.86
N GLY C 15 34.06 -28.67 -12.53
CA GLY C 15 32.73 -29.17 -12.27
C GLY C 15 32.70 -29.92 -10.95
N TYR C 16 31.78 -30.87 -10.84
CA TYR C 16 31.54 -31.55 -9.57
C TYR C 16 31.39 -33.06 -9.72
N ASP C 17 31.97 -33.78 -8.76
CA ASP C 17 31.82 -35.22 -8.66
C ASP C 17 30.34 -35.61 -8.67
N LEU C 18 29.98 -36.59 -9.49
CA LEU C 18 28.59 -37.01 -9.62
C LEU C 18 28.03 -37.57 -8.31
N ASP C 19 28.91 -38.14 -7.48
CA ASP C 19 28.50 -38.80 -6.25
C ASP C 19 28.08 -37.84 -5.13
N LEU C 20 28.29 -36.54 -5.33
CA LEU C 20 27.96 -35.54 -4.31
C LEU C 20 26.56 -34.96 -4.54
N PHE C 21 25.97 -35.33 -5.66
CA PHE C 21 24.64 -34.86 -6.02
C PHE C 21 23.70 -36.04 -6.29
N CYS C 22 22.42 -35.71 -6.44
CA CYS C 22 21.41 -36.68 -6.84
C CYS C 22 21.33 -36.70 -8.35
N ILE C 23 21.46 -37.88 -8.94
CA ILE C 23 21.25 -38.04 -10.37
C ILE C 23 20.57 -39.38 -10.63
N PRO C 24 19.90 -39.52 -11.78
CA PRO C 24 19.37 -40.83 -12.16
C PRO C 24 20.50 -41.84 -12.30
N ASN C 25 20.39 -42.96 -11.60
CA ASN C 25 21.47 -43.93 -11.54
C ASN C 25 21.81 -44.55 -12.90
N HIS C 26 20.85 -44.54 -13.84
CA HIS C 26 21.09 -45.14 -15.15
C HIS C 26 22.01 -44.26 -16.01
N TYR C 27 22.13 -42.99 -15.64
CA TYR C 27 22.99 -42.06 -16.37
C TYR C 27 24.43 -41.99 -15.85
N ALA C 28 24.70 -42.70 -14.74
CA ALA C 28 25.99 -42.58 -14.04
C ALA C 28 27.22 -42.73 -14.94
N GLU C 29 27.31 -43.85 -15.64
CA GLU C 29 28.48 -44.13 -16.46
C GLU C 29 28.53 -43.25 -17.72
N ASP C 30 27.42 -42.57 -18.01
CA ASP C 30 27.33 -41.78 -19.25
C ASP C 30 27.69 -40.31 -19.06
N LEU C 31 27.97 -39.93 -17.82
CA LEU C 31 28.29 -38.54 -17.50
C LEU C 31 29.70 -38.42 -16.96
N GLU C 32 30.32 -37.27 -17.20
CA GLU C 32 31.66 -36.98 -16.72
C GLU C 32 31.59 -36.36 -15.33
N ARG C 33 30.94 -35.20 -15.26
CA ARG C 33 30.85 -34.41 -14.05
C ARG C 33 29.56 -33.63 -14.09
N VAL C 34 29.06 -33.21 -12.93
CA VAL C 34 28.06 -32.15 -12.90
C VAL C 34 28.80 -30.86 -13.27
N PHE C 35 28.26 -30.11 -14.22
CA PHE C 35 28.93 -28.92 -14.71
C PHE C 35 28.30 -27.67 -14.12
N ILE C 36 26.98 -27.56 -14.22
CA ILE C 36 26.24 -26.49 -13.58
C ILE C 36 25.10 -27.10 -12.78
N PRO C 37 25.23 -27.12 -11.45
CA PRO C 37 24.15 -27.68 -10.62
C PRO C 37 22.82 -26.96 -10.81
N HIS C 38 21.74 -27.75 -10.83
CA HIS C 38 20.38 -27.23 -10.95
C HIS C 38 20.14 -25.97 -10.12
N GLY C 39 20.57 -26.01 -8.86
CA GLY C 39 20.33 -24.91 -7.94
C GLY C 39 20.99 -23.62 -8.37
N LEU C 40 22.20 -23.73 -8.92
CA LEU C 40 22.90 -22.57 -9.43
C LEU C 40 22.11 -21.97 -10.58
N ILE C 41 21.53 -22.84 -11.41
CA ILE C 41 20.68 -22.37 -12.50
C ILE C 41 19.48 -21.60 -11.94
N MET C 42 18.88 -22.10 -10.87
CA MET C 42 17.74 -21.41 -10.26
C MET C 42 18.15 -20.04 -9.73
N ASP C 43 19.27 -19.98 -9.01
CA ASP C 43 19.76 -18.72 -8.47
C ASP C 43 20.02 -17.71 -9.58
N ARG C 44 20.64 -18.14 -10.66
CA ARG C 44 20.95 -17.24 -11.75
C ARG C 44 19.66 -16.81 -12.45
N THR C 45 18.76 -17.76 -12.64
CA THR C 45 17.50 -17.48 -13.33
C THR C 45 16.66 -16.49 -12.53
N GLU C 46 16.76 -16.56 -11.21
CA GLU C 46 16.07 -15.62 -10.35
C GLU C 46 16.51 -14.19 -10.65
N ARG C 47 17.82 -13.97 -10.68
CA ARG C 47 18.34 -12.64 -10.98
C ARG C 47 17.94 -12.21 -12.39
N LEU C 48 18.02 -13.15 -13.32
CA LEU C 48 17.66 -12.89 -14.72
C LEU C 48 16.22 -12.43 -14.85
N ALA C 49 15.33 -13.01 -14.05
CA ALA C 49 13.93 -12.62 -14.08
C ALA C 49 13.79 -11.13 -13.78
N ARG C 50 14.53 -10.68 -12.77
CA ARG C 50 14.42 -9.30 -12.34
C ARG C 50 15.06 -8.35 -13.36
N ASP C 51 16.16 -8.80 -13.97
CA ASP C 51 16.77 -8.02 -15.04
C ASP C 51 15.79 -7.85 -16.20
N VAL C 52 15.07 -8.92 -16.52
CA VAL C 52 14.07 -8.88 -17.59
C VAL C 52 12.96 -7.89 -17.29
N MET C 53 12.44 -7.94 -16.06
CA MET C 53 11.34 -7.05 -15.68
C MET C 53 11.78 -5.59 -15.66
N LYS C 54 13.02 -5.33 -15.22
CA LYS C 54 13.52 -3.97 -15.21
C LYS C 54 13.65 -3.42 -16.63
N GLU C 55 13.93 -4.31 -17.59
CA GLU C 55 14.17 -3.91 -18.97
C GLU C 55 12.88 -3.90 -19.80
N MET C 56 12.01 -4.86 -19.55
CA MET C 56 10.85 -5.12 -20.40
C MET C 56 9.50 -4.99 -19.69
N GLY C 57 9.53 -4.70 -18.39
CA GLY C 57 8.33 -4.74 -17.59
C GLY C 57 7.38 -3.55 -17.75
N GLY C 58 7.70 -2.63 -18.65
CA GLY C 58 6.88 -1.44 -18.83
C GLY C 58 5.73 -1.64 -19.80
N HIS C 59 5.67 -2.81 -20.42
CA HIS C 59 4.62 -3.10 -21.40
C HIS C 59 4.43 -4.61 -21.58
N HIS C 60 3.26 -4.98 -22.08
CA HIS C 60 2.89 -6.37 -22.32
C HIS C 60 4.05 -7.22 -22.83
N ILE C 61 4.35 -8.29 -22.08
CA ILE C 61 5.38 -9.25 -22.47
C ILE C 61 4.81 -10.46 -23.22
N VAL C 62 5.39 -10.78 -24.37
CA VAL C 62 5.15 -12.07 -25.00
C VAL C 62 6.38 -12.95 -24.77
N ALA C 63 6.22 -13.99 -23.95
CA ALA C 63 7.29 -14.93 -23.70
C ALA C 63 7.24 -16.05 -24.73
N LEU C 64 8.28 -16.13 -25.55
CA LEU C 64 8.34 -17.09 -26.64
C LEU C 64 9.34 -18.20 -26.34
N CYS C 65 8.82 -19.41 -26.14
CA CYS C 65 9.64 -20.57 -25.83
C CYS C 65 10.14 -21.26 -27.09
N VAL C 66 11.45 -21.42 -27.21
CA VAL C 66 12.02 -22.14 -28.33
C VAL C 66 12.19 -23.61 -27.96
N LEU C 67 11.21 -24.42 -28.36
CA LEU C 67 11.29 -25.86 -28.11
C LEU C 67 12.41 -26.50 -28.90
N LYS C 68 12.93 -27.64 -28.46
CA LYS C 68 12.50 -28.32 -27.22
C LYS C 68 13.39 -27.94 -26.04
N GLY C 69 14.67 -27.68 -26.31
CA GLY C 69 15.65 -27.49 -25.27
C GLY C 69 15.42 -26.29 -24.37
N GLY C 70 14.70 -25.30 -24.88
CA GLY C 70 14.45 -24.09 -24.11
C GLY C 70 13.33 -24.21 -23.09
N TYR C 71 12.63 -25.35 -23.04
CA TYR C 71 11.38 -25.47 -22.28
C TYR C 71 11.56 -25.34 -20.77
N LYS C 72 12.60 -25.98 -20.21
CA LYS C 72 12.81 -25.92 -18.77
C LYS C 72 13.19 -24.51 -18.31
N PHE C 73 14.16 -23.91 -18.98
CA PHE C 73 14.60 -22.56 -18.71
C PHE C 73 13.44 -21.58 -18.82
N PHE C 74 12.65 -21.76 -19.88
CA PHE C 74 11.44 -20.99 -20.11
C PHE C 74 10.47 -21.09 -18.93
N ALA C 75 10.15 -22.32 -18.54
CA ALA C 75 9.17 -22.54 -17.49
C ALA C 75 9.64 -21.90 -16.18
N ASP C 76 10.89 -22.14 -15.80
CA ASP C 76 11.43 -21.61 -14.55
C ASP C 76 11.60 -20.08 -14.58
N LEU C 77 12.12 -19.57 -15.69
CA LEU C 77 12.27 -18.12 -15.87
C LEU C 77 10.92 -17.42 -15.68
N LEU C 78 9.91 -17.87 -16.42
CA LEU C 78 8.56 -17.28 -16.29
C LEU C 78 8.00 -17.41 -14.88
N ASP C 79 8.27 -18.52 -14.20
CA ASP C 79 7.83 -18.69 -12.82
C ASP C 79 8.45 -17.62 -11.93
N TYR C 80 9.73 -17.33 -12.11
CA TYR C 80 10.39 -16.28 -11.34
C TYR C 80 9.84 -14.90 -11.70
N ILE C 81 9.54 -14.72 -12.98
CA ILE C 81 8.93 -13.47 -13.44
C ILE C 81 7.53 -13.32 -12.85
N LYS C 82 6.79 -14.43 -12.80
CA LYS C 82 5.45 -14.42 -12.22
C LYS C 82 5.50 -14.08 -10.73
N ALA C 83 6.49 -14.60 -10.02
CA ALA C 83 6.66 -14.30 -8.59
C ALA C 83 6.88 -12.80 -8.40
N LEU C 84 7.67 -12.20 -9.27
CA LEU C 84 7.88 -10.75 -9.23
C LEU C 84 6.56 -10.02 -9.45
N ASN C 85 5.83 -10.47 -10.47
CA ASN C 85 4.62 -9.78 -10.90
C ASN C 85 3.50 -9.74 -9.87
N ARG C 86 3.37 -10.80 -9.07
CA ARG C 86 2.27 -10.88 -8.11
C ARG C 86 2.65 -10.31 -6.74
N ASN C 87 3.90 -9.88 -6.59
CA ASN C 87 4.37 -9.32 -5.32
C ASN C 87 4.80 -7.86 -5.45
N SER C 88 4.56 -7.28 -6.62
CA SER C 88 4.91 -5.90 -6.88
C SER C 88 3.64 -5.06 -6.93
N ASP C 89 3.76 -3.78 -6.58
CA ASP C 89 2.63 -2.87 -6.64
C ASP C 89 2.20 -2.65 -8.08
N ARG C 90 3.19 -2.64 -8.96
CA ARG C 90 2.95 -2.54 -10.39
C ARG C 90 3.18 -3.88 -11.05
N SER C 91 2.48 -4.11 -12.16
CA SER C 91 2.53 -5.38 -12.87
C SER C 91 2.03 -5.21 -14.29
N ILE C 92 2.53 -6.04 -15.19
CA ILE C 92 2.14 -6.00 -16.60
C ILE C 92 1.65 -7.36 -17.08
N PRO C 93 0.70 -7.36 -18.04
CA PRO C 93 0.24 -8.62 -18.62
C PRO C 93 1.39 -9.37 -19.29
N MET C 94 1.30 -10.70 -19.30
CA MET C 94 2.24 -11.53 -20.05
C MET C 94 1.49 -12.68 -20.73
N THR C 95 1.76 -12.86 -22.02
CA THR C 95 1.26 -14.01 -22.77
C THR C 95 2.42 -14.91 -23.16
N VAL C 96 2.12 -16.15 -23.53
CA VAL C 96 3.14 -17.14 -23.88
C VAL C 96 2.86 -17.79 -25.23
N ASP C 97 3.93 -18.24 -25.88
CA ASP C 97 3.82 -18.96 -27.14
C ASP C 97 4.99 -19.92 -27.27
N PHE C 98 4.86 -20.86 -28.20
CA PHE C 98 5.80 -21.95 -28.36
C PHE C 98 6.11 -22.17 -29.82
N ILE C 99 7.40 -22.24 -30.14
CA ILE C 99 7.84 -22.58 -31.49
C ILE C 99 8.99 -23.58 -31.43
N ARG C 100 9.14 -24.34 -32.51
CA ARG C 100 10.26 -25.24 -32.68
C ARG C 100 10.97 -24.89 -33.98
N LEU C 101 12.30 -24.88 -33.93
CA LEU C 101 13.12 -24.54 -35.10
C LEU C 101 13.78 -25.80 -35.64
N LYS C 102 13.40 -26.18 -36.85
CA LYS C 102 13.90 -27.39 -37.49
C LYS C 102 14.64 -27.06 -38.78
N ILE C 113 16.27 -22.94 -42.01
CA ILE C 113 15.48 -23.25 -40.83
C ILE C 113 14.04 -22.78 -40.98
N LYS C 114 13.10 -23.61 -40.55
CA LYS C 114 11.69 -23.27 -40.57
C LYS C 114 11.11 -23.28 -39.16
N VAL C 115 10.12 -22.42 -38.94
CA VAL C 115 9.42 -22.34 -37.66
C VAL C 115 8.23 -23.31 -37.64
N ILE C 116 8.21 -24.20 -36.64
CA ILE C 116 7.09 -25.09 -36.43
C ILE C 116 6.17 -24.53 -35.35
N GLY C 117 4.89 -24.45 -35.67
CA GLY C 117 3.89 -24.03 -34.70
C GLY C 117 3.93 -22.56 -34.37
N GLY C 118 3.40 -22.21 -33.21
CA GLY C 118 3.36 -20.84 -32.74
C GLY C 118 2.15 -20.08 -33.25
N ASP C 119 1.82 -18.98 -32.57
CA ASP C 119 0.75 -18.09 -33.00
C ASP C 119 1.15 -17.39 -34.30
N ASP C 120 0.22 -16.61 -34.86
CA ASP C 120 0.53 -15.76 -36.00
C ASP C 120 1.55 -14.71 -35.59
N LEU C 121 2.51 -14.44 -36.46
CA LEU C 121 3.57 -13.48 -36.15
C LEU C 121 3.02 -12.11 -35.78
N SER C 122 1.84 -11.78 -36.31
CA SER C 122 1.24 -10.46 -36.07
C SER C 122 0.83 -10.24 -34.62
N THR C 123 0.75 -11.32 -33.84
CA THR C 123 0.44 -11.19 -32.42
C THR C 123 1.60 -10.57 -31.64
N LEU C 124 2.80 -10.62 -32.23
CA LEU C 124 3.99 -10.05 -31.59
C LEU C 124 4.09 -8.55 -31.80
N THR C 125 3.34 -8.02 -32.76
CA THR C 125 3.39 -6.60 -33.09
C THR C 125 3.05 -5.72 -31.90
N GLY C 126 3.90 -4.73 -31.64
CA GLY C 126 3.66 -3.75 -30.59
C GLY C 126 3.87 -4.28 -29.18
N LYS C 127 4.39 -5.49 -29.08
CA LYS C 127 4.64 -6.12 -27.78
C LYS C 127 6.12 -6.18 -27.46
N ASN C 128 6.43 -6.33 -26.17
CA ASN C 128 7.77 -6.66 -25.73
C ASN C 128 7.98 -8.18 -25.80
N VAL C 129 8.70 -8.64 -26.80
CA VAL C 129 8.87 -10.06 -27.05
C VAL C 129 10.14 -10.61 -26.41
N LEU C 130 9.96 -11.60 -25.54
CA LEU C 130 11.07 -12.27 -24.87
C LEU C 130 11.26 -13.66 -25.46
N ILE C 131 12.32 -13.83 -26.24
CA ILE C 131 12.63 -15.13 -26.82
C ILE C 131 13.54 -15.91 -25.86
N VAL C 132 13.12 -17.12 -25.50
CA VAL C 132 13.84 -17.93 -24.52
C VAL C 132 14.43 -19.18 -25.16
N GLU C 133 15.75 -19.30 -25.05
CA GLU C 133 16.52 -20.34 -25.74
C GLU C 133 17.37 -21.10 -24.74
N ASP C 134 17.84 -22.29 -25.10
CA ASP C 134 18.68 -23.07 -24.19
C ASP C 134 20.16 -22.74 -24.39
N ILE C 135 20.62 -22.70 -25.63
CA ILE C 135 22.02 -22.41 -25.88
C ILE C 135 22.27 -21.69 -27.20
N ILE C 136 23.16 -20.71 -27.12
CA ILE C 136 23.70 -20.02 -28.29
C ILE C 136 25.10 -20.56 -28.55
N ASP C 137 25.36 -21.02 -29.77
CA ASP C 137 26.68 -21.51 -30.15
C ASP C 137 27.23 -20.64 -31.28
N THR C 138 26.82 -20.89 -32.52
CA THR C 138 27.22 -20.04 -33.63
C THR C 138 26.43 -18.74 -33.60
N GLY C 139 25.19 -18.83 -33.15
CA GLY C 139 24.29 -17.69 -33.10
C GLY C 139 23.45 -17.56 -34.35
N LYS C 140 23.66 -18.45 -35.32
CA LYS C 140 22.94 -18.37 -36.58
C LYS C 140 21.45 -18.62 -36.39
N THR C 141 21.10 -19.56 -35.51
CA THR C 141 19.71 -19.91 -35.24
C THR C 141 18.91 -18.71 -34.74
N MET C 142 19.44 -18.04 -33.72
CA MET C 142 18.75 -16.92 -33.12
C MET C 142 18.76 -15.70 -34.05
N GLN C 143 19.81 -15.55 -34.84
CA GLN C 143 19.92 -14.42 -35.74
C GLN C 143 18.84 -14.51 -36.82
N THR C 144 18.63 -15.72 -37.33
CA THR C 144 17.58 -15.97 -38.32
C THR C 144 16.20 -15.74 -37.69
N LEU C 145 16.02 -16.20 -36.46
CA LEU C 145 14.75 -16.07 -35.76
C LEU C 145 14.40 -14.60 -35.54
N LEU C 146 15.37 -13.81 -35.12
CA LEU C 146 15.17 -12.38 -34.92
C LEU C 146 14.84 -11.67 -36.22
N SER C 147 15.49 -12.09 -37.30
CA SER C 147 15.27 -11.50 -38.61
C SER C 147 13.82 -11.68 -39.07
N LEU C 148 13.17 -12.74 -38.59
CA LEU C 148 11.78 -13.00 -38.93
C LEU C 148 10.86 -12.18 -38.02
N VAL C 149 11.14 -12.21 -36.72
CA VAL C 149 10.31 -11.54 -35.73
C VAL C 149 10.34 -10.02 -35.89
N ARG C 150 11.50 -9.49 -36.28
CA ARG C 150 11.66 -8.06 -36.46
C ARG C 150 10.75 -7.52 -37.56
N GLN C 151 10.41 -8.37 -38.54
CA GLN C 151 9.59 -7.94 -39.67
C GLN C 151 8.16 -7.60 -39.26
N TYR C 152 7.77 -7.95 -38.04
CA TYR C 152 6.42 -7.74 -37.56
C TYR C 152 6.34 -6.69 -36.46
N ASN C 153 7.38 -5.86 -36.39
CA ASN C 153 7.38 -4.64 -35.58
C ASN C 153 6.96 -4.86 -34.12
N PRO C 154 7.72 -5.68 -33.40
CA PRO C 154 7.54 -5.68 -31.94
C PRO C 154 8.00 -4.35 -31.39
N LYS C 155 7.43 -3.91 -30.27
CA LYS C 155 7.95 -2.74 -29.60
C LYS C 155 9.41 -3.01 -29.25
N MET C 156 9.69 -4.26 -28.94
CA MET C 156 10.98 -4.68 -28.44
C MET C 156 11.15 -6.20 -28.61
N VAL C 157 12.35 -6.63 -28.99
CA VAL C 157 12.69 -8.05 -28.99
C VAL C 157 13.99 -8.26 -28.23
N LYS C 158 13.92 -9.11 -27.21
CA LYS C 158 15.08 -9.50 -26.43
C LYS C 158 15.19 -11.01 -26.41
N VAL C 159 16.42 -11.50 -26.26
CA VAL C 159 16.68 -12.93 -26.19
C VAL C 159 17.33 -13.28 -24.86
N ALA C 160 16.79 -14.31 -24.23
CA ALA C 160 17.37 -14.90 -23.03
C ALA C 160 17.82 -16.32 -23.37
N SER C 161 19.08 -16.62 -23.12
CA SER C 161 19.61 -17.96 -23.36
C SER C 161 20.25 -18.45 -22.07
N LEU C 162 19.93 -19.67 -21.68
CA LEU C 162 20.52 -20.26 -20.48
C LEU C 162 22.03 -20.31 -20.63
N LEU C 163 22.48 -20.76 -21.80
CA LEU C 163 23.90 -20.98 -22.07
C LEU C 163 24.35 -20.20 -23.29
N VAL C 164 25.59 -19.72 -23.23
CA VAL C 164 26.28 -19.13 -24.36
C VAL C 164 27.67 -19.75 -24.42
N LYS C 165 28.04 -20.32 -25.55
CA LYS C 165 29.37 -20.88 -25.71
C LYS C 165 30.36 -19.84 -26.20
N ARG C 166 31.56 -19.85 -25.61
CA ARG C 166 32.69 -19.13 -26.15
C ARG C 166 33.26 -19.96 -27.29
N THR C 167 33.27 -19.41 -28.49
CA THR C 167 33.80 -20.13 -29.64
C THR C 167 34.05 -19.20 -30.82
N PRO C 168 35.18 -19.41 -31.53
CA PRO C 168 35.43 -18.64 -32.77
C PRO C 168 34.38 -18.90 -33.85
N ARG C 169 33.57 -19.94 -33.65
CA ARG C 169 32.49 -20.23 -34.59
C ARG C 169 31.37 -19.21 -34.47
N SER C 170 31.39 -18.43 -33.40
CA SER C 170 30.41 -17.37 -33.19
C SER C 170 30.42 -16.35 -34.33
N VAL C 171 29.24 -16.03 -34.84
CA VAL C 171 29.11 -15.03 -35.90
C VAL C 171 29.04 -13.62 -35.32
N GLY C 172 29.03 -13.53 -34.00
CA GLY C 172 29.06 -12.25 -33.31
C GLY C 172 27.77 -11.90 -32.61
N TYR C 173 26.73 -12.72 -32.77
CA TYR C 173 25.46 -12.45 -32.10
C TYR C 173 25.54 -12.69 -30.60
N LYS C 174 25.11 -11.70 -29.83
CA LYS C 174 25.07 -11.77 -28.36
C LYS C 174 23.63 -11.67 -27.86
N PRO C 175 23.18 -12.67 -27.06
CA PRO C 175 21.84 -12.54 -26.49
C PRO C 175 21.80 -11.45 -25.42
N ASP C 176 20.60 -11.00 -25.05
CA ASP C 176 20.46 -9.86 -24.14
C ASP C 176 20.53 -10.27 -22.68
N PHE C 177 20.08 -11.48 -22.40
CA PHE C 177 20.17 -12.07 -21.07
C PHE C 177 20.85 -13.43 -21.17
N VAL C 178 21.83 -13.66 -20.31
CA VAL C 178 22.63 -14.86 -20.33
C VAL C 178 22.70 -15.51 -18.96
N GLY C 179 22.38 -16.79 -18.91
CA GLY C 179 22.57 -17.54 -17.68
C GLY C 179 24.05 -17.77 -17.43
N PHE C 180 24.67 -18.53 -18.31
CA PHE C 180 26.06 -18.96 -18.14
C PHE C 180 26.81 -18.94 -19.47
N GLU C 181 28.00 -18.35 -19.45
CA GLU C 181 28.91 -18.39 -20.60
C GLU C 181 29.88 -19.55 -20.39
N ILE C 182 29.81 -20.57 -21.25
CA ILE C 182 30.55 -21.81 -21.03
C ILE C 182 31.65 -22.05 -22.07
N PRO C 183 32.64 -22.89 -21.71
CA PRO C 183 33.63 -23.37 -22.68
C PRO C 183 32.98 -24.21 -23.76
N ASP C 184 33.76 -24.57 -24.77
CA ASP C 184 33.26 -25.39 -25.87
C ASP C 184 33.30 -26.87 -25.49
N LYS C 185 32.59 -27.24 -24.44
CA LYS C 185 32.40 -28.62 -24.05
C LYS C 185 30.99 -29.04 -24.40
N PHE C 186 30.77 -30.32 -24.65
CA PHE C 186 29.42 -30.78 -24.96
C PHE C 186 28.67 -31.06 -23.67
N VAL C 187 27.65 -30.24 -23.41
CA VAL C 187 26.88 -30.34 -22.17
C VAL C 187 25.46 -30.85 -22.42
N VAL C 188 24.91 -31.55 -21.43
CA VAL C 188 23.55 -32.06 -21.47
C VAL C 188 22.85 -31.78 -20.15
N GLY C 189 21.53 -31.93 -20.14
CA GLY C 189 20.76 -31.77 -18.92
C GLY C 189 19.98 -30.47 -18.87
N TYR C 190 19.00 -30.43 -17.96
CA TYR C 190 18.14 -29.26 -17.83
C TYR C 190 17.53 -28.94 -19.19
N ALA C 191 16.89 -29.96 -19.75
CA ALA C 191 16.20 -29.93 -21.05
C ALA C 191 17.14 -29.93 -22.26
N LEU C 192 18.43 -29.67 -22.05
CA LEU C 192 19.40 -29.85 -23.14
C LEU C 192 19.67 -31.34 -23.31
N ASP C 193 19.64 -31.82 -24.55
CA ASP C 193 19.68 -33.25 -24.83
C ASP C 193 20.91 -33.72 -25.59
N TYR C 194 21.09 -35.04 -25.58
CA TYR C 194 21.90 -35.72 -26.57
C TYR C 194 21.05 -36.80 -27.20
N ASN C 195 20.56 -36.52 -28.40
CA ASN C 195 19.64 -37.40 -29.12
C ASN C 195 18.43 -37.78 -28.26
N GLU C 196 17.80 -36.74 -27.73
CA GLU C 196 16.58 -36.83 -26.92
C GLU C 196 16.80 -37.41 -25.53
N TYR C 197 18.04 -37.73 -25.17
CA TYR C 197 18.35 -38.21 -23.83
C TYR C 197 18.89 -37.09 -22.95
N PHE C 198 18.91 -37.36 -21.64
CA PHE C 198 19.46 -36.47 -20.62
C PHE C 198 18.60 -35.23 -20.35
N ARG C 199 17.49 -35.06 -21.07
CA ARG C 199 16.61 -33.92 -20.83
C ARG C 199 16.03 -33.97 -19.41
N ASP C 200 15.89 -35.18 -18.88
CA ASP C 200 15.33 -35.42 -17.55
C ASP C 200 16.33 -35.16 -16.42
N LEU C 201 17.54 -34.77 -16.79
CA LEU C 201 18.55 -34.40 -15.82
C LEU C 201 18.23 -32.98 -15.32
N ASN C 202 18.32 -32.73 -14.02
CA ASN C 202 18.02 -31.39 -13.51
C ASN C 202 19.27 -30.52 -13.48
N HIS C 203 20.45 -31.13 -13.46
CA HIS C 203 21.71 -30.40 -13.59
C HIS C 203 22.16 -30.32 -15.05
N VAL C 204 23.01 -29.35 -15.37
CA VAL C 204 23.78 -29.42 -16.62
C VAL C 204 25.07 -30.19 -16.34
N CYS C 205 25.32 -31.21 -17.16
CA CYS C 205 26.45 -32.11 -16.98
C CYS C 205 27.24 -32.27 -18.27
N VAL C 206 28.51 -32.61 -18.13
CA VAL C 206 29.35 -32.97 -19.25
C VAL C 206 29.20 -34.46 -19.54
N ILE C 207 28.79 -34.78 -20.76
CA ILE C 207 28.54 -36.16 -21.17
C ILE C 207 29.85 -36.89 -21.44
N SER C 208 29.88 -38.17 -21.08
CA SER C 208 31.05 -39.02 -21.33
C SER C 208 31.17 -39.42 -22.79
N GLU C 209 32.38 -39.71 -23.23
CA GLU C 209 32.57 -40.26 -24.57
C GLU C 209 31.99 -41.67 -24.63
N THR C 210 31.89 -42.32 -23.49
CA THR C 210 31.27 -43.65 -23.42
C THR C 210 29.74 -43.53 -23.34
N GLY C 211 29.26 -42.30 -23.17
CA GLY C 211 27.83 -42.02 -23.19
C GLY C 211 27.46 -41.45 -24.54
N LYS C 212 28.40 -40.71 -25.13
CA LYS C 212 28.23 -40.15 -26.46
C LYS C 212 28.05 -41.27 -27.50
N ALA C 213 28.71 -42.39 -27.26
CA ALA C 213 28.70 -43.50 -28.21
C ALA C 213 27.49 -44.40 -28.01
N LYS C 214 27.06 -44.55 -26.76
CA LYS C 214 25.88 -45.37 -26.46
C LYS C 214 24.66 -44.77 -27.14
N TYR C 215 24.26 -43.59 -26.69
CA TYR C 215 23.10 -42.90 -27.24
C TYR C 215 23.44 -42.28 -28.59
N SER D 4 32.02 -39.53 2.90
CA SER D 4 32.49 -38.50 1.99
C SER D 4 32.87 -37.21 2.74
N PRO D 5 33.91 -36.51 2.27
CA PRO D 5 34.28 -35.22 2.89
C PRO D 5 33.42 -34.06 2.39
N GLY D 6 32.47 -34.37 1.51
CA GLY D 6 31.56 -33.36 0.98
C GLY D 6 32.11 -32.66 -0.24
N VAL D 7 31.47 -31.56 -0.62
CA VAL D 7 31.94 -30.74 -1.73
C VAL D 7 33.14 -29.91 -1.27
N VAL D 8 34.32 -30.24 -1.78
CA VAL D 8 35.55 -29.59 -1.35
C VAL D 8 35.80 -28.28 -2.09
N ILE D 9 35.74 -27.17 -1.36
CA ILE D 9 35.97 -25.84 -1.94
C ILE D 9 37.41 -25.39 -1.69
N SER D 10 38.09 -24.99 -2.75
CA SER D 10 39.51 -24.67 -2.69
C SER D 10 39.80 -23.33 -2.02
N ASP D 11 41.01 -23.20 -1.49
CA ASP D 11 41.46 -21.94 -0.90
C ASP D 11 41.43 -20.80 -1.92
N ASP D 12 41.57 -21.16 -3.19
CA ASP D 12 41.61 -20.18 -4.26
C ASP D 12 40.24 -19.94 -4.88
N GLU D 13 39.19 -20.40 -4.22
CA GLU D 13 37.83 -20.23 -4.72
C GLU D 13 37.48 -18.75 -4.85
N PRO D 14 37.19 -18.29 -6.08
CA PRO D 14 36.89 -16.85 -6.28
C PRO D 14 35.47 -16.46 -5.88
N GLY D 15 34.58 -17.44 -5.77
CA GLY D 15 33.17 -17.15 -5.52
C GLY D 15 32.51 -16.55 -6.75
N TYR D 16 31.45 -15.78 -6.52
CA TYR D 16 30.68 -15.18 -7.62
C TYR D 16 30.40 -13.70 -7.38
N ASP D 17 30.45 -12.92 -8.45
CA ASP D 17 30.11 -11.50 -8.38
C ASP D 17 28.67 -11.34 -7.90
N LEU D 18 28.46 -10.41 -6.97
CA LEU D 18 27.14 -10.16 -6.40
C LEU D 18 26.11 -9.74 -7.44
N ASP D 19 26.55 -9.06 -8.48
CA ASP D 19 25.63 -8.53 -9.50
C ASP D 19 25.02 -9.63 -10.37
N LEU D 20 25.47 -10.87 -10.19
CA LEU D 20 24.94 -12.01 -10.95
C LEU D 20 23.79 -12.70 -10.25
N PHE D 21 23.51 -12.28 -9.01
CA PHE D 21 22.50 -12.90 -8.17
C PHE D 21 21.60 -11.88 -7.53
N CYS D 22 20.47 -12.35 -7.01
CA CYS D 22 19.55 -11.51 -6.25
C CYS D 22 20.07 -11.37 -4.83
N ILE D 23 20.37 -10.14 -4.43
CA ILE D 23 20.95 -9.86 -3.12
C ILE D 23 20.11 -8.80 -2.38
N PRO D 24 19.84 -9.04 -1.09
CA PRO D 24 19.13 -7.99 -0.34
C PRO D 24 19.93 -6.68 -0.35
N ASN D 25 19.26 -5.57 -0.68
CA ASN D 25 19.96 -4.30 -0.86
C ASN D 25 20.60 -3.76 0.42
N HIS D 26 20.13 -4.19 1.58
CA HIS D 26 20.69 -3.67 2.83
C HIS D 26 22.03 -4.32 3.17
N TYR D 27 22.49 -5.24 2.30
CA TYR D 27 23.78 -5.89 2.48
C TYR D 27 24.69 -5.67 1.27
N ALA D 28 24.24 -4.86 0.32
CA ALA D 28 24.95 -4.65 -0.95
C ALA D 28 26.39 -4.20 -0.77
N GLU D 29 26.61 -3.34 0.22
CA GLU D 29 27.94 -2.81 0.51
C GLU D 29 28.69 -3.69 1.50
N ASP D 30 27.95 -4.50 2.24
CA ASP D 30 28.52 -5.26 3.35
C ASP D 30 29.10 -6.60 2.92
N LEU D 31 28.76 -7.02 1.70
CA LEU D 31 29.21 -8.31 1.17
C LEU D 31 30.21 -8.13 0.05
N GLU D 32 31.14 -9.07 -0.05
CA GLU D 32 32.20 -9.01 -1.05
C GLU D 32 31.91 -9.92 -2.23
N ARG D 33 31.28 -11.05 -1.95
CA ARG D 33 31.21 -12.13 -2.92
C ARG D 33 30.29 -13.24 -2.44
N VAL D 34 29.50 -13.80 -3.35
CA VAL D 34 28.76 -15.02 -3.07
C VAL D 34 29.77 -16.17 -3.06
N PHE D 35 29.76 -16.97 -1.99
CA PHE D 35 30.75 -18.04 -1.83
C PHE D 35 30.12 -19.38 -2.18
N ILE D 36 28.99 -19.70 -1.56
CA ILE D 36 28.22 -20.89 -1.91
C ILE D 36 26.78 -20.47 -2.24
N PRO D 37 26.40 -20.53 -3.52
CA PRO D 37 25.01 -20.19 -3.89
C PRO D 37 23.97 -21.06 -3.18
N HIS D 38 22.86 -20.44 -2.81
CA HIS D 38 21.78 -21.11 -2.10
C HIS D 38 21.32 -22.39 -2.80
N GLY D 39 21.14 -22.33 -4.12
CA GLY D 39 20.73 -23.50 -4.88
C GLY D 39 21.71 -24.66 -4.77
N LEU D 40 23.00 -24.34 -4.75
CA LEU D 40 24.03 -25.37 -4.62
C LEU D 40 23.85 -26.08 -3.29
N ILE D 41 23.54 -25.31 -2.25
CA ILE D 41 23.29 -25.87 -0.93
C ILE D 41 22.10 -26.83 -0.99
N MET D 42 21.02 -26.40 -1.66
CA MET D 42 19.84 -27.24 -1.82
C MET D 42 20.19 -28.56 -2.51
N ASP D 43 20.96 -28.48 -3.60
CA ASP D 43 21.32 -29.67 -4.37
C ASP D 43 22.11 -30.64 -3.51
N ARG D 44 23.07 -30.11 -2.76
CA ARG D 44 23.88 -30.94 -1.88
C ARG D 44 23.03 -31.53 -0.77
N THR D 45 22.15 -30.72 -0.19
CA THR D 45 21.30 -31.16 0.90
C THR D 45 20.35 -32.27 0.44
N GLU D 46 19.90 -32.20 -0.81
CA GLU D 46 19.06 -33.27 -1.37
C GLU D 46 19.81 -34.59 -1.33
N ARG D 47 21.05 -34.59 -1.81
CA ARG D 47 21.85 -35.82 -1.82
C ARG D 47 22.12 -36.32 -0.39
N LEU D 48 22.41 -35.39 0.51
CA LEU D 48 22.69 -35.71 1.91
C LEU D 48 21.46 -36.32 2.58
N ALA D 49 20.28 -35.84 2.22
CA ALA D 49 19.04 -36.41 2.75
C ALA D 49 18.97 -37.90 2.44
N ARG D 50 19.32 -38.27 1.22
CA ARG D 50 19.27 -39.67 0.84
C ARG D 50 20.34 -40.48 1.59
N ASP D 51 21.52 -39.89 1.75
CA ASP D 51 22.59 -40.56 2.49
C ASP D 51 22.16 -40.81 3.93
N VAL D 52 21.58 -39.79 4.55
CA VAL D 52 21.10 -39.91 5.92
C VAL D 52 20.09 -41.06 6.07
N MET D 53 19.10 -41.10 5.19
CA MET D 53 18.05 -42.11 5.29
C MET D 53 18.59 -43.50 5.04
N LYS D 54 19.59 -43.62 4.18
CA LYS D 54 20.19 -44.93 3.91
C LYS D 54 20.84 -45.46 5.18
N GLU D 55 21.45 -44.56 5.95
CA GLU D 55 22.17 -44.94 7.16
C GLU D 55 21.25 -45.05 8.37
N MET D 56 20.34 -44.09 8.51
CA MET D 56 19.59 -43.91 9.75
C MET D 56 18.10 -44.23 9.63
N GLY D 57 17.65 -44.48 8.40
CA GLY D 57 16.23 -44.65 8.14
C GLY D 57 15.66 -46.02 8.48
N GLY D 58 16.30 -46.72 9.41
CA GLY D 58 15.86 -48.04 9.81
C GLY D 58 15.21 -48.05 11.17
N HIS D 59 15.26 -46.91 11.85
CA HIS D 59 14.68 -46.77 13.17
C HIS D 59 14.34 -45.30 13.43
N HIS D 60 13.51 -45.07 14.44
CA HIS D 60 13.07 -43.74 14.84
C HIS D 60 14.22 -42.74 14.85
N ILE D 61 14.13 -41.72 13.99
CA ILE D 61 15.12 -40.65 13.96
C ILE D 61 14.70 -39.47 14.83
N VAL D 62 15.61 -39.05 15.71
CA VAL D 62 15.46 -37.80 16.44
C VAL D 62 16.35 -36.76 15.78
N ALA D 63 15.72 -35.78 15.13
CA ALA D 63 16.45 -34.70 14.48
C ALA D 63 16.68 -33.55 15.46
N LEU D 64 17.93 -33.33 15.82
CA LEU D 64 18.30 -32.34 16.82
C LEU D 64 19.00 -31.14 16.17
N CYS D 65 18.33 -29.99 16.23
CA CYS D 65 18.84 -28.77 15.63
C CYS D 65 19.71 -27.95 16.59
N VAL D 66 20.94 -27.64 16.18
CA VAL D 66 21.79 -26.78 16.99
C VAL D 66 21.57 -25.31 16.59
N LEU D 67 20.79 -24.61 17.39
CA LEU D 67 20.54 -23.18 17.18
C LEU D 67 21.82 -22.36 17.41
N LYS D 68 21.91 -21.16 16.85
CA LYS D 68 20.89 -20.61 15.94
C LYS D 68 21.19 -20.98 14.49
N GLY D 69 22.45 -20.84 14.10
CA GLY D 69 22.87 -20.94 12.72
C GLY D 69 22.55 -22.22 12.00
N GLY D 70 22.21 -23.27 12.75
CA GLY D 70 21.88 -24.55 12.15
C GLY D 70 20.44 -24.61 11.67
N TYR D 71 19.63 -23.61 12.01
CA TYR D 71 18.19 -23.71 11.81
C TYR D 71 17.79 -23.82 10.34
N LYS D 72 18.50 -23.14 9.44
CA LYS D 72 18.14 -23.20 8.02
C LYS D 72 18.51 -24.54 7.40
N PHE D 73 19.74 -24.98 7.64
CA PHE D 73 20.20 -26.27 7.18
C PHE D 73 19.30 -27.38 7.74
N PHE D 74 18.97 -27.24 9.02
CA PHE D 74 18.08 -28.17 9.69
C PHE D 74 16.73 -28.25 8.98
N ALA D 75 16.11 -27.10 8.74
CA ALA D 75 14.77 -27.09 8.19
C ALA D 75 14.77 -27.70 6.79
N ASP D 76 15.81 -27.39 6.02
CA ASP D 76 15.88 -27.84 4.63
C ASP D 76 16.21 -29.32 4.53
N LEU D 77 17.19 -29.76 5.30
CA LEU D 77 17.53 -31.18 5.34
C LEU D 77 16.32 -32.01 5.75
N LEU D 78 15.59 -31.55 6.76
CA LEU D 78 14.42 -32.29 7.23
C LEU D 78 13.33 -32.36 6.16
N ASP D 79 13.13 -31.26 5.44
CA ASP D 79 12.13 -31.24 4.38
C ASP D 79 12.49 -32.26 3.30
N TYR D 80 13.78 -32.39 2.98
CA TYR D 80 14.19 -33.37 1.97
C TYR D 80 13.98 -34.77 2.50
N ILE D 81 14.27 -34.98 3.78
CA ILE D 81 14.07 -36.29 4.41
C ILE D 81 12.58 -36.63 4.50
N LYS D 82 11.76 -35.63 4.80
CA LYS D 82 10.31 -35.80 4.84
C LYS D 82 9.77 -36.17 3.46
N ALA D 83 10.30 -35.52 2.42
CA ALA D 83 9.89 -35.82 1.05
C ALA D 83 10.18 -37.28 0.70
N LEU D 84 11.35 -37.76 1.08
CA LEU D 84 11.70 -39.17 0.90
C LEU D 84 10.73 -40.07 1.65
N ASN D 85 10.43 -39.68 2.89
CA ASN D 85 9.67 -40.53 3.79
C ASN D 85 8.21 -40.68 3.39
N ARG D 86 7.61 -39.64 2.80
CA ARG D 86 6.19 -39.70 2.40
C ARG D 86 6.00 -40.26 0.99
N ASN D 87 7.10 -40.58 0.32
CA ASN D 87 7.06 -41.17 -1.01
C ASN D 87 7.70 -42.55 -1.02
N SER D 88 7.70 -43.17 0.16
CA SER D 88 8.29 -44.48 0.36
C SER D 88 7.24 -45.46 0.86
N ASP D 89 7.32 -46.71 0.42
CA ASP D 89 6.42 -47.75 0.90
C ASP D 89 6.61 -47.94 2.40
N ARG D 90 7.86 -48.07 2.82
CA ARG D 90 8.21 -48.14 4.23
C ARG D 90 8.59 -46.75 4.73
N SER D 91 7.91 -46.29 5.78
CA SER D 91 8.18 -44.99 6.38
C SER D 91 8.51 -45.16 7.87
N ILE D 92 9.31 -44.22 8.38
CA ILE D 92 9.79 -44.27 9.75
C ILE D 92 9.35 -43.00 10.49
N PRO D 93 8.99 -43.14 11.78
CA PRO D 93 8.67 -41.91 12.52
C PRO D 93 9.88 -41.01 12.75
N MET D 94 9.63 -39.72 12.79
CA MET D 94 10.66 -38.72 13.04
C MET D 94 10.17 -37.72 14.09
N THR D 95 11.02 -37.42 15.06
CA THR D 95 10.77 -36.34 16.01
C THR D 95 11.86 -35.29 15.86
N VAL D 96 11.55 -34.06 16.27
CA VAL D 96 12.49 -32.95 16.18
C VAL D 96 12.68 -32.27 17.52
N ASP D 97 13.89 -31.78 17.74
CA ASP D 97 14.20 -31.02 18.94
C ASP D 97 15.23 -29.94 18.60
N PHE D 98 15.34 -28.95 19.49
CA PHE D 98 16.17 -27.78 19.28
C PHE D 98 17.00 -27.51 20.52
N ILE D 99 18.24 -27.11 20.28
CA ILE D 99 19.16 -26.86 21.38
C ILE D 99 20.16 -25.78 20.97
N ARG D 100 20.67 -25.07 21.97
CA ARG D 100 21.64 -23.99 21.76
C ARG D 100 22.79 -24.12 22.75
N LEU D 101 24.02 -24.02 22.24
CA LEU D 101 25.21 -24.08 23.07
C LEU D 101 25.83 -22.70 23.26
N LYS D 114 27.75 -25.04 27.71
CA LYS D 114 26.41 -24.97 28.29
C LYS D 114 25.31 -25.25 27.26
N VAL D 115 24.63 -26.38 27.42
CA VAL D 115 23.51 -26.74 26.57
C VAL D 115 22.21 -26.13 27.07
N ILE D 116 21.56 -25.34 26.22
CA ILE D 116 20.37 -24.59 26.60
C ILE D 116 19.10 -25.18 26.01
N GLY D 117 18.21 -25.58 26.90
CA GLY D 117 16.83 -25.90 26.56
C GLY D 117 16.58 -26.90 25.46
N GLY D 118 16.70 -28.19 25.78
CA GLY D 118 16.29 -29.24 24.87
C GLY D 118 15.16 -30.06 25.49
N ASP D 119 14.83 -31.20 24.87
CA ASP D 119 13.98 -32.18 25.52
C ASP D 119 14.76 -32.80 26.69
N ASP D 120 14.11 -33.65 27.46
CA ASP D 120 14.81 -34.47 28.43
C ASP D 120 15.81 -35.34 27.68
N LEU D 121 17.03 -35.41 28.19
CA LEU D 121 18.06 -36.20 27.53
C LEU D 121 17.68 -37.68 27.42
N SER D 122 16.71 -38.10 28.24
CA SER D 122 16.26 -39.50 28.23
C SER D 122 15.47 -39.86 26.97
N THR D 123 15.01 -38.86 26.22
CA THR D 123 14.27 -39.09 24.98
C THR D 123 15.19 -39.57 23.85
N LEU D 124 16.50 -39.45 24.06
CA LEU D 124 17.49 -39.84 23.06
C LEU D 124 17.78 -41.35 23.11
N THR D 125 17.49 -41.97 24.24
CA THR D 125 17.85 -43.36 24.47
C THR D 125 17.18 -44.31 23.47
N GLY D 126 17.98 -45.16 22.82
CA GLY D 126 17.48 -46.15 21.90
C GLY D 126 17.06 -45.61 20.54
N LYS D 127 17.27 -44.31 20.32
CA LYS D 127 16.87 -43.66 19.08
C LYS D 127 18.06 -43.38 18.16
N ASN D 128 17.77 -43.18 16.89
CA ASN D 128 18.78 -42.74 15.92
C ASN D 128 18.86 -41.22 15.92
N VAL D 129 19.85 -40.68 16.63
CA VAL D 129 19.93 -39.24 16.82
C VAL D 129 20.78 -38.59 15.74
N LEU D 130 20.16 -37.65 15.03
CA LEU D 130 20.81 -36.88 13.97
C LEU D 130 21.06 -35.46 14.46
N ILE D 131 22.31 -35.14 14.75
CA ILE D 131 22.70 -33.81 15.17
C ILE D 131 23.00 -32.97 13.93
N VAL D 132 22.37 -31.79 13.86
CA VAL D 132 22.49 -30.93 12.69
C VAL D 132 23.11 -29.58 13.08
N GLU D 133 24.22 -29.26 12.46
CA GLU D 133 25.00 -28.08 12.80
C GLU D 133 25.26 -27.25 11.54
N ASP D 134 25.58 -25.97 11.72
CA ASP D 134 25.88 -25.13 10.56
C ASP D 134 27.34 -25.25 10.15
N ILE D 135 28.25 -25.33 11.11
CA ILE D 135 29.67 -25.40 10.78
C ILE D 135 30.49 -26.06 11.86
N ILE D 136 31.43 -26.89 11.43
CA ILE D 136 32.45 -27.48 12.29
C ILE D 136 33.77 -26.76 12.02
N ASP D 137 34.39 -26.23 13.06
CA ASP D 137 35.65 -25.50 12.94
C ASP D 137 36.70 -26.18 13.84
N THR D 138 36.72 -25.83 15.11
CA THR D 138 37.65 -26.49 16.04
C THR D 138 37.19 -27.89 16.37
N GLY D 139 35.89 -28.14 16.24
CA GLY D 139 35.33 -29.44 16.57
C GLY D 139 35.00 -29.55 18.05
N LYS D 140 35.36 -28.52 18.80
CA LYS D 140 35.15 -28.48 20.25
C LYS D 140 33.67 -28.63 20.58
N THR D 141 32.84 -27.85 19.89
CA THR D 141 31.41 -27.83 20.12
C THR D 141 30.79 -29.22 19.98
N MET D 142 31.20 -29.94 18.94
CA MET D 142 30.58 -31.21 18.61
C MET D 142 31.08 -32.35 19.48
N GLN D 143 32.37 -32.33 19.84
CA GLN D 143 32.90 -33.34 20.74
C GLN D 143 32.25 -33.22 22.12
N THR D 144 31.97 -31.98 22.52
CA THR D 144 31.28 -31.73 23.78
C THR D 144 29.85 -32.27 23.73
N LEU D 145 29.14 -31.94 22.66
CA LEU D 145 27.76 -32.39 22.50
C LEU D 145 27.68 -33.90 22.40
N LEU D 146 28.60 -34.49 21.63
CA LEU D 146 28.64 -35.93 21.46
C LEU D 146 28.95 -36.63 22.78
N SER D 147 29.76 -36.00 23.63
CA SER D 147 30.06 -36.56 24.94
C SER D 147 28.79 -36.63 25.77
N LEU D 148 27.93 -35.63 25.62
CA LEU D 148 26.69 -35.55 26.37
C LEU D 148 25.68 -36.60 25.89
N VAL D 149 25.45 -36.64 24.58
CA VAL D 149 24.43 -37.49 24.01
C VAL D 149 24.73 -38.98 24.22
N ARG D 150 26.01 -39.36 24.08
CA ARG D 150 26.39 -40.75 24.18
C ARG D 150 26.17 -41.30 25.61
N GLN D 151 26.13 -40.42 26.59
CA GLN D 151 25.91 -40.84 27.96
C GLN D 151 24.49 -41.36 28.20
N TYR D 152 23.62 -41.19 27.19
CA TYR D 152 22.23 -41.60 27.29
C TYR D 152 21.87 -42.72 26.32
N ASN D 153 22.91 -43.44 25.87
CA ASN D 153 22.77 -44.69 25.12
C ASN D 153 21.75 -44.64 23.99
N PRO D 154 21.99 -43.74 23.02
CA PRO D 154 21.16 -43.78 21.82
C PRO D 154 21.50 -44.99 20.96
N LYS D 155 20.60 -45.40 20.07
CA LYS D 155 20.90 -46.51 19.17
C LYS D 155 22.09 -46.13 18.30
N MET D 156 22.12 -44.86 17.88
CA MET D 156 23.25 -44.30 17.16
C MET D 156 23.22 -42.78 17.27
N VAL D 157 24.36 -42.16 16.99
CA VAL D 157 24.46 -40.70 16.89
C VAL D 157 25.30 -40.35 15.66
N LYS D 158 24.69 -39.67 14.70
CA LYS D 158 25.38 -39.14 13.54
C LYS D 158 25.33 -37.63 13.58
N VAL D 159 26.32 -37.00 12.95
CA VAL D 159 26.36 -35.55 12.83
C VAL D 159 26.35 -35.12 11.36
N ALA D 160 25.43 -34.23 11.03
CA ALA D 160 25.42 -33.58 9.74
C ALA D 160 25.76 -32.11 9.97
N SER D 161 26.77 -31.62 9.25
CA SER D 161 27.14 -30.22 9.31
C SER D 161 27.19 -29.67 7.90
N LEU D 162 26.60 -28.50 7.68
CA LEU D 162 26.60 -27.88 6.36
C LEU D 162 28.03 -27.62 5.91
N LEU D 163 28.83 -27.08 6.82
CA LEU D 163 30.20 -26.70 6.52
C LEU D 163 31.19 -27.38 7.45
N VAL D 164 32.34 -27.74 6.89
CA VAL D 164 33.50 -28.11 7.67
C VAL D 164 34.63 -27.18 7.25
N LYS D 165 35.23 -26.50 8.22
CA LYS D 165 36.29 -25.55 7.91
C LYS D 165 37.64 -26.25 7.92
N ARG D 166 38.41 -25.98 6.87
CA ARG D 166 39.73 -26.57 6.71
C ARG D 166 40.72 -25.70 7.45
N THR D 167 41.08 -26.12 8.66
CA THR D 167 41.90 -25.30 9.55
C THR D 167 42.91 -26.15 10.31
N PRO D 168 44.13 -25.61 10.52
CA PRO D 168 45.06 -26.30 11.42
C PRO D 168 44.51 -26.33 12.85
N ARG D 169 43.57 -25.43 13.14
CA ARG D 169 42.93 -25.35 14.44
C ARG D 169 41.73 -26.31 14.49
N SER D 170 42.03 -27.59 14.63
CA SER D 170 41.00 -28.63 14.68
C SER D 170 41.37 -29.77 15.62
N VAL D 171 40.41 -30.23 16.40
CA VAL D 171 40.63 -31.33 17.34
C VAL D 171 40.73 -32.66 16.59
N GLY D 172 40.44 -32.64 15.30
CA GLY D 172 40.52 -33.82 14.46
C GLY D 172 39.20 -34.57 14.38
N TYR D 173 38.09 -33.86 14.53
CA TYR D 173 36.77 -34.48 14.46
C TYR D 173 36.13 -34.33 13.09
N LYS D 174 35.56 -35.41 12.58
CA LYS D 174 34.89 -35.42 11.28
C LYS D 174 33.42 -35.82 11.39
N PRO D 175 32.50 -34.94 10.94
CA PRO D 175 31.08 -35.34 10.96
C PRO D 175 30.75 -36.44 9.96
N ASP D 176 29.59 -37.06 10.12
CA ASP D 176 29.20 -38.20 9.29
C ASP D 176 28.66 -37.75 7.94
N PHE D 177 28.06 -36.56 7.93
CA PHE D 177 27.50 -35.97 6.71
C PHE D 177 27.99 -34.54 6.57
N VAL D 178 28.59 -34.24 5.43
CA VAL D 178 29.18 -32.92 5.18
C VAL D 178 28.64 -32.32 3.89
N GLY D 179 28.15 -31.10 3.98
CA GLY D 179 27.72 -30.39 2.79
C GLY D 179 28.93 -29.93 2.01
N PHE D 180 29.69 -29.02 2.61
CA PHE D 180 30.83 -28.40 1.95
C PHE D 180 32.05 -28.29 2.89
N GLU D 181 33.24 -28.51 2.34
CA GLU D 181 34.48 -28.26 3.07
C GLU D 181 35.10 -26.98 2.55
N ILE D 182 35.21 -25.98 3.41
CA ILE D 182 35.63 -24.66 2.97
C ILE D 182 36.99 -24.25 3.52
N PRO D 183 37.63 -23.25 2.88
CA PRO D 183 38.86 -22.65 3.38
C PRO D 183 38.71 -22.01 4.75
N ASP D 184 39.83 -21.66 5.36
CA ASP D 184 39.85 -20.98 6.64
C ASP D 184 39.47 -19.51 6.45
N LYS D 185 38.26 -19.30 5.94
CA LYS D 185 37.71 -17.97 5.68
C LYS D 185 36.43 -17.76 6.47
N PHE D 186 36.16 -16.52 6.87
CA PHE D 186 34.92 -16.24 7.57
C PHE D 186 33.77 -16.04 6.59
N VAL D 187 32.72 -16.83 6.77
CA VAL D 187 31.56 -16.78 5.88
C VAL D 187 30.30 -16.48 6.68
N VAL D 188 29.29 -15.93 5.99
CA VAL D 188 28.01 -15.61 6.60
C VAL D 188 26.91 -15.98 5.61
N GLY D 189 25.67 -15.99 6.10
CA GLY D 189 24.53 -16.29 5.24
C GLY D 189 23.98 -17.68 5.48
N TYR D 190 22.79 -17.94 4.95
CA TYR D 190 22.08 -19.20 5.17
C TYR D 190 22.06 -19.49 6.67
N ALA D 191 21.62 -18.49 7.43
CA ALA D 191 21.50 -18.52 8.90
C ALA D 191 22.82 -18.37 9.65
N LEU D 192 23.96 -18.44 8.97
CA LEU D 192 25.23 -18.17 9.63
C LEU D 192 25.39 -16.66 9.78
N ASP D 193 25.89 -16.23 10.93
CA ASP D 193 25.88 -14.81 11.26
C ASP D 193 27.25 -14.18 11.42
N TYR D 194 27.23 -12.85 11.41
CA TYR D 194 28.32 -12.05 11.96
C TYR D 194 27.68 -11.07 12.92
N ASN D 195 27.84 -11.32 14.21
CA ASN D 195 27.19 -10.53 15.25
C ASN D 195 25.69 -10.40 15.02
N GLU D 196 25.06 -11.54 14.74
CA GLU D 196 23.61 -11.69 14.54
C GLU D 196 23.11 -11.16 13.20
N TYR D 197 23.98 -10.51 12.43
CA TYR D 197 23.59 -10.05 11.10
C TYR D 197 23.87 -11.11 10.04
N PHE D 198 23.32 -10.90 8.85
CA PHE D 198 23.51 -11.77 7.69
C PHE D 198 22.79 -13.12 7.78
N ARG D 199 22.04 -13.37 8.85
CA ARG D 199 21.26 -14.60 8.90
C ARG D 199 20.15 -14.56 7.85
N ASP D 200 19.64 -13.36 7.57
CA ASP D 200 18.54 -13.16 6.62
C ASP D 200 19.06 -13.08 5.18
N LEU D 201 19.80 -14.11 4.78
CA LEU D 201 20.45 -14.16 3.48
C LEU D 201 20.46 -15.61 3.03
N ASN D 202 20.02 -15.88 1.80
CA ASN D 202 19.88 -17.26 1.36
C ASN D 202 21.24 -17.86 0.96
N HIS D 203 22.13 -17.01 0.44
CA HIS D 203 23.46 -17.47 0.01
C HIS D 203 24.44 -17.48 1.17
N VAL D 204 25.44 -18.36 1.10
CA VAL D 204 26.61 -18.24 1.95
C VAL D 204 27.60 -17.31 1.25
N CYS D 205 28.05 -16.29 1.97
CA CYS D 205 28.86 -15.23 1.37
C CYS D 205 30.01 -14.79 2.25
N VAL D 206 30.90 -13.98 1.66
CA VAL D 206 32.02 -13.38 2.37
C VAL D 206 31.76 -11.89 2.56
N ILE D 207 31.95 -11.39 3.78
CA ILE D 207 31.65 -10.00 4.08
C ILE D 207 32.80 -9.10 3.65
N SER D 208 32.47 -7.89 3.26
CA SER D 208 33.47 -6.89 2.91
C SER D 208 34.06 -6.28 4.18
N GLU D 209 35.24 -5.69 4.07
CA GLU D 209 35.88 -5.00 5.18
C GLU D 209 34.97 -3.91 5.71
N THR D 210 34.21 -3.30 4.80
CA THR D 210 33.30 -2.23 5.16
C THR D 210 32.09 -2.82 5.89
N GLY D 211 31.78 -4.07 5.58
CA GLY D 211 30.69 -4.77 6.25
C GLY D 211 31.09 -5.21 7.64
N LYS D 212 32.33 -5.66 7.78
CA LYS D 212 32.83 -6.14 9.06
C LYS D 212 32.92 -5.01 10.08
N ALA D 213 33.44 -3.86 9.64
CA ALA D 213 33.57 -2.70 10.51
C ALA D 213 32.20 -2.14 10.89
N LYS D 214 31.27 -2.25 9.96
CA LYS D 214 29.93 -1.72 10.14
C LYS D 214 29.16 -2.47 11.23
N TYR D 215 29.31 -3.79 11.26
CA TYR D 215 28.60 -4.62 12.21
C TYR D 215 29.50 -5.16 13.32
N LYS D 216 30.70 -4.60 13.43
CA LYS D 216 31.63 -4.97 14.49
C LYS D 216 31.01 -4.66 15.85
N ALA D 217 31.23 -5.55 16.81
CA ALA D 217 30.77 -5.34 18.18
C ALA D 217 31.30 -4.01 18.73
N ARG E 3 -28.01 37.05 -14.79
CA ARG E 3 -28.44 36.39 -16.02
C ARG E 3 -27.83 34.99 -16.13
N SER E 4 -27.28 34.49 -15.02
CA SER E 4 -26.63 33.19 -15.02
C SER E 4 -27.60 32.03 -14.74
N PRO E 5 -27.74 31.08 -15.69
CA PRO E 5 -28.52 29.87 -15.40
C PRO E 5 -27.74 28.87 -14.56
N GLY E 6 -26.48 29.21 -14.26
CA GLY E 6 -25.64 28.35 -13.45
C GLY E 6 -24.79 27.45 -14.32
N VAL E 7 -24.08 26.52 -13.69
CA VAL E 7 -23.29 25.54 -14.42
C VAL E 7 -24.22 24.51 -15.04
N VAL E 8 -24.34 24.56 -16.36
CA VAL E 8 -25.26 23.67 -17.07
C VAL E 8 -24.62 22.30 -17.28
N ILE E 9 -25.26 21.29 -16.69
CA ILE E 9 -24.83 19.90 -16.84
C ILE E 9 -25.75 19.19 -17.81
N SER E 10 -25.15 18.66 -18.89
CA SER E 10 -25.91 18.09 -19.98
C SER E 10 -26.59 16.77 -19.63
N ASP E 11 -27.55 16.36 -20.46
CA ASP E 11 -28.25 15.10 -20.27
C ASP E 11 -27.29 13.92 -20.40
N ASP E 12 -26.30 14.07 -21.27
CA ASP E 12 -25.37 12.98 -21.58
C ASP E 12 -24.20 12.93 -20.61
N GLU E 13 -24.20 13.81 -19.61
CA GLU E 13 -23.13 13.88 -18.63
C GLU E 13 -22.88 12.51 -17.99
N PRO E 14 -21.68 11.95 -18.16
CA PRO E 14 -21.40 10.61 -17.63
C PRO E 14 -21.13 10.59 -16.13
N GLY E 15 -20.74 11.71 -15.55
CA GLY E 15 -20.33 11.75 -14.17
C GLY E 15 -18.94 11.14 -14.01
N TYR E 16 -18.60 10.74 -12.79
CA TYR E 16 -17.26 10.26 -12.49
C TYR E 16 -17.26 8.91 -11.78
N ASP E 17 -16.25 8.11 -12.10
CA ASP E 17 -16.04 6.82 -11.46
C ASP E 17 -15.83 6.97 -9.95
N LEU E 18 -16.59 6.20 -9.16
CA LEU E 18 -16.48 6.25 -7.71
C LEU E 18 -15.07 5.93 -7.22
N ASP E 19 -14.35 5.11 -7.99
CA ASP E 19 -13.03 4.64 -7.60
C ASP E 19 -11.95 5.70 -7.80
N LEU E 20 -12.35 6.88 -8.28
CA LEU E 20 -11.43 7.99 -8.48
C LEU E 20 -11.46 8.97 -7.30
N PHE E 21 -12.39 8.74 -6.38
CA PHE E 21 -12.61 9.63 -5.24
C PHE E 21 -12.68 8.87 -3.93
N CYS E 22 -12.66 9.63 -2.84
CA CYS E 22 -12.89 9.07 -1.52
C CYS E 22 -14.38 9.14 -1.23
N ILE E 23 -14.99 7.98 -1.00
CA ILE E 23 -16.40 7.93 -0.65
C ILE E 23 -16.59 6.98 0.53
N PRO E 24 -17.64 7.21 1.35
CA PRO E 24 -17.88 6.36 2.51
C PRO E 24 -18.21 4.91 2.11
N ASN E 25 -17.61 3.96 2.81
CA ASN E 25 -17.77 2.54 2.51
C ASN E 25 -19.20 2.02 2.53
N HIS E 26 -20.05 2.60 3.39
CA HIS E 26 -21.41 2.09 3.53
C HIS E 26 -22.30 2.48 2.35
N TYR E 27 -21.74 3.20 1.38
CA TYR E 27 -22.48 3.58 0.18
C TYR E 27 -21.81 3.06 -1.11
N ALA E 28 -20.73 2.32 -0.95
CA ALA E 28 -19.90 1.88 -2.07
C ALA E 28 -20.68 1.04 -3.08
N GLU E 29 -21.76 0.41 -2.63
CA GLU E 29 -22.60 -0.41 -3.49
C GLU E 29 -23.87 0.32 -3.90
N ASP E 30 -24.20 1.38 -3.17
CA ASP E 30 -25.48 2.06 -3.33
C ASP E 30 -25.41 3.23 -4.31
N LEU E 31 -24.20 3.60 -4.72
CA LEU E 31 -24.01 4.71 -5.65
C LEU E 31 -23.57 4.18 -7.01
N GLU E 32 -23.96 4.88 -8.06
CA GLU E 32 -23.61 4.51 -9.44
C GLU E 32 -22.39 5.30 -9.90
N ARG E 33 -22.50 6.62 -9.81
CA ARG E 33 -21.44 7.53 -10.24
C ARG E 33 -21.45 8.78 -9.36
N VAL E 34 -20.32 9.46 -9.26
CA VAL E 34 -20.29 10.82 -8.77
C VAL E 34 -20.82 11.72 -9.88
N PHE E 35 -21.80 12.56 -9.55
CA PHE E 35 -22.44 13.42 -10.53
C PHE E 35 -21.82 14.80 -10.50
N ILE E 36 -21.79 15.40 -9.31
CA ILE E 36 -21.12 16.68 -9.10
C ILE E 36 -20.16 16.59 -7.91
N PRO E 37 -18.85 16.63 -8.18
CA PRO E 37 -17.86 16.56 -7.09
C PRO E 37 -18.02 17.68 -6.06
N HIS E 38 -17.76 17.36 -4.79
CA HIS E 38 -17.87 18.30 -3.70
C HIS E 38 -17.12 19.60 -3.99
N GLY E 39 -15.90 19.46 -4.50
CA GLY E 39 -15.06 20.61 -4.76
C GLY E 39 -15.59 21.52 -5.85
N LEU E 40 -16.24 20.94 -6.85
CA LEU E 40 -16.88 21.71 -7.90
C LEU E 40 -17.98 22.59 -7.30
N ILE E 41 -18.76 21.99 -6.39
CA ILE E 41 -19.80 22.72 -5.67
C ILE E 41 -19.21 23.89 -4.88
N MET E 42 -18.10 23.64 -4.18
CA MET E 42 -17.43 24.68 -3.42
C MET E 42 -16.99 25.83 -4.33
N ASP E 43 -16.31 25.50 -5.42
CA ASP E 43 -15.85 26.52 -6.35
C ASP E 43 -17.01 27.35 -6.90
N ARG E 44 -18.09 26.68 -7.29
CA ARG E 44 -19.26 27.37 -7.79
C ARG E 44 -19.89 28.23 -6.69
N THR E 45 -20.01 27.67 -5.49
CA THR E 45 -20.60 28.37 -4.37
C THR E 45 -19.79 29.61 -3.98
N GLU E 46 -18.47 29.56 -4.18
CA GLU E 46 -17.61 30.72 -3.94
C GLU E 46 -17.99 31.90 -4.84
N ARG E 47 -18.24 31.61 -6.11
CA ARG E 47 -18.62 32.67 -7.04
C ARG E 47 -20.02 33.19 -6.69
N LEU E 48 -20.90 32.28 -6.28
CA LEU E 48 -22.25 32.64 -5.89
C LEU E 48 -22.23 33.60 -4.71
N ALA E 49 -21.32 33.38 -3.77
CA ALA E 49 -21.20 34.27 -2.61
C ALA E 49 -20.88 35.69 -3.04
N ARG E 50 -20.02 35.84 -4.04
CA ARG E 50 -19.65 37.17 -4.50
C ARG E 50 -20.81 37.80 -5.27
N ASP E 51 -21.50 36.99 -6.07
CA ASP E 51 -22.69 37.45 -6.79
C ASP E 51 -23.72 37.97 -5.79
N VAL E 52 -23.98 37.17 -4.76
CA VAL E 52 -24.93 37.54 -3.71
C VAL E 52 -24.57 38.86 -3.05
N MET E 53 -23.31 38.99 -2.64
CA MET E 53 -22.85 40.20 -1.96
C MET E 53 -22.94 41.41 -2.89
N LYS E 54 -22.79 41.18 -4.19
CA LYS E 54 -22.86 42.28 -5.13
C LYS E 54 -24.27 42.83 -5.24
N GLU E 55 -25.26 41.94 -5.30
CA GLU E 55 -26.65 42.34 -5.49
C GLU E 55 -27.39 42.63 -4.17
N MET E 56 -26.89 42.08 -3.07
CA MET E 56 -27.59 42.17 -1.78
C MET E 56 -26.75 42.82 -0.67
N GLY E 57 -25.51 43.20 -1.01
CA GLY E 57 -24.58 43.71 -0.02
C GLY E 57 -24.88 45.11 0.48
N GLY E 58 -25.90 45.75 -0.09
CA GLY E 58 -26.21 47.13 0.24
C GLY E 58 -26.91 47.31 1.58
N HIS E 59 -27.49 46.23 2.10
CA HIS E 59 -28.24 46.31 3.34
C HIS E 59 -28.24 44.98 4.10
N HIS E 60 -28.59 45.05 5.38
CA HIS E 60 -28.71 43.87 6.26
C HIS E 60 -29.34 42.69 5.54
N ILE E 61 -28.61 41.58 5.53
CA ILE E 61 -29.07 40.35 4.89
C ILE E 61 -29.63 39.36 5.91
N VAL E 62 -30.83 38.86 5.66
CA VAL E 62 -31.35 37.73 6.40
C VAL E 62 -31.26 36.48 5.53
N ALA E 63 -30.42 35.53 5.94
CA ALA E 63 -30.22 34.29 5.19
C ALA E 63 -31.13 33.20 5.74
N LEU E 64 -32.01 32.71 4.87
CA LEU E 64 -33.04 31.74 5.25
C LEU E 64 -32.69 30.36 4.72
N CYS E 65 -32.37 29.44 5.64
CA CYS E 65 -32.02 28.07 5.29
C CYS E 65 -33.25 27.19 5.20
N VAL E 66 -33.47 26.59 4.04
CA VAL E 66 -34.58 25.66 3.87
C VAL E 66 -34.09 24.25 4.20
N LEU E 67 -34.50 23.74 5.36
CA LEU E 67 -34.11 22.43 5.83
C LEU E 67 -34.96 21.34 5.19
N LYS E 68 -34.44 20.10 5.12
CA LYS E 68 -33.11 19.72 5.59
C LYS E 68 -32.04 19.86 4.51
N GLY E 69 -32.44 19.56 3.28
CA GLY E 69 -31.53 19.45 2.16
C GLY E 69 -30.71 20.69 1.87
N GLY E 70 -31.15 21.85 2.35
CA GLY E 70 -30.43 23.09 2.10
C GLY E 70 -29.32 23.38 3.10
N TYR E 71 -29.16 22.55 4.12
CA TYR E 71 -28.30 22.91 5.24
C TYR E 71 -26.82 22.97 4.83
N LYS E 72 -26.37 22.02 4.01
CA LYS E 72 -24.98 22.02 3.58
C LYS E 72 -24.65 23.24 2.71
N PHE E 73 -25.43 23.43 1.65
CA PHE E 73 -25.26 24.55 0.72
C PHE E 73 -25.33 25.89 1.44
N PHE E 74 -26.27 25.99 2.36
CA PHE E 74 -26.45 27.20 3.18
C PHE E 74 -25.20 27.48 4.02
N ALA E 75 -24.67 26.44 4.66
CA ALA E 75 -23.52 26.60 5.54
C ALA E 75 -22.30 27.09 4.74
N ASP E 76 -22.00 26.41 3.65
CA ASP E 76 -20.82 26.75 2.85
C ASP E 76 -20.99 28.09 2.15
N LEU E 77 -22.20 28.36 1.65
CA LEU E 77 -22.48 29.62 1.00
C LEU E 77 -22.25 30.80 1.95
N LEU E 78 -22.73 30.67 3.18
CA LEU E 78 -22.56 31.77 4.15
C LEU E 78 -21.12 31.89 4.63
N ASP E 79 -20.39 30.78 4.67
CA ASP E 79 -18.97 30.83 5.01
C ASP E 79 -18.22 31.64 3.97
N TYR E 80 -18.54 31.42 2.70
CA TYR E 80 -17.91 32.18 1.63
C TYR E 80 -18.31 33.64 1.72
N ILE E 81 -19.57 33.90 2.09
CA ILE E 81 -20.03 35.26 2.28
C ILE E 81 -19.31 35.91 3.47
N LYS E 82 -19.08 35.14 4.53
CA LYS E 82 -18.40 35.65 5.71
C LYS E 82 -16.94 35.96 5.37
N ALA E 83 -16.30 35.08 4.61
CA ALA E 83 -14.93 35.29 4.18
C ALA E 83 -14.81 36.61 3.43
N LEU E 84 -15.76 36.86 2.53
CA LEU E 84 -15.83 38.11 1.79
C LEU E 84 -15.96 39.30 2.71
N ASN E 85 -16.80 39.16 3.74
CA ASN E 85 -17.18 40.28 4.58
C ASN E 85 -16.11 40.72 5.56
N ARG E 86 -15.23 39.80 5.95
CA ARG E 86 -14.18 40.15 6.90
C ARG E 86 -12.90 40.55 6.17
N ASN E 87 -12.96 40.60 4.83
CA ASN E 87 -11.79 40.88 4.02
C ASN E 87 -11.97 42.04 3.04
N SER E 88 -13.07 42.78 3.20
CA SER E 88 -13.38 43.89 2.30
C SER E 88 -13.55 45.18 3.10
N ASP E 89 -13.44 46.32 2.41
CA ASP E 89 -13.55 47.62 3.07
C ASP E 89 -14.98 47.86 3.55
N ARG E 90 -15.96 47.40 2.77
CA ARG E 90 -17.36 47.54 3.12
C ARG E 90 -17.95 46.18 3.50
N SER E 91 -18.81 46.20 4.52
CA SER E 91 -19.45 44.99 5.02
C SER E 91 -20.85 45.31 5.54
N ILE E 92 -21.65 44.28 5.71
CA ILE E 92 -23.02 44.43 6.22
C ILE E 92 -23.34 43.33 7.22
N PRO E 93 -24.22 43.62 8.20
CA PRO E 93 -24.66 42.56 9.11
C PRO E 93 -25.42 41.48 8.38
N MET E 94 -25.32 40.25 8.88
CA MET E 94 -26.09 39.14 8.35
C MET E 94 -26.62 38.30 9.51
N THR E 95 -27.93 38.13 9.54
CA THR E 95 -28.59 37.25 10.49
C THR E 95 -29.07 36.00 9.75
N VAL E 96 -29.36 34.95 10.51
CA VAL E 96 -29.77 33.68 9.92
C VAL E 96 -31.01 33.12 10.60
N ASP E 97 -31.77 32.36 9.84
CA ASP E 97 -32.93 31.64 10.36
C ASP E 97 -33.14 30.37 9.56
N PHE E 98 -33.96 29.48 10.11
CA PHE E 98 -34.18 28.17 9.52
C PHE E 98 -35.67 27.89 9.45
N ILE E 99 -36.12 27.48 8.26
CA ILE E 99 -37.51 27.06 8.09
C ILE E 99 -37.55 25.67 7.48
N ARG E 100 -38.60 24.94 7.85
CA ARG E 100 -38.83 23.55 7.45
C ARG E 100 -40.23 23.46 6.83
N LEU E 101 -40.41 22.53 5.91
CA LEU E 101 -41.69 22.38 5.21
C LEU E 101 -42.33 21.02 5.46
N LYS E 102 -43.63 21.02 5.74
CA LYS E 102 -44.40 19.81 5.96
C LYS E 102 -45.83 20.02 5.48
N SER E 103 -46.58 18.93 5.38
CA SER E 103 -47.95 18.96 4.89
C SER E 103 -48.96 19.33 5.98
N TYR E 104 -50.01 20.03 5.60
CA TYR E 104 -51.10 20.35 6.53
C TYR E 104 -51.91 19.10 6.89
N GLY E 111 -53.81 20.87 2.40
CA GLY E 111 -53.63 22.31 2.38
C GLY E 111 -52.31 22.73 1.76
N ASP E 112 -51.76 21.86 0.91
CA ASP E 112 -50.45 22.08 0.28
C ASP E 112 -49.34 22.20 1.35
N ILE E 113 -48.57 23.29 1.32
CA ILE E 113 -47.30 23.34 2.06
C ILE E 113 -47.35 24.29 3.25
N LYS E 114 -47.03 23.74 4.42
CA LYS E 114 -46.91 24.52 5.65
C LYS E 114 -45.43 24.81 5.92
N VAL E 115 -45.13 26.02 6.40
CA VAL E 115 -43.76 26.41 6.71
C VAL E 115 -43.54 26.40 8.22
N ILE E 116 -42.49 25.69 8.65
CA ILE E 116 -42.23 25.40 10.05
C ILE E 116 -40.98 26.12 10.56
N GLY E 117 -41.06 26.61 11.80
CA GLY E 117 -39.86 26.94 12.57
C GLY E 117 -39.21 28.28 12.30
N GLY E 118 -39.87 29.16 11.56
CA GLY E 118 -39.36 30.50 11.37
C GLY E 118 -39.39 31.30 12.66
N ASP E 119 -40.13 30.79 13.65
CA ASP E 119 -40.33 31.48 14.93
C ASP E 119 -40.85 32.90 14.70
N ASP E 120 -39.97 33.89 14.89
CA ASP E 120 -40.35 35.30 14.74
C ASP E 120 -39.75 35.88 13.47
N LEU E 121 -40.56 35.93 12.42
CA LEU E 121 -40.09 36.36 11.10
C LEU E 121 -40.45 37.82 10.81
N SER E 122 -40.90 38.55 11.83
CA SER E 122 -41.10 39.98 11.67
C SER E 122 -39.75 40.67 11.47
N THR E 123 -38.67 39.96 11.81
CA THR E 123 -37.32 40.45 11.59
C THR E 123 -37.03 40.65 10.09
N LEU E 124 -37.71 39.90 9.23
CA LEU E 124 -37.51 39.99 7.79
C LEU E 124 -37.89 41.37 7.24
N THR E 125 -38.68 42.12 8.00
CA THR E 125 -39.18 43.40 7.53
C THR E 125 -38.05 44.41 7.29
N GLY E 126 -38.02 44.96 6.08
CA GLY E 126 -37.08 46.02 5.73
C GLY E 126 -35.67 45.54 5.44
N LYS E 127 -35.51 44.23 5.32
CA LYS E 127 -34.19 43.63 5.13
C LYS E 127 -34.12 42.83 3.83
N ASN E 128 -32.89 42.58 3.38
CA ASN E 128 -32.65 41.77 2.20
C ASN E 128 -32.64 40.31 2.54
N VAL E 129 -33.71 39.61 2.15
CA VAL E 129 -33.88 38.23 2.53
C VAL E 129 -33.32 37.29 1.46
N LEU E 130 -32.48 36.36 1.89
CA LEU E 130 -31.91 35.36 1.01
C LEU E 130 -32.48 33.99 1.34
N ILE E 131 -33.27 33.45 0.43
CA ILE E 131 -33.82 32.11 0.59
C ILE E 131 -32.83 31.12 -0.01
N VAL E 132 -32.40 30.14 0.79
CA VAL E 132 -31.42 29.16 0.34
C VAL E 132 -32.03 27.75 0.31
N GLU E 133 -32.15 27.20 -0.89
CA GLU E 133 -32.79 25.91 -1.10
C GLU E 133 -31.83 24.93 -1.76
N ASP E 134 -32.17 23.64 -1.69
CA ASP E 134 -31.33 22.60 -2.28
C ASP E 134 -31.61 22.40 -3.76
N ILE E 135 -32.88 22.28 -4.12
CA ILE E 135 -33.24 21.96 -5.50
C ILE E 135 -34.58 22.55 -5.91
N ILE E 136 -34.58 23.17 -7.09
CA ILE E 136 -35.80 23.64 -7.75
C ILE E 136 -36.22 22.61 -8.79
N ASP E 137 -37.39 22.02 -8.60
CA ASP E 137 -37.92 21.06 -9.57
C ASP E 137 -39.24 21.62 -10.12
N THR E 138 -40.34 21.41 -9.39
CA THR E 138 -41.62 22.00 -9.79
C THR E 138 -41.64 23.50 -9.52
N GLY E 139 -40.75 23.95 -8.64
CA GLY E 139 -40.69 25.35 -8.27
C GLY E 139 -41.75 25.73 -7.24
N LYS E 140 -42.52 24.75 -6.78
CA LYS E 140 -43.62 25.01 -5.86
C LYS E 140 -43.10 25.39 -4.47
N THR E 141 -42.03 24.72 -4.03
CA THR E 141 -41.44 25.00 -2.73
C THR E 141 -40.94 26.44 -2.68
N MET E 142 -40.34 26.87 -3.79
CA MET E 142 -39.79 28.20 -3.90
C MET E 142 -40.88 29.27 -3.88
N GLN E 143 -41.98 29.00 -4.57
CA GLN E 143 -43.09 29.94 -4.60
C GLN E 143 -43.73 30.07 -3.22
N THR E 144 -43.78 28.96 -2.50
CA THR E 144 -44.33 28.94 -1.15
C THR E 144 -43.52 29.84 -0.21
N LEU E 145 -42.19 29.72 -0.29
CA LEU E 145 -41.31 30.51 0.55
C LEU E 145 -41.33 31.98 0.13
N LEU E 146 -41.33 32.23 -1.18
CA LEU E 146 -41.42 33.59 -1.68
C LEU E 146 -42.68 34.28 -1.16
N SER E 147 -43.83 33.63 -1.33
CA SER E 147 -45.11 34.21 -0.92
C SER E 147 -45.15 34.53 0.56
N LEU E 148 -44.64 33.62 1.38
CA LEU E 148 -44.67 33.79 2.83
C LEU E 148 -43.76 34.91 3.27
N VAL E 149 -42.58 34.99 2.66
CA VAL E 149 -41.60 36.02 3.02
C VAL E 149 -42.16 37.42 2.78
N ARG E 150 -42.92 37.57 1.71
CA ARG E 150 -43.46 38.87 1.34
C ARG E 150 -44.62 39.31 2.25
N GLN E 151 -45.07 38.42 3.13
CA GLN E 151 -46.10 38.76 4.12
C GLN E 151 -45.48 39.58 5.25
N TYR E 152 -44.16 39.57 5.32
CA TYR E 152 -43.41 40.30 6.34
C TYR E 152 -42.72 41.54 5.74
N ASN E 153 -43.03 41.82 4.48
CA ASN E 153 -42.60 43.06 3.80
C ASN E 153 -41.10 43.35 3.91
N PRO E 154 -40.28 42.61 3.13
CA PRO E 154 -38.83 42.85 3.12
C PRO E 154 -38.41 43.89 2.08
N LYS E 155 -37.18 44.36 2.17
CA LYS E 155 -36.65 45.30 1.17
C LYS E 155 -36.45 44.60 -0.16
N MET E 156 -35.94 43.37 -0.09
CA MET E 156 -35.80 42.54 -1.28
C MET E 156 -35.84 41.07 -0.85
N VAL E 157 -36.24 40.22 -1.77
CA VAL E 157 -36.16 38.77 -1.57
C VAL E 157 -35.42 38.16 -2.75
N LYS E 158 -34.46 37.30 -2.44
CA LYS E 158 -33.71 36.58 -3.47
C LYS E 158 -33.68 35.11 -3.13
N VAL E 159 -33.51 34.29 -4.16
CA VAL E 159 -33.45 32.85 -4.01
C VAL E 159 -32.14 32.31 -4.55
N ALA E 160 -31.41 31.61 -3.69
CA ALA E 160 -30.25 30.84 -4.11
C ALA E 160 -30.61 29.35 -4.04
N SER E 161 -30.33 28.61 -5.11
CA SER E 161 -30.56 27.16 -5.14
C SER E 161 -29.36 26.41 -5.72
N LEU E 162 -28.93 25.37 -5.01
CA LEU E 162 -27.78 24.59 -5.45
C LEU E 162 -28.06 23.99 -6.83
N LEU E 163 -29.23 23.35 -6.96
CA LEU E 163 -29.60 22.65 -8.18
C LEU E 163 -30.90 23.20 -8.75
N VAL E 164 -30.98 23.20 -10.08
CA VAL E 164 -32.21 23.48 -10.80
C VAL E 164 -32.39 22.40 -11.86
N LYS E 165 -33.54 21.74 -11.84
CA LYS E 165 -33.81 20.63 -12.74
C LYS E 165 -34.49 21.08 -14.02
N ARG E 166 -34.08 20.49 -15.14
CA ARG E 166 -34.75 20.70 -16.41
C ARG E 166 -36.02 19.87 -16.43
N THR E 167 -37.08 20.42 -15.85
CA THR E 167 -38.40 19.79 -15.83
C THR E 167 -39.45 20.85 -16.14
N PRO E 168 -40.68 20.43 -16.47
CA PRO E 168 -41.78 21.39 -16.63
C PRO E 168 -42.04 22.19 -15.37
N GLY E 172 -42.56 29.84 -12.30
CA GLY E 172 -42.59 31.26 -12.63
C GLY E 172 -41.29 31.97 -12.29
N TYR E 173 -41.07 32.19 -11.00
CA TYR E 173 -39.89 32.88 -10.52
C TYR E 173 -38.61 32.16 -10.99
N LYS E 174 -37.65 32.94 -11.48
CA LYS E 174 -36.35 32.40 -11.90
C LYS E 174 -35.37 32.55 -10.75
N PRO E 175 -34.80 31.44 -10.25
CA PRO E 175 -33.86 31.58 -9.13
C PRO E 175 -32.72 32.54 -9.49
N ASP E 176 -32.37 33.42 -8.56
CA ASP E 176 -31.39 34.47 -8.83
C ASP E 176 -29.96 33.96 -8.80
N PHE E 177 -29.73 32.91 -8.01
CA PHE E 177 -28.39 32.34 -7.84
C PHE E 177 -28.46 30.82 -7.90
N VAL E 178 -28.00 30.26 -9.01
CA VAL E 178 -28.08 28.82 -9.22
C VAL E 178 -26.69 28.19 -9.32
N GLY E 179 -26.50 27.11 -8.58
CA GLY E 179 -25.24 26.39 -8.64
C GLY E 179 -25.13 25.64 -9.94
N PHE E 180 -26.03 24.69 -10.14
CA PHE E 180 -25.98 23.80 -11.31
C PHE E 180 -27.37 23.55 -11.88
N GLU E 181 -27.46 23.59 -13.21
CA GLU E 181 -28.67 23.15 -13.91
C GLU E 181 -28.48 21.72 -14.38
N ILE E 182 -29.25 20.80 -13.81
CA ILE E 182 -29.05 19.37 -14.06
C ILE E 182 -30.19 18.74 -14.86
N PRO E 183 -29.92 17.55 -15.43
CA PRO E 183 -30.97 16.81 -16.12
C PRO E 183 -32.04 16.28 -15.17
N ASP E 184 -33.08 15.68 -15.74
CA ASP E 184 -34.15 15.09 -14.95
C ASP E 184 -33.70 13.71 -14.44
N LYS E 185 -32.71 13.72 -13.55
CA LYS E 185 -32.22 12.49 -12.93
C LYS E 185 -32.29 12.62 -11.41
N PHE E 186 -32.48 11.51 -10.72
CA PHE E 186 -32.59 11.56 -9.26
C PHE E 186 -31.21 11.52 -8.62
N VAL E 187 -30.84 12.62 -7.94
CA VAL E 187 -29.53 12.72 -7.31
C VAL E 187 -29.63 12.74 -5.80
N VAL E 188 -28.54 12.36 -5.15
CA VAL E 188 -28.43 12.40 -3.71
C VAL E 188 -27.09 13.00 -3.35
N GLY E 189 -26.87 13.23 -2.05
CA GLY E 189 -25.60 13.74 -1.57
C GLY E 189 -25.60 15.24 -1.29
N TYR E 190 -24.61 15.67 -0.54
CA TYR E 190 -24.46 17.07 -0.15
C TYR E 190 -25.76 17.53 0.53
N ALA E 191 -26.23 16.71 1.48
CA ALA E 191 -27.44 16.92 2.27
C ALA E 191 -28.74 16.56 1.55
N LEU E 192 -28.68 16.32 0.24
CA LEU E 192 -29.88 15.84 -0.47
C LEU E 192 -30.05 14.35 -0.23
N ASP E 193 -31.28 13.94 0.09
CA ASP E 193 -31.52 12.60 0.60
C ASP E 193 -32.31 11.68 -0.32
N TYR E 194 -32.29 10.41 0.05
CA TYR E 194 -33.24 9.41 -0.45
C TYR E 194 -33.76 8.66 0.77
N ASN E 195 -34.97 9.01 1.21
CA ASN E 195 -35.53 8.49 2.45
C ASN E 195 -34.57 8.69 3.61
N GLU E 196 -34.06 9.92 3.71
CA GLU E 196 -33.19 10.39 4.80
C GLU E 196 -31.77 9.84 4.74
N TYR E 197 -31.48 9.00 3.75
CA TYR E 197 -30.12 8.50 3.56
C TYR E 197 -29.37 9.37 2.56
N PHE E 198 -28.04 9.24 2.57
CA PHE E 198 -27.13 9.95 1.65
C PHE E 198 -26.94 11.43 1.96
N ARG E 199 -27.47 11.91 3.09
CA ARG E 199 -27.18 13.27 3.51
C ARG E 199 -25.74 13.38 4.01
N ASP E 200 -25.22 12.27 4.52
CA ASP E 200 -23.86 12.20 5.04
C ASP E 200 -22.88 11.90 3.91
N LEU E 201 -23.02 12.63 2.82
CA LEU E 201 -22.20 12.46 1.63
C LEU E 201 -21.89 13.86 1.08
N ASN E 202 -20.63 14.11 0.75
CA ASN E 202 -20.23 15.45 0.32
C ASN E 202 -20.35 15.67 -1.19
N HIS E 203 -20.31 14.59 -1.97
CA HIS E 203 -20.53 14.70 -3.41
C HIS E 203 -22.03 14.62 -3.69
N VAL E 204 -22.45 15.20 -4.81
CA VAL E 204 -23.75 14.90 -5.38
C VAL E 204 -23.58 13.72 -6.35
N CYS E 205 -24.31 12.64 -6.07
CA CYS E 205 -24.14 11.38 -6.79
C CYS E 205 -25.47 10.81 -7.28
N VAL E 206 -25.36 9.84 -8.18
CA VAL E 206 -26.52 9.10 -8.68
C VAL E 206 -26.55 7.71 -8.06
N ILE E 207 -27.74 7.30 -7.63
CA ILE E 207 -27.92 6.08 -6.86
C ILE E 207 -28.05 4.85 -7.76
N SER E 208 -27.48 3.72 -7.31
CA SER E 208 -27.57 2.48 -8.07
C SER E 208 -28.86 1.75 -7.75
N GLU E 209 -29.20 0.75 -8.56
CA GLU E 209 -30.42 -0.03 -8.36
C GLU E 209 -30.37 -0.77 -7.03
N THR E 210 -29.16 -1.20 -6.65
CA THR E 210 -29.00 -1.96 -5.41
C THR E 210 -29.29 -1.05 -4.21
N GLY E 211 -28.85 0.19 -4.30
CA GLY E 211 -29.05 1.16 -3.24
C GLY E 211 -30.49 1.65 -3.17
N LYS E 212 -31.08 1.85 -4.34
CA LYS E 212 -32.46 2.29 -4.43
C LYS E 212 -33.40 1.27 -3.79
N ALA E 213 -33.03 0.00 -3.88
CA ALA E 213 -33.83 -1.08 -3.31
C ALA E 213 -33.57 -1.21 -1.81
N LYS E 214 -32.32 -1.07 -1.42
CA LYS E 214 -31.91 -1.22 -0.02
C LYS E 214 -32.57 -0.18 0.89
N TYR E 215 -32.77 1.02 0.35
CA TYR E 215 -33.25 2.15 1.14
C TYR E 215 -34.70 2.55 0.80
N LYS E 216 -35.33 1.78 -0.09
CA LYS E 216 -36.74 2.02 -0.41
C LYS E 216 -37.60 1.82 0.82
N ALA E 217 -38.61 2.66 0.99
CA ALA E 217 -39.53 2.54 2.11
C ALA E 217 -40.39 1.29 1.98
N SER F 4 -4.92 2.61 -11.98
CA SER F 4 -5.64 3.85 -12.16
C SER F 4 -4.87 4.81 -13.09
N PRO F 5 -5.45 5.12 -14.28
CA PRO F 5 -4.80 6.12 -15.14
C PRO F 5 -5.17 7.55 -14.76
N GLY F 6 -5.89 7.70 -13.65
CA GLY F 6 -6.33 9.01 -13.17
C GLY F 6 -7.72 9.36 -13.67
N VAL F 7 -8.18 10.54 -13.29
CA VAL F 7 -9.43 11.06 -13.84
C VAL F 7 -9.20 11.41 -15.30
N VAL F 8 -9.85 10.68 -16.19
CA VAL F 8 -9.67 10.88 -17.63
C VAL F 8 -10.58 11.98 -18.14
N ILE F 9 -9.97 13.07 -18.58
CA ILE F 9 -10.70 14.18 -19.18
C ILE F 9 -10.67 14.02 -20.69
N SER F 10 -11.84 13.86 -21.31
CA SER F 10 -11.90 13.58 -22.74
C SER F 10 -11.50 14.79 -23.58
N ASP F 11 -11.22 14.55 -24.85
CA ASP F 11 -10.72 15.60 -25.73
C ASP F 11 -11.80 16.65 -26.06
N ASP F 12 -13.06 16.24 -26.02
CA ASP F 12 -14.15 17.17 -26.28
C ASP F 12 -14.69 17.78 -24.99
N GLU F 13 -13.90 17.67 -23.92
CA GLU F 13 -14.23 18.37 -22.67
C GLU F 13 -14.27 19.88 -22.95
N PRO F 14 -15.43 20.51 -22.78
CA PRO F 14 -15.52 21.95 -23.08
C PRO F 14 -14.99 22.83 -21.96
N GLY F 15 -14.83 22.26 -20.77
CA GLY F 15 -14.45 23.04 -19.61
C GLY F 15 -15.65 23.85 -19.15
N TYR F 16 -15.39 24.91 -18.39
CA TYR F 16 -16.45 25.74 -17.82
C TYR F 16 -16.26 27.22 -18.14
N ASP F 17 -17.37 27.91 -18.36
CA ASP F 17 -17.39 29.35 -18.57
C ASP F 17 -16.70 30.07 -17.40
N LEU F 18 -15.79 30.99 -17.71
CA LEU F 18 -15.05 31.71 -16.68
C LEU F 18 -15.94 32.53 -15.74
N ASP F 19 -17.09 32.96 -16.25
CA ASP F 19 -17.99 33.80 -15.48
C ASP F 19 -18.75 33.05 -14.39
N LEU F 20 -18.63 31.72 -14.39
CA LEU F 20 -19.29 30.90 -13.38
C LEU F 20 -18.41 30.65 -12.17
N PHE F 21 -17.17 31.17 -12.22
CA PHE F 21 -16.18 30.91 -11.19
C PHE F 21 -15.51 32.19 -10.72
N CYS F 22 -14.86 32.12 -9.58
CA CYS F 22 -14.05 33.21 -9.07
C CYS F 22 -12.69 33.17 -9.75
N ILE F 23 -12.41 34.18 -10.56
CA ILE F 23 -11.15 34.24 -11.31
C ILE F 23 -10.49 35.61 -11.08
N PRO F 24 -9.16 35.64 -10.97
CA PRO F 24 -8.47 36.93 -10.82
C PRO F 24 -8.77 37.88 -11.96
N ASN F 25 -9.10 39.13 -11.63
CA ASN F 25 -9.39 40.14 -12.64
C ASN F 25 -8.32 40.25 -13.71
N HIS F 26 -7.06 40.18 -13.29
CA HIS F 26 -5.96 40.44 -14.22
C HIS F 26 -5.72 39.29 -15.20
N TYR F 27 -6.47 38.20 -15.09
CA TYR F 27 -6.37 37.07 -16.03
C TYR F 27 -7.67 36.84 -16.81
N ALA F 28 -8.66 37.70 -16.60
CA ALA F 28 -10.01 37.45 -17.10
C ALA F 28 -10.07 37.24 -18.61
N GLU F 29 -9.18 37.88 -19.35
CA GLU F 29 -9.16 37.79 -20.81
C GLU F 29 -8.02 36.91 -21.32
N ASP F 30 -7.20 36.42 -20.40
CA ASP F 30 -6.02 35.62 -20.74
C ASP F 30 -6.28 34.12 -20.66
N LEU F 31 -7.52 33.77 -20.26
CA LEU F 31 -7.94 32.38 -20.12
C LEU F 31 -9.16 32.16 -21.01
N GLU F 32 -9.32 30.93 -21.51
CA GLU F 32 -10.43 30.60 -22.39
C GLU F 32 -11.56 29.94 -21.60
N ARG F 33 -11.20 28.93 -20.82
CA ARG F 33 -12.16 28.18 -20.03
C ARG F 33 -11.49 27.71 -18.73
N VAL F 34 -12.29 27.47 -17.70
CA VAL F 34 -11.82 26.67 -16.57
C VAL F 34 -11.81 25.23 -17.05
N PHE F 35 -10.69 24.53 -16.86
CA PHE F 35 -10.55 23.17 -17.36
C PHE F 35 -10.69 22.16 -16.24
N ILE F 36 -9.98 22.38 -15.14
CA ILE F 36 -10.12 21.54 -13.96
C ILE F 36 -10.32 22.44 -12.74
N PRO F 37 -11.57 22.52 -12.25
CA PRO F 37 -11.80 23.35 -11.06
C PRO F 37 -10.92 22.95 -9.89
N HIS F 38 -10.43 23.95 -9.16
CA HIS F 38 -9.58 23.72 -7.99
C HIS F 38 -10.13 22.67 -7.04
N GLY F 39 -11.42 22.76 -6.74
CA GLY F 39 -12.04 21.81 -5.83
C GLY F 39 -12.00 20.38 -6.32
N LEU F 40 -12.10 20.20 -7.64
CA LEU F 40 -12.03 18.87 -8.23
C LEU F 40 -10.63 18.31 -8.00
N ILE F 41 -9.63 19.17 -8.16
CA ILE F 41 -8.25 18.81 -7.89
C ILE F 41 -8.09 18.34 -6.45
N MET F 42 -8.76 19.03 -5.53
CA MET F 42 -8.70 18.65 -4.11
C MET F 42 -9.34 17.30 -3.89
N ASP F 43 -10.51 17.08 -4.48
CA ASP F 43 -11.21 15.81 -4.31
C ASP F 43 -10.36 14.67 -4.83
N ARG F 44 -9.72 14.89 -5.98
CA ARG F 44 -8.89 13.87 -6.58
C ARG F 44 -7.67 13.63 -5.70
N THR F 45 -7.05 14.71 -5.26
CA THR F 45 -5.83 14.63 -4.47
C THR F 45 -6.09 13.94 -3.12
N GLU F 46 -7.28 14.13 -2.56
CA GLU F 46 -7.64 13.44 -1.32
C GLU F 46 -7.56 11.93 -1.49
N ARG F 47 -8.12 11.43 -2.59
CA ARG F 47 -8.09 10.00 -2.89
C ARG F 47 -6.68 9.53 -3.17
N LEU F 48 -5.92 10.33 -3.92
CA LEU F 48 -4.52 10.00 -4.22
C LEU F 48 -3.71 9.80 -2.94
N ALA F 49 -3.94 10.66 -1.95
CA ALA F 49 -3.27 10.54 -0.66
C ALA F 49 -3.53 9.18 -0.03
N ARG F 50 -4.76 8.70 -0.14
CA ARG F 50 -5.11 7.40 0.43
C ARG F 50 -4.45 6.28 -0.36
N ASP F 51 -4.39 6.43 -1.69
CA ASP F 51 -3.72 5.43 -2.53
C ASP F 51 -2.22 5.39 -2.23
N VAL F 52 -1.63 6.54 -1.96
CA VAL F 52 -0.23 6.60 -1.56
C VAL F 52 -0.06 5.92 -0.20
N MET F 53 -1.00 6.19 0.71
CA MET F 53 -0.99 5.58 2.03
C MET F 53 -1.01 4.05 1.93
N LYS F 54 -1.82 3.55 1.00
CA LYS F 54 -1.99 2.11 0.83
C LYS F 54 -0.70 1.41 0.39
N GLU F 55 0.07 2.06 -0.48
CA GLU F 55 1.26 1.46 -1.05
C GLU F 55 2.54 1.73 -0.24
N MET F 56 2.61 2.91 0.36
CA MET F 56 3.82 3.36 1.04
C MET F 56 3.68 3.45 2.56
N GLY F 57 2.51 3.08 3.07
CA GLY F 57 2.24 3.13 4.50
C GLY F 57 3.24 2.32 5.31
N GLY F 58 3.47 2.75 6.54
CA GLY F 58 4.33 2.02 7.46
C GLY F 58 5.80 2.39 7.38
N HIS F 59 6.21 2.97 6.26
CA HIS F 59 7.62 3.30 6.02
C HIS F 59 7.86 4.81 6.01
N HIS F 60 9.07 5.20 6.39
CA HIS F 60 9.47 6.60 6.28
C HIS F 60 9.66 6.93 4.81
N ILE F 61 9.14 8.09 4.42
CA ILE F 61 9.16 8.54 3.03
C ILE F 61 9.79 9.93 2.92
N VAL F 62 10.55 10.16 1.86
CA VAL F 62 11.01 11.48 1.51
C VAL F 62 10.17 11.99 0.34
N ALA F 63 9.34 13.00 0.59
CA ALA F 63 8.56 13.64 -0.45
C ALA F 63 9.42 14.67 -1.16
N LEU F 64 9.68 14.43 -2.44
CA LEU F 64 10.50 15.32 -3.24
C LEU F 64 9.61 16.18 -4.12
N CYS F 65 9.58 17.48 -3.79
CA CYS F 65 8.79 18.45 -4.52
C CYS F 65 9.55 18.92 -5.75
N VAL F 66 8.94 18.73 -6.92
CA VAL F 66 9.52 19.24 -8.15
C VAL F 66 9.05 20.66 -8.41
N LEU F 67 9.91 21.63 -8.10
CA LEU F 67 9.62 23.04 -8.35
C LEU F 67 9.79 23.34 -9.84
N LYS F 68 9.15 24.41 -10.34
CA LYS F 68 8.25 25.28 -9.58
C LYS F 68 6.81 24.80 -9.62
N GLY F 69 6.47 24.14 -10.72
CA GLY F 69 5.08 23.84 -11.03
C GLY F 69 4.41 22.88 -10.08
N GLY F 70 5.20 22.05 -9.41
CA GLY F 70 4.65 21.04 -8.52
C GLY F 70 4.32 21.51 -7.11
N TYR F 71 4.60 22.77 -6.79
CA TYR F 71 4.62 23.16 -5.37
C TYR F 71 3.24 23.12 -4.73
N LYS F 72 2.18 23.43 -5.48
CA LYS F 72 0.83 23.38 -4.91
C LYS F 72 0.36 21.94 -4.73
N PHE F 73 0.51 21.13 -5.77
CA PHE F 73 0.10 19.73 -5.73
C PHE F 73 0.84 19.05 -4.56
N PHE F 74 2.12 19.37 -4.42
CA PHE F 74 2.95 18.87 -3.32
C PHE F 74 2.38 19.23 -1.95
N ALA F 75 2.12 20.52 -1.74
CA ALA F 75 1.64 20.99 -0.45
C ALA F 75 0.30 20.36 -0.11
N ASP F 76 -0.61 20.32 -1.10
CA ASP F 76 -1.94 19.76 -0.90
C ASP F 76 -1.92 18.24 -0.73
N LEU F 77 -1.13 17.55 -1.55
CA LEU F 77 -1.02 16.12 -1.41
C LEU F 77 -0.54 15.77 -0.01
N LEU F 78 0.48 16.47 0.46
CA LEU F 78 1.05 16.20 1.78
C LEU F 78 0.06 16.54 2.90
N ASP F 79 -0.71 17.61 2.73
CA ASP F 79 -1.71 17.96 3.73
C ASP F 79 -2.76 16.85 3.88
N TYR F 80 -3.15 16.23 2.79
CA TYR F 80 -4.11 15.12 2.84
C TYR F 80 -3.48 13.87 3.47
N ILE F 81 -2.19 13.65 3.19
CA ILE F 81 -1.47 12.55 3.82
C ILE F 81 -1.35 12.77 5.33
N LYS F 82 -1.06 14.01 5.71
CA LYS F 82 -0.96 14.36 7.12
C LYS F 82 -2.30 14.18 7.82
N ALA F 83 -3.38 14.47 7.12
CA ALA F 83 -4.72 14.29 7.67
C ALA F 83 -4.92 12.81 8.03
N LEU F 84 -4.44 11.93 7.17
CA LEU F 84 -4.51 10.49 7.41
C LEU F 84 -3.64 10.08 8.59
N ASN F 85 -2.45 10.69 8.69
CA ASN F 85 -1.48 10.30 9.71
C ASN F 85 -1.92 10.63 11.14
N ARG F 86 -2.78 11.64 11.28
CA ARG F 86 -3.19 12.10 12.62
C ARG F 86 -4.61 11.67 13.00
N ASN F 87 -5.29 10.95 12.11
CA ASN F 87 -6.65 10.45 12.38
C ASN F 87 -6.75 8.95 12.26
N SER F 88 -5.61 8.29 12.03
CA SER F 88 -5.57 6.83 11.89
C SER F 88 -4.41 6.25 12.68
N ASP F 89 -4.43 4.93 12.84
CA ASP F 89 -3.35 4.21 13.51
C ASP F 89 -2.23 3.94 12.51
N ARG F 90 -2.57 3.95 11.23
CA ARG F 90 -1.58 3.85 10.17
C ARG F 90 -0.87 5.20 10.04
N SER F 91 0.34 5.19 9.49
CA SER F 91 1.14 6.40 9.43
C SER F 91 2.29 6.34 8.42
N ILE F 92 2.48 7.45 7.70
CA ILE F 92 3.67 7.65 6.88
C ILE F 92 4.47 8.83 7.44
N PRO F 93 5.50 8.54 8.24
CA PRO F 93 6.46 9.60 8.60
C PRO F 93 7.09 10.19 7.34
N MET F 94 7.04 11.51 7.19
CA MET F 94 7.59 12.17 6.00
C MET F 94 8.61 13.23 6.34
N THR F 95 9.72 13.20 5.61
CA THR F 95 10.58 14.36 5.47
C THR F 95 10.30 14.90 4.08
N VAL F 96 10.75 16.12 3.82
CA VAL F 96 10.53 16.75 2.51
C VAL F 96 11.84 17.24 1.93
N ASP F 97 11.87 17.28 0.60
CA ASP F 97 13.00 17.82 -0.13
C ASP F 97 12.47 18.57 -1.35
N PHE F 98 13.34 19.39 -1.93
CA PHE F 98 12.96 20.24 -3.05
C PHE F 98 14.03 20.21 -4.14
N ILE F 99 13.56 20.21 -5.38
CA ILE F 99 14.44 20.29 -6.54
C ILE F 99 13.70 21.08 -7.62
N ARG F 100 14.44 21.90 -8.36
CA ARG F 100 13.84 22.75 -9.37
C ARG F 100 14.40 22.39 -10.74
N LEU F 101 13.51 22.02 -11.65
CA LEU F 101 13.88 21.70 -13.01
C LEU F 101 13.43 22.81 -13.94
N LYS F 102 14.38 23.34 -14.70
CA LYS F 102 14.17 24.51 -15.55
C LYS F 102 14.46 24.17 -17.00
N SER F 103 13.64 24.71 -17.91
CA SER F 103 13.78 24.42 -19.33
C SER F 103 14.97 25.16 -19.95
N ILE F 113 17.14 20.29 -20.18
CA ILE F 113 16.66 20.50 -18.82
C ILE F 113 17.81 20.72 -17.84
N LYS F 114 17.72 21.82 -17.10
CA LYS F 114 18.68 22.18 -16.05
C LYS F 114 18.08 21.92 -14.67
N VAL F 115 18.77 21.09 -13.89
CA VAL F 115 18.34 20.77 -12.54
C VAL F 115 18.97 21.73 -11.54
N ILE F 116 18.19 22.11 -10.52
CA ILE F 116 18.65 23.07 -9.53
C ILE F 116 18.35 22.57 -8.12
N GLY F 117 19.40 22.42 -7.31
CA GLY F 117 19.26 22.02 -5.92
C GLY F 117 19.37 20.51 -5.73
N THR F 123 21.75 12.44 -0.16
CA THR F 123 21.33 11.88 1.12
C THR F 123 20.44 10.66 0.91
N LEU F 124 19.31 10.88 0.24
CA LEU F 124 18.27 9.89 -0.09
C LEU F 124 18.60 8.38 -0.04
N THR F 125 19.87 8.00 -0.01
CA THR F 125 20.24 6.59 0.12
C THR F 125 19.52 5.89 1.28
N GLY F 126 19.06 4.67 1.02
CA GLY F 126 18.40 3.86 2.04
C GLY F 126 17.04 4.40 2.45
N LYS F 127 16.48 5.28 1.63
CA LYS F 127 15.19 5.90 1.93
C LYS F 127 14.19 5.71 0.79
N ASN F 128 12.92 5.65 1.16
CA ASN F 128 11.83 5.63 0.19
C ASN F 128 11.55 7.04 -0.28
N VAL F 129 11.33 7.21 -1.58
CA VAL F 129 11.16 8.53 -2.18
C VAL F 129 9.88 8.63 -2.99
N LEU F 130 9.09 9.67 -2.71
CA LEU F 130 7.90 9.98 -3.49
C LEU F 130 8.14 11.25 -4.30
N ILE F 131 8.31 11.08 -5.61
CA ILE F 131 8.51 12.21 -6.51
C ILE F 131 7.16 12.81 -6.88
N VAL F 132 7.00 14.10 -6.63
CA VAL F 132 5.75 14.81 -6.90
C VAL F 132 5.96 15.91 -7.96
N GLU F 133 5.48 15.68 -9.17
CA GLU F 133 5.66 16.65 -10.27
C GLU F 133 4.31 17.09 -10.85
N ASP F 134 4.36 18.14 -11.68
CA ASP F 134 3.15 18.77 -12.19
C ASP F 134 2.61 18.12 -13.46
N ILE F 135 3.47 17.96 -14.47
CA ILE F 135 3.01 17.50 -15.79
C ILE F 135 3.93 16.48 -16.44
N ILE F 136 3.33 15.39 -16.90
CA ILE F 136 4.01 14.48 -17.82
C ILE F 136 3.55 14.79 -19.24
N ASP F 137 4.47 15.29 -20.06
CA ASP F 137 4.21 15.56 -21.48
C ASP F 137 5.11 14.63 -22.30
N THR F 138 6.34 15.05 -22.57
CA THR F 138 7.26 14.17 -23.30
C THR F 138 7.80 13.08 -22.37
N GLY F 139 7.80 13.36 -21.08
CA GLY F 139 8.31 12.43 -20.08
C GLY F 139 9.79 12.59 -19.80
N LYS F 140 10.40 13.61 -20.39
CA LYS F 140 11.84 13.83 -20.22
C LYS F 140 12.15 14.38 -18.84
N THR F 141 11.23 15.16 -18.29
CA THR F 141 11.40 15.67 -16.93
C THR F 141 11.38 14.51 -15.95
N MET F 142 10.40 13.63 -16.09
CA MET F 142 10.26 12.45 -15.23
C MET F 142 11.48 11.53 -15.37
N GLN F 143 11.95 11.35 -16.59
CA GLN F 143 13.11 10.49 -16.84
C GLN F 143 14.34 11.05 -16.14
N THR F 144 14.50 12.37 -16.23
CA THR F 144 15.62 13.06 -15.61
C THR F 144 15.57 12.91 -14.08
N LEU F 145 14.39 13.12 -13.51
CA LEU F 145 14.16 12.98 -12.08
C LEU F 145 14.54 11.58 -11.58
N LEU F 146 14.07 10.55 -12.28
CA LEU F 146 14.36 9.18 -11.88
C LEU F 146 15.87 8.88 -11.95
N SER F 147 16.52 9.36 -13.01
CA SER F 147 17.97 9.15 -13.16
C SER F 147 18.74 9.83 -12.03
N LEU F 148 18.28 11.02 -11.66
CA LEU F 148 18.90 11.79 -10.59
C LEU F 148 18.73 11.10 -9.24
N VAL F 149 17.51 10.65 -8.95
CA VAL F 149 17.21 10.04 -7.67
C VAL F 149 17.88 8.69 -7.49
N ARG F 150 17.77 7.83 -8.50
CA ARG F 150 18.31 6.48 -8.42
C ARG F 150 19.83 6.47 -8.40
N GLN F 151 20.44 7.62 -8.70
CA GLN F 151 21.88 7.78 -8.58
C GLN F 151 22.29 7.53 -7.13
N TYR F 152 21.44 7.96 -6.20
CA TYR F 152 21.77 7.92 -4.79
C TYR F 152 21.38 6.61 -4.11
N ASN F 153 21.12 5.57 -4.92
CA ASN F 153 20.69 4.26 -4.42
C ASN F 153 19.67 4.35 -3.29
N PRO F 154 18.46 4.84 -3.59
CA PRO F 154 17.37 4.86 -2.62
C PRO F 154 16.70 3.50 -2.54
N LYS F 155 15.66 3.39 -1.71
CA LYS F 155 14.85 2.18 -1.67
C LYS F 155 13.70 2.35 -2.67
N MET F 156 12.47 2.37 -2.16
CA MET F 156 11.30 2.51 -3.01
C MET F 156 11.30 3.89 -3.67
N VAL F 157 10.91 3.93 -4.94
CA VAL F 157 10.81 5.19 -5.69
C VAL F 157 9.50 5.24 -6.46
N LYS F 158 8.63 6.17 -6.07
CA LYS F 158 7.33 6.31 -6.71
C LYS F 158 7.20 7.71 -7.29
N VAL F 159 6.35 7.85 -8.30
CA VAL F 159 6.11 9.14 -8.93
C VAL F 159 4.62 9.46 -8.90
N ALA F 160 4.30 10.63 -8.36
CA ALA F 160 2.97 11.17 -8.43
C ALA F 160 3.01 12.37 -9.37
N SER F 161 2.06 12.44 -10.29
CA SER F 161 1.99 13.55 -11.21
C SER F 161 0.56 14.04 -11.26
N LEU F 162 0.38 15.35 -11.11
CA LEU F 162 -0.95 15.95 -11.17
C LEU F 162 -1.62 15.64 -12.51
N LEU F 163 -0.90 15.90 -13.59
CA LEU F 163 -1.43 15.76 -14.95
C LEU F 163 -0.56 14.85 -15.81
N VAL F 164 -1.23 14.09 -16.67
CA VAL F 164 -0.58 13.37 -17.76
C VAL F 164 -1.31 13.73 -19.06
N LYS F 165 -0.60 14.26 -20.05
CA LYS F 165 -1.21 14.66 -21.30
C LYS F 165 -1.23 13.51 -22.31
N ARG F 166 -2.33 13.36 -23.04
CA ARG F 166 -2.38 12.36 -24.11
C ARG F 166 -1.59 12.89 -25.29
N THR F 167 -0.30 12.59 -25.29
CA THR F 167 0.65 13.24 -26.18
C THR F 167 1.64 12.20 -26.71
N PRO F 168 2.36 12.53 -27.79
CA PRO F 168 3.38 11.57 -28.26
C PRO F 168 4.45 11.32 -27.19
N ARG F 169 4.46 10.10 -26.66
CA ARG F 169 5.36 9.74 -25.57
C ARG F 169 5.78 8.27 -25.67
N TYR F 173 6.66 7.18 -20.04
CA TYR F 173 6.60 6.45 -18.78
C TYR F 173 5.21 6.52 -18.16
N LYS F 174 5.00 5.79 -17.07
CA LYS F 174 3.73 5.78 -16.35
C LYS F 174 3.93 6.06 -14.87
N PRO F 175 3.44 7.23 -14.39
CA PRO F 175 3.49 7.52 -12.95
C PRO F 175 2.71 6.50 -12.12
N ASP F 176 3.10 6.31 -10.86
CA ASP F 176 2.38 5.42 -9.96
C ASP F 176 1.05 6.02 -9.53
N PHE F 177 1.02 7.35 -9.41
CA PHE F 177 -0.18 8.07 -9.00
C PHE F 177 -0.44 9.24 -9.92
N VAL F 178 -1.63 9.28 -10.49
CA VAL F 178 -2.01 10.28 -11.48
C VAL F 178 -3.29 11.00 -11.07
N GLY F 179 -3.27 12.32 -11.05
CA GLY F 179 -4.45 13.11 -10.79
C GLY F 179 -5.42 13.04 -11.97
N PHE F 180 -5.01 13.62 -13.09
CA PHE F 180 -5.86 13.75 -14.28
C PHE F 180 -5.10 13.42 -15.56
N GLU F 181 -5.76 12.72 -16.47
CA GLU F 181 -5.22 12.53 -17.82
C GLU F 181 -5.98 13.45 -18.76
N ILE F 182 -5.25 14.36 -19.40
CA ILE F 182 -5.88 15.44 -20.17
C ILE F 182 -5.51 15.42 -21.65
N PRO F 183 -6.30 16.12 -22.48
CA PRO F 183 -5.96 16.29 -23.90
C PRO F 183 -4.72 17.15 -24.07
N ASP F 184 -4.22 17.22 -25.30
CA ASP F 184 -3.10 18.09 -25.61
C ASP F 184 -3.57 19.54 -25.82
N LYS F 185 -4.03 20.16 -24.74
CA LYS F 185 -4.32 21.58 -24.71
C LYS F 185 -3.34 22.26 -23.75
N PHE F 186 -3.10 23.55 -23.91
CA PHE F 186 -2.12 24.20 -23.05
C PHE F 186 -2.80 24.80 -21.80
N VAL F 187 -2.57 24.15 -20.66
CA VAL F 187 -3.23 24.52 -19.42
C VAL F 187 -2.29 25.26 -18.46
N VAL F 188 -2.88 26.15 -17.67
CA VAL F 188 -2.13 26.91 -16.67
C VAL F 188 -2.93 26.93 -15.39
N GLY F 189 -2.30 27.36 -14.30
CA GLY F 189 -2.97 27.46 -13.02
C GLY F 189 -2.57 26.39 -12.04
N TYR F 190 -2.89 26.61 -10.77
CA TYR F 190 -2.53 25.68 -9.71
C TYR F 190 -1.03 25.44 -9.77
N ALA F 191 -0.31 26.55 -9.90
CA ALA F 191 1.16 26.63 -9.95
C ALA F 191 1.73 26.27 -11.32
N LEU F 192 0.88 25.84 -12.26
CA LEU F 192 1.32 25.61 -13.65
C LEU F 192 1.41 26.94 -14.38
N ASP F 193 2.56 27.20 -15.01
CA ASP F 193 2.86 28.53 -15.51
C ASP F 193 2.97 28.64 -17.03
N TYR F 194 2.82 29.89 -17.49
CA TYR F 194 3.21 30.28 -18.83
C TYR F 194 4.14 31.48 -18.69
N ASN F 195 5.44 31.24 -18.89
CA ASN F 195 6.45 32.27 -18.67
C ASN F 195 6.33 32.91 -17.28
N GLU F 196 6.22 32.05 -16.27
CA GLU F 196 6.13 32.42 -14.84
C GLU F 196 4.76 32.94 -14.41
N TYR F 197 3.90 33.28 -15.35
CA TYR F 197 2.55 33.74 -15.03
C TYR F 197 1.55 32.60 -14.88
N PHE F 198 0.40 32.92 -14.27
CA PHE F 198 -0.71 31.98 -14.01
C PHE F 198 -0.48 31.02 -12.84
N ARG F 199 0.63 31.14 -12.13
CA ARG F 199 0.81 30.31 -10.94
C ARG F 199 -0.14 30.75 -9.83
N ASP F 200 -0.42 32.05 -9.79
CA ASP F 200 -1.33 32.64 -8.82
C ASP F 200 -2.79 32.44 -9.23
N LEU F 201 -3.14 31.19 -9.51
CA LEU F 201 -4.49 30.81 -9.95
C LEU F 201 -4.78 29.44 -9.34
N ASN F 202 -5.94 29.28 -8.71
CA ASN F 202 -6.23 28.02 -8.04
C ASN F 202 -6.75 26.95 -9.01
N HIS F 203 -7.51 27.36 -10.02
CA HIS F 203 -8.00 26.42 -11.04
C HIS F 203 -6.98 26.10 -12.11
N VAL F 204 -7.11 24.94 -12.75
CA VAL F 204 -6.39 24.69 -14.00
C VAL F 204 -7.28 25.17 -15.14
N CYS F 205 -6.70 25.98 -16.00
CA CYS F 205 -7.45 26.65 -17.06
C CYS F 205 -6.71 26.53 -18.38
N VAL F 206 -7.47 26.59 -19.47
CA VAL F 206 -6.88 26.66 -20.80
C VAL F 206 -6.58 28.12 -21.11
N ILE F 207 -5.36 28.39 -21.50
CA ILE F 207 -4.92 29.75 -21.80
C ILE F 207 -5.57 30.23 -23.09
N SER F 208 -5.80 31.54 -23.20
CA SER F 208 -6.39 32.12 -24.41
C SER F 208 -5.30 32.65 -25.33
N GLU F 209 -5.66 32.91 -26.58
CA GLU F 209 -4.72 33.43 -27.56
C GLU F 209 -4.18 34.79 -27.15
N THR F 210 -4.99 35.57 -26.44
CA THR F 210 -4.54 36.89 -26.01
C THR F 210 -3.64 36.72 -24.79
N GLY F 211 -3.91 35.70 -23.98
CA GLY F 211 -3.06 35.37 -22.85
C GLY F 211 -1.67 34.98 -23.30
N LYS F 212 -1.60 34.18 -24.35
CA LYS F 212 -0.32 33.75 -24.91
C LYS F 212 0.46 34.93 -25.46
N ALA F 213 -0.26 35.89 -26.03
CA ALA F 213 0.35 37.08 -26.62
C ALA F 213 0.77 38.07 -25.54
N LYS F 214 -0.05 38.20 -24.51
CA LYS F 214 0.22 39.14 -23.42
C LYS F 214 1.50 38.76 -22.66
N TYR F 215 1.61 37.49 -22.29
CA TYR F 215 2.70 37.04 -21.42
C TYR F 215 3.80 36.34 -22.21
N LYS F 216 3.80 36.54 -23.53
CA LYS F 216 4.85 36.05 -24.39
C LYS F 216 6.21 36.54 -23.91
N ALA F 217 7.22 35.68 -24.02
CA ALA F 217 8.58 36.03 -23.62
C ALA F 217 9.53 35.99 -24.80
N PRO G 5 -12.35 17.66 30.40
CA PRO G 5 -12.76 18.15 29.07
C PRO G 5 -13.31 19.58 29.11
N GLY G 6 -13.07 20.45 28.11
CA GLY G 6 -12.23 20.19 26.94
C GLY G 6 -10.97 21.03 27.04
N VAL G 7 -10.87 22.03 26.17
CA VAL G 7 -9.79 23.00 26.24
C VAL G 7 -10.13 24.06 27.28
N VAL G 8 -9.42 24.04 28.41
CA VAL G 8 -9.72 24.94 29.52
C VAL G 8 -9.25 26.36 29.24
N ILE G 9 -10.20 27.27 29.14
CA ILE G 9 -9.92 28.69 28.95
C ILE G 9 -10.05 29.42 30.29
N SER G 10 -8.99 30.12 30.68
CA SER G 10 -8.93 30.76 32.00
C SER G 10 -9.71 32.08 32.07
N ASP G 11 -10.05 32.49 33.30
CA ASP G 11 -10.83 33.70 33.51
C ASP G 11 -10.08 34.95 33.05
N ASP G 12 -8.75 34.86 33.01
CA ASP G 12 -7.92 35.98 32.56
C ASP G 12 -7.46 35.82 31.12
N GLU G 13 -8.15 34.97 30.37
CA GLU G 13 -7.84 34.83 28.95
C GLU G 13 -7.94 36.21 28.29
N PRO G 14 -6.79 36.76 27.87
CA PRO G 14 -6.82 38.12 27.28
C PRO G 14 -7.43 38.12 25.89
N GLY G 15 -7.57 36.94 25.30
CA GLY G 15 -8.02 36.82 23.94
C GLY G 15 -6.96 37.34 23.00
N TYR G 16 -7.39 37.92 21.89
CA TYR G 16 -6.47 38.45 20.90
C TYR G 16 -6.94 39.80 20.39
N ASP G 17 -5.99 40.66 20.04
CA ASP G 17 -6.31 41.95 19.45
C ASP G 17 -7.03 41.77 18.13
N LEU G 18 -8.12 42.52 17.96
CA LEU G 18 -8.92 42.44 16.74
C LEU G 18 -8.10 42.77 15.50
N ASP G 19 -7.14 43.67 15.66
CA ASP G 19 -6.34 44.15 14.53
C ASP G 19 -5.36 43.09 14.03
N LEU G 20 -5.26 41.97 14.74
CA LEU G 20 -4.36 40.88 14.34
C LEU G 20 -5.08 39.83 13.51
N PHE G 21 -6.37 40.01 13.30
CA PHE G 21 -7.19 39.05 12.58
C PHE G 21 -8.09 39.73 11.58
N CYS G 22 -8.64 38.93 10.67
CA CYS G 22 -9.67 39.40 9.75
C CYS G 22 -11.01 39.37 10.47
N ILE G 23 -11.68 40.52 10.55
CA ILE G 23 -12.99 40.61 11.15
C ILE G 23 -13.91 41.49 10.31
N PRO G 24 -15.22 41.22 10.35
CA PRO G 24 -16.16 42.09 9.62
C PRO G 24 -16.08 43.53 10.13
N ASN G 25 -16.01 44.48 9.22
CA ASN G 25 -15.87 45.88 9.59
C ASN G 25 -17.08 46.42 10.37
N HIS G 26 -18.25 45.86 10.10
CA HIS G 26 -19.47 46.35 10.74
C HIS G 26 -19.52 45.94 12.22
N TYR G 27 -18.60 45.06 12.62
CA TYR G 27 -18.52 44.65 14.02
C TYR G 27 -17.27 45.21 14.71
N ALA G 28 -16.55 46.07 14.00
CA ALA G 28 -15.26 46.59 14.48
C ALA G 28 -15.36 47.22 15.87
N GLU G 29 -16.29 48.17 16.02
CA GLU G 29 -16.46 48.84 17.31
C GLU G 29 -17.33 48.03 18.25
N ASP G 30 -18.01 47.01 17.73
CA ASP G 30 -18.97 46.26 18.53
C ASP G 30 -18.34 45.07 19.25
N LEU G 31 -17.07 44.80 18.97
CA LEU G 31 -16.36 43.69 19.60
C LEU G 31 -15.18 44.16 20.43
N GLU G 32 -14.87 43.40 21.46
CA GLU G 32 -13.79 43.73 22.38
C GLU G 32 -12.51 42.99 22.01
N ARG G 33 -12.59 41.66 21.98
CA ARG G 33 -11.45 40.80 21.66
C ARG G 33 -11.91 39.53 20.96
N VAL G 34 -11.00 38.89 20.23
CA VAL G 34 -11.22 37.53 19.77
C VAL G 34 -10.96 36.60 20.95
N PHE G 35 -11.94 35.76 21.28
CA PHE G 35 -11.85 34.90 22.45
C PHE G 35 -11.35 33.51 22.08
N ILE G 36 -11.92 32.94 21.03
CA ILE G 36 -11.47 31.66 20.51
C ILE G 36 -11.37 31.74 18.98
N PRO G 37 -10.14 31.80 18.45
CA PRO G 37 -9.97 31.86 16.99
C PRO G 37 -10.70 30.72 16.27
N HIS G 38 -11.30 31.03 15.13
CA HIS G 38 -12.02 30.04 14.33
C HIS G 38 -11.18 28.78 14.12
N GLY G 39 -9.92 28.97 13.79
CA GLY G 39 -9.04 27.87 13.48
C GLY G 39 -8.83 26.93 14.66
N LEU G 40 -8.83 27.50 15.86
CA LEU G 40 -8.70 26.71 17.08
C LEU G 40 -9.91 25.81 17.23
N ILE G 41 -11.08 26.37 16.93
CA ILE G 41 -12.34 25.63 16.96
C ILE G 41 -12.29 24.45 15.98
N MET G 42 -11.79 24.70 14.77
CA MET G 42 -11.65 23.63 13.78
C MET G 42 -10.75 22.54 14.32
N ASP G 43 -9.56 22.95 14.78
CA ASP G 43 -8.59 21.99 15.29
C ASP G 43 -9.18 21.16 16.40
N ARG G 44 -9.92 21.81 17.29
CA ARG G 44 -10.53 21.11 18.40
C ARG G 44 -11.64 20.19 17.92
N THR G 45 -12.38 20.64 16.93
CA THR G 45 -13.50 19.88 16.39
C THR G 45 -13.04 18.66 15.60
N GLU G 46 -11.84 18.74 15.01
CA GLU G 46 -11.26 17.59 14.32
C GLU G 46 -10.99 16.45 15.30
N ARG G 47 -10.35 16.77 16.42
CA ARG G 47 -10.07 15.78 17.47
C ARG G 47 -11.37 15.20 18.01
N LEU G 48 -12.34 16.09 18.25
CA LEU G 48 -13.64 15.70 18.75
C LEU G 48 -14.32 14.67 17.85
N ALA G 49 -14.27 14.93 16.54
CA ALA G 49 -14.83 14.02 15.56
C ALA G 49 -14.23 12.62 15.71
N ARG G 50 -12.92 12.55 15.90
CA ARG G 50 -12.25 11.26 16.05
C ARG G 50 -12.68 10.59 17.35
N ASP G 51 -12.81 11.39 18.41
CA ASP G 51 -13.29 10.88 19.69
C ASP G 51 -14.73 10.39 19.56
N VAL G 52 -15.54 11.16 18.84
CA VAL G 52 -16.94 10.80 18.60
C VAL G 52 -17.03 9.44 17.90
N MET G 53 -16.16 9.24 16.92
CA MET G 53 -16.16 8.01 16.14
C MET G 53 -15.64 6.82 16.94
N LYS G 54 -14.56 7.04 17.68
CA LYS G 54 -13.98 6.00 18.52
C LYS G 54 -14.98 5.49 19.56
N GLU G 55 -15.95 6.35 19.91
CA GLU G 55 -16.89 6.06 20.97
C GLU G 55 -18.24 5.57 20.43
N MET G 56 -18.62 6.04 19.23
CA MET G 56 -19.95 5.78 18.68
C MET G 56 -19.92 5.24 17.25
N GLY G 57 -18.73 4.86 16.77
CA GLY G 57 -18.56 4.47 15.39
C GLY G 57 -18.89 3.02 15.10
N GLY G 58 -19.69 2.40 15.98
CA GLY G 58 -20.07 1.00 15.83
C GLY G 58 -21.44 0.81 15.22
N HIS G 59 -22.33 1.78 15.45
CA HIS G 59 -23.72 1.68 15.01
C HIS G 59 -24.16 2.93 14.25
N HIS G 60 -25.32 2.84 13.60
CA HIS G 60 -25.94 3.97 12.92
C HIS G 60 -26.12 5.16 13.86
N ILE G 61 -25.57 6.31 13.46
CA ILE G 61 -25.63 7.51 14.29
C ILE G 61 -26.66 8.49 13.75
N VAL G 62 -27.49 9.03 14.65
CA VAL G 62 -28.41 10.10 14.32
C VAL G 62 -27.89 11.41 14.92
N ALA G 63 -27.41 12.30 14.07
CA ALA G 63 -26.89 13.58 14.52
C ALA G 63 -28.03 14.59 14.65
N LEU G 64 -28.21 15.11 15.86
CA LEU G 64 -29.31 16.02 16.17
C LEU G 64 -28.78 17.43 16.41
N CYS G 65 -29.18 18.36 15.54
CA CYS G 65 -28.71 19.74 15.60
C CYS G 65 -29.68 20.64 16.35
N VAL G 66 -29.19 21.26 17.42
CA VAL G 66 -30.00 22.20 18.19
C VAL G 66 -29.80 23.62 17.65
N LEU G 67 -30.76 24.07 16.84
CA LEU G 67 -30.72 25.42 16.30
C LEU G 67 -31.02 26.46 17.37
N LYS G 68 -30.67 27.72 17.14
CA LYS G 68 -29.90 28.15 15.97
C LYS G 68 -28.40 27.99 16.21
N GLY G 69 -27.99 28.27 17.44
CA GLY G 69 -26.59 28.44 17.79
C GLY G 69 -25.69 27.28 17.44
N GLY G 70 -26.25 26.09 17.30
CA GLY G 70 -25.45 24.89 17.10
C GLY G 70 -25.15 24.54 15.66
N TYR G 71 -25.64 25.35 14.71
CA TYR G 71 -25.61 24.96 13.30
C TYR G 71 -24.19 24.93 12.73
N LYS G 72 -23.33 25.84 13.18
CA LYS G 72 -21.96 25.90 12.67
C LYS G 72 -21.14 24.72 13.17
N PHE G 73 -21.13 24.55 14.48
CA PHE G 73 -20.43 23.43 15.12
C PHE G 73 -20.93 22.12 14.53
N PHE G 74 -22.23 22.01 14.38
CA PHE G 74 -22.86 20.83 13.80
C PHE G 74 -22.32 20.52 12.41
N ALA G 75 -22.32 21.52 11.54
CA ALA G 75 -21.86 21.36 10.16
C ALA G 75 -20.38 20.92 10.12
N ASP G 76 -19.55 21.62 10.88
CA ASP G 76 -18.11 21.36 10.87
C ASP G 76 -17.77 20.03 11.54
N LEU G 77 -18.46 19.71 12.63
CA LEU G 77 -18.27 18.43 13.28
C LEU G 77 -18.60 17.30 12.32
N LEU G 78 -19.77 17.37 11.69
CA LEU G 78 -20.21 16.35 10.74
C LEU G 78 -19.25 16.23 9.56
N ASP G 79 -18.71 17.35 9.10
CA ASP G 79 -17.76 17.33 7.99
C ASP G 79 -16.49 16.56 8.38
N TYR G 80 -16.01 16.74 9.60
CA TYR G 80 -14.82 16.01 10.05
C TYR G 80 -15.14 14.53 10.21
N ILE G 81 -16.35 14.23 10.65
CA ILE G 81 -16.79 12.84 10.76
C ILE G 81 -16.87 12.22 9.38
N LYS G 82 -17.40 12.96 8.41
CA LYS G 82 -17.51 12.47 7.05
C LYS G 82 -16.12 12.22 6.45
N ALA G 83 -15.16 13.07 6.81
CA ALA G 83 -13.79 12.89 6.34
C ALA G 83 -13.22 11.58 6.86
N LEU G 84 -13.52 11.27 8.12
CA LEU G 84 -13.07 10.03 8.73
C LEU G 84 -13.72 8.83 8.04
N ASN G 85 -14.99 8.97 7.69
CA ASN G 85 -15.77 7.85 7.16
C ASN G 85 -15.44 7.49 5.71
N ARG G 86 -14.92 8.44 4.96
CA ARG G 86 -14.57 8.19 3.55
C ARG G 86 -13.09 7.86 3.39
N ASN G 87 -12.35 7.90 4.49
CA ASN G 87 -10.90 7.63 4.47
C ASN G 87 -10.49 6.49 5.39
N SER G 88 -11.48 5.81 5.97
CA SER G 88 -11.22 4.67 6.83
C SER G 88 -11.78 3.39 6.20
N ASP G 89 -11.15 2.26 6.51
CA ASP G 89 -11.51 0.98 5.91
C ASP G 89 -12.95 0.56 6.21
N ARG G 90 -13.52 1.08 7.30
CA ARG G 90 -14.91 0.80 7.63
C ARG G 90 -15.62 2.06 8.11
N SER G 91 -16.87 2.23 7.66
CA SER G 91 -17.63 3.44 7.87
C SER G 91 -18.97 3.13 8.53
N ILE G 92 -19.66 4.18 8.98
CA ILE G 92 -20.96 4.04 9.62
C ILE G 92 -21.98 4.99 8.95
N PRO G 93 -23.23 4.54 8.78
CA PRO G 93 -24.23 5.45 8.23
C PRO G 93 -24.62 6.56 9.20
N MET G 94 -25.03 7.71 8.64
CA MET G 94 -25.41 8.86 9.44
C MET G 94 -26.62 9.59 8.87
N THR G 95 -27.64 9.75 9.69
CA THR G 95 -28.77 10.61 9.36
C THR G 95 -28.67 11.86 10.22
N VAL G 96 -29.28 12.95 9.74
CA VAL G 96 -29.25 14.22 10.45
C VAL G 96 -30.65 14.77 10.62
N ASP G 97 -30.88 15.50 11.72
CA ASP G 97 -32.14 16.16 11.96
C ASP G 97 -31.90 17.45 12.73
N PHE G 98 -32.87 18.37 12.65
CA PHE G 98 -32.74 19.69 13.26
C PHE G 98 -33.95 20.01 14.12
N ILE G 99 -33.70 20.49 15.33
CA ILE G 99 -34.77 20.95 16.21
C ILE G 99 -34.39 22.27 16.89
N ARG G 100 -35.41 23.04 17.20
CA ARG G 100 -35.28 24.33 17.87
C ARG G 100 -36.11 24.30 19.15
N LEU G 101 -35.55 24.87 20.23
CA LEU G 101 -36.25 24.96 21.51
C LEU G 101 -36.80 26.36 21.70
N LYS G 102 -38.12 26.44 21.87
CA LYS G 102 -38.80 27.71 22.04
C LYS G 102 -39.00 28.02 23.52
N ILE G 113 -40.45 23.54 28.09
CA ILE G 113 -40.27 24.21 26.80
C ILE G 113 -40.89 23.40 25.67
N LYS G 114 -40.94 24.00 24.49
CA LYS G 114 -41.53 23.37 23.31
C LYS G 114 -40.47 23.09 22.25
N VAL G 115 -40.54 21.89 21.67
CA VAL G 115 -39.66 21.51 20.58
C VAL G 115 -40.29 21.86 19.23
N ILE G 116 -39.58 22.69 18.47
CA ILE G 116 -40.05 23.14 17.17
C ILE G 116 -39.49 22.24 16.07
N GLY G 117 -40.34 21.86 15.13
CA GLY G 117 -39.93 21.09 13.96
C GLY G 117 -39.26 19.77 14.29
N GLY G 118 -38.50 19.26 13.32
CA GLY G 118 -37.77 18.02 13.48
C GLY G 118 -38.57 16.81 13.03
N ASP G 119 -37.89 15.68 12.87
CA ASP G 119 -38.56 14.42 12.54
C ASP G 119 -39.38 13.96 13.73
N ASP G 120 -40.32 13.05 13.50
CA ASP G 120 -41.10 12.46 14.58
C ASP G 120 -40.16 11.63 15.45
N LEU G 121 -40.35 11.70 16.76
CA LEU G 121 -39.46 11.02 17.69
C LEU G 121 -39.42 9.51 17.50
N SER G 122 -40.43 8.97 16.81
CA SER G 122 -40.48 7.53 16.55
C SER G 122 -39.38 7.09 15.59
N THR G 123 -38.68 8.06 15.00
CA THR G 123 -37.52 7.77 14.16
C THR G 123 -36.28 7.54 15.02
N LEU G 124 -36.34 7.96 16.29
CA LEU G 124 -35.17 7.97 17.16
C LEU G 124 -34.99 6.65 17.92
N THR G 125 -36.09 5.95 18.16
CA THR G 125 -36.03 4.70 18.94
C THR G 125 -35.17 3.65 18.26
N GLY G 126 -34.24 3.09 19.04
CA GLY G 126 -33.31 2.10 18.54
C GLY G 126 -32.05 2.65 17.88
N LYS G 127 -31.84 3.96 17.94
CA LYS G 127 -30.70 4.60 17.26
C LYS G 127 -29.68 5.18 18.23
N ASN G 128 -28.47 5.39 17.74
CA ASN G 128 -27.44 6.10 18.48
C ASN G 128 -27.54 7.61 18.23
N VAL G 129 -28.18 8.31 19.15
CA VAL G 129 -28.43 9.74 18.98
C VAL G 129 -27.24 10.57 19.43
N LEU G 130 -26.87 11.56 18.60
CA LEU G 130 -25.80 12.49 18.93
C LEU G 130 -26.34 13.91 18.96
N ILE G 131 -26.45 14.47 20.16
CA ILE G 131 -26.98 15.82 20.32
C ILE G 131 -25.85 16.82 20.16
N VAL G 132 -26.06 17.80 19.27
CA VAL G 132 -25.07 18.84 19.02
C VAL G 132 -25.61 20.19 19.49
N GLU G 133 -24.93 20.76 20.47
CA GLU G 133 -25.34 22.01 21.10
C GLU G 133 -24.21 23.02 21.01
N ASP G 134 -24.54 24.31 21.04
CA ASP G 134 -23.53 25.36 20.98
C ASP G 134 -22.86 25.60 22.32
N ILE G 135 -23.68 25.70 23.37
CA ILE G 135 -23.13 26.02 24.68
C ILE G 135 -24.06 25.51 25.77
N ILE G 136 -23.44 25.14 26.89
CA ILE G 136 -24.16 24.70 28.07
C ILE G 136 -23.70 25.51 29.27
N ASP G 137 -24.67 26.12 29.94
CA ASP G 137 -24.42 27.00 31.07
C ASP G 137 -25.03 26.40 32.34
N THR G 138 -26.35 26.44 32.45
CA THR G 138 -27.05 25.86 33.60
C THR G 138 -27.26 24.36 33.41
N GLY G 139 -27.49 23.96 32.16
CA GLY G 139 -27.77 22.57 31.83
C GLY G 139 -29.26 22.31 31.67
N LYS G 140 -30.06 23.36 31.81
CA LYS G 140 -31.51 23.27 31.72
C LYS G 140 -31.97 22.75 30.36
N THR G 141 -31.56 23.44 29.30
CA THR G 141 -31.94 23.09 27.94
C THR G 141 -31.53 21.65 27.61
N MET G 142 -30.30 21.30 27.96
CA MET G 142 -29.76 19.97 27.72
C MET G 142 -30.62 18.90 28.38
N GLN G 143 -31.06 19.16 29.61
CA GLN G 143 -31.80 18.17 30.39
C GLN G 143 -33.18 17.90 29.79
N THR G 144 -33.89 18.96 29.45
CA THR G 144 -35.23 18.84 28.86
C THR G 144 -35.19 18.05 27.56
N LEU G 145 -34.26 18.42 26.69
CA LEU G 145 -34.07 17.73 25.42
C LEU G 145 -33.86 16.24 25.64
N LEU G 146 -33.06 15.89 26.64
CA LEU G 146 -32.77 14.50 26.95
C LEU G 146 -33.99 13.74 27.49
N SER G 147 -34.87 14.46 28.20
CA SER G 147 -36.06 13.83 28.76
C SER G 147 -37.01 13.39 27.66
N LEU G 148 -37.13 14.20 26.62
CA LEU G 148 -38.01 13.88 25.49
C LEU G 148 -37.44 12.71 24.70
N VAL G 149 -36.17 12.82 24.33
CA VAL G 149 -35.51 11.78 23.55
C VAL G 149 -35.56 10.43 24.26
N ARG G 150 -35.52 10.46 25.59
CA ARG G 150 -35.58 9.22 26.38
C ARG G 150 -36.96 8.57 26.31
N GLN G 151 -38.02 9.37 26.20
CA GLN G 151 -39.38 8.84 26.14
C GLN G 151 -39.57 7.94 24.93
N TYR G 152 -38.69 8.09 23.94
CA TYR G 152 -38.71 7.25 22.74
C TYR G 152 -37.43 6.42 22.71
N ASN G 153 -37.22 5.63 23.76
CA ASN G 153 -35.98 4.91 24.03
C ASN G 153 -35.09 4.61 22.82
N PRO G 154 -34.07 5.46 22.59
CA PRO G 154 -33.05 5.14 21.60
C PRO G 154 -32.11 4.10 22.16
N LYS G 155 -31.15 3.63 21.37
CA LYS G 155 -30.07 2.81 21.92
C LYS G 155 -29.42 3.55 23.06
N MET G 156 -28.77 4.66 22.72
CA MET G 156 -28.12 5.51 23.71
C MET G 156 -28.10 6.95 23.19
N VAL G 157 -27.73 7.87 24.08
CA VAL G 157 -27.62 9.28 23.72
C VAL G 157 -26.33 9.87 24.27
N LYS G 158 -25.52 10.42 23.38
CA LYS G 158 -24.35 11.18 23.76
C LYS G 158 -24.62 12.66 23.47
N VAL G 159 -23.85 13.52 24.09
CA VAL G 159 -24.02 14.96 23.93
C VAL G 159 -22.69 15.64 23.62
N ALA G 160 -22.65 16.39 22.51
CA ALA G 160 -21.50 17.18 22.15
C ALA G 160 -21.85 18.66 22.19
N SER G 161 -21.03 19.44 22.90
CA SER G 161 -21.24 20.88 22.99
C SER G 161 -19.93 21.61 22.76
N LEU G 162 -19.99 22.67 21.95
CA LEU G 162 -18.79 23.44 21.63
C LEU G 162 -18.24 24.09 22.90
N LEU G 163 -19.12 24.71 23.67
CA LEU G 163 -18.72 25.43 24.87
C LEU G 163 -19.39 24.86 26.11
N VAL G 164 -18.72 24.99 27.25
CA VAL G 164 -19.28 24.61 28.54
C VAL G 164 -18.79 25.58 29.60
N LYS G 165 -19.72 26.31 30.21
CA LYS G 165 -19.36 27.30 31.20
C LYS G 165 -19.16 26.67 32.57
N ARG G 166 -18.09 27.08 33.25
CA ARG G 166 -17.87 26.68 34.64
C ARG G 166 -18.96 27.28 35.51
N THR G 167 -20.10 26.58 35.61
CA THR G 167 -21.26 27.10 36.33
C THR G 167 -21.73 26.09 37.38
N PRO G 168 -22.02 26.56 38.61
CA PRO G 168 -22.58 25.64 39.61
C PRO G 168 -24.00 25.19 39.25
N ARG G 169 -24.18 23.91 38.98
CA ARG G 169 -25.49 23.35 38.66
C ARG G 169 -25.37 22.13 37.76
N TYR G 173 -24.60 16.16 35.56
CA TYR G 173 -24.67 15.63 34.20
C TYR G 173 -24.15 16.65 33.19
N LYS G 174 -23.02 16.33 32.58
CA LYS G 174 -22.39 17.21 31.60
C LYS G 174 -21.90 16.41 30.40
N PRO G 175 -21.60 17.10 29.29
CA PRO G 175 -21.42 16.45 27.98
C PRO G 175 -20.36 15.37 27.93
N ASP G 176 -20.50 14.47 26.96
CA ASP G 176 -19.50 13.45 26.70
C ASP G 176 -18.39 14.03 25.83
N PHE G 177 -18.74 15.05 25.04
CA PHE G 177 -17.81 15.72 24.16
C PHE G 177 -17.88 17.22 24.36
N VAL G 178 -16.72 17.82 24.66
CA VAL G 178 -16.63 19.25 24.90
C VAL G 178 -15.48 19.86 24.11
N GLY G 179 -15.78 20.91 23.35
CA GLY G 179 -14.75 21.64 22.64
C GLY G 179 -13.92 22.46 23.60
N PHE G 180 -14.57 23.41 24.27
CA PHE G 180 -13.88 24.34 25.18
C PHE G 180 -14.66 24.53 26.47
N GLU G 181 -13.93 24.59 27.58
CA GLU G 181 -14.52 24.94 28.88
C GLU G 181 -14.17 26.40 29.17
N ILE G 182 -15.19 27.26 29.13
CA ILE G 182 -14.99 28.70 29.25
C ILE G 182 -15.46 29.22 30.60
N PRO G 183 -15.02 30.42 30.98
CA PRO G 183 -15.57 31.04 32.18
C PRO G 183 -17.02 31.46 31.96
N ASP G 184 -17.73 31.76 33.04
CA ASP G 184 -19.10 32.25 32.93
C ASP G 184 -19.09 33.67 32.37
N LYS G 185 -18.75 33.76 31.09
CA LYS G 185 -18.56 35.04 30.39
C LYS G 185 -19.41 35.06 29.13
N PHE G 186 -19.94 36.22 28.77
CA PHE G 186 -20.84 36.31 27.62
C PHE G 186 -20.06 36.45 26.31
N VAL G 187 -20.05 35.37 25.52
CA VAL G 187 -19.34 35.33 24.24
C VAL G 187 -20.31 35.25 23.05
N VAL G 188 -19.83 35.69 21.89
CA VAL G 188 -20.60 35.62 20.66
C VAL G 188 -19.73 35.04 19.53
N GLY G 189 -20.36 34.71 18.40
CA GLY G 189 -19.63 34.25 17.23
C GLY G 189 -19.73 32.75 16.98
N TYR G 190 -19.40 32.35 15.75
CA TYR G 190 -19.49 30.96 15.34
C TYR G 190 -20.92 30.46 15.58
N ALA G 191 -21.89 31.21 15.05
CA ALA G 191 -23.33 30.96 15.17
C ALA G 191 -23.93 31.35 16.52
N LEU G 192 -23.09 31.75 17.47
CA LEU G 192 -23.61 32.26 18.74
C LEU G 192 -23.96 33.74 18.59
N ASP G 193 -25.05 34.15 19.24
CA ASP G 193 -25.63 35.45 18.97
C ASP G 193 -25.75 36.37 20.18
N TYR G 194 -26.08 37.61 19.86
CA TYR G 194 -26.57 38.58 20.82
C TYR G 194 -27.68 39.33 20.11
N ASN G 195 -28.92 39.04 20.50
CA ASN G 195 -30.08 39.62 19.83
C ASN G 195 -30.04 39.26 18.34
N GLU G 196 -29.70 38.01 18.06
CA GLU G 196 -29.58 37.46 16.70
C GLU G 196 -28.40 38.01 15.91
N TYR G 197 -27.62 38.92 16.50
CA TYR G 197 -26.45 39.48 15.82
C TYR G 197 -25.19 38.67 16.13
N PHE G 198 -24.16 38.89 15.32
CA PHE G 198 -22.83 38.27 15.51
C PHE G 198 -22.78 36.78 15.15
N ARG G 199 -23.88 36.21 14.65
CA ARG G 199 -23.82 34.84 14.16
C ARG G 199 -22.95 34.75 12.91
N ASP G 200 -22.95 35.82 12.11
CA ASP G 200 -22.13 35.88 10.90
C ASP G 200 -20.67 36.18 11.24
N LEU G 201 -20.09 35.34 12.07
CA LEU G 201 -18.77 35.57 12.62
C LEU G 201 -18.08 34.22 12.81
N ASN G 202 -16.86 34.09 12.32
CA ASN G 202 -16.19 32.80 12.39
C ASN G 202 -15.52 32.57 13.74
N HIS G 203 -15.03 33.65 14.36
CA HIS G 203 -14.39 33.54 15.67
C HIS G 203 -15.43 33.62 16.79
N VAL G 204 -15.17 32.93 17.90
CA VAL G 204 -15.90 33.22 19.14
C VAL G 204 -15.23 34.44 19.75
N CYS G 205 -16.02 35.49 19.96
CA CYS G 205 -15.50 36.77 20.43
C CYS G 205 -16.24 37.27 21.68
N VAL G 206 -15.75 38.36 22.23
CA VAL G 206 -16.41 39.03 23.34
C VAL G 206 -16.94 40.36 22.86
N ILE G 207 -18.21 40.62 23.17
CA ILE G 207 -18.87 41.83 22.73
C ILE G 207 -18.49 42.98 23.65
N SER G 208 -18.33 44.18 23.09
CA SER G 208 -17.91 45.35 23.85
C SER G 208 -19.11 46.08 24.47
N GLU G 209 -18.82 47.09 25.29
CA GLU G 209 -19.87 47.92 25.85
C GLU G 209 -20.59 48.68 24.76
N THR G 210 -19.82 49.16 23.78
CA THR G 210 -20.38 49.79 22.59
C THR G 210 -21.35 48.82 21.91
N GLY G 211 -20.96 47.54 21.86
CA GLY G 211 -21.75 46.53 21.19
C GLY G 211 -23.03 46.17 21.93
N LYS G 212 -22.91 45.90 23.23
CA LYS G 212 -24.07 45.52 24.04
C LYS G 212 -25.17 46.57 23.96
N ALA G 213 -24.79 47.84 24.02
CA ALA G 213 -25.74 48.93 23.95
C ALA G 213 -26.34 49.05 22.56
N LYS G 214 -25.51 48.87 21.55
CA LYS G 214 -25.91 49.05 20.17
C LYS G 214 -26.99 48.04 19.75
N TYR G 215 -26.87 46.82 20.26
CA TYR G 215 -27.76 45.73 19.87
C TYR G 215 -28.66 45.28 21.02
N LYS G 216 -28.94 46.19 21.94
CA LYS G 216 -29.86 45.91 23.04
C LYS G 216 -31.29 45.83 22.49
N ALA G 217 -32.14 45.05 23.15
CA ALA G 217 -33.51 44.85 22.68
C ALA G 217 -34.28 46.16 22.62
N ARG H 3 3.40 47.23 10.22
CA ARG H 3 2.47 47.61 11.28
C ARG H 3 2.72 46.79 12.55
N SER H 4 1.80 45.90 12.91
CA SER H 4 1.87 45.19 14.20
C SER H 4 3.12 44.30 14.32
N PRO H 5 3.54 44.02 15.57
CA PRO H 5 4.64 43.08 15.82
C PRO H 5 4.19 41.62 15.80
N GLY H 6 2.97 41.38 15.32
CA GLY H 6 2.40 40.05 15.27
C GLY H 6 1.72 39.69 16.56
N VAL H 7 1.17 38.48 16.61
CA VAL H 7 0.60 37.95 17.83
C VAL H 7 1.70 37.66 18.84
N VAL H 8 1.68 38.37 19.95
CA VAL H 8 2.70 38.22 20.97
C VAL H 8 2.35 37.04 21.88
N ILE H 9 3.24 36.05 21.91
CA ILE H 9 3.10 34.90 22.82
C ILE H 9 4.02 35.08 24.03
N SER H 10 3.43 34.98 25.22
CA SER H 10 4.13 35.23 26.48
C SER H 10 5.28 34.24 26.74
N ASP H 11 6.21 34.65 27.60
CA ASP H 11 7.30 33.77 28.03
C ASP H 11 6.73 32.55 28.76
N ASP H 12 5.55 32.73 29.36
CA ASP H 12 4.97 31.70 30.22
C ASP H 12 3.85 30.90 29.53
N GLU H 13 3.71 31.07 28.22
CA GLU H 13 2.68 30.35 27.46
C GLU H 13 2.75 28.84 27.73
N PRO H 14 1.65 28.23 28.23
CA PRO H 14 1.68 26.79 28.52
C PRO H 14 1.47 25.93 27.27
N GLY H 15 0.81 26.49 26.27
CA GLY H 15 0.41 25.72 25.11
C GLY H 15 -0.83 24.92 25.44
N TYR H 16 -1.05 23.85 24.70
CA TYR H 16 -2.24 23.01 24.88
C TYR H 16 -1.85 21.54 25.00
N ASP H 17 -2.69 20.79 25.70
CA ASP H 17 -2.47 19.36 25.88
C ASP H 17 -2.59 18.64 24.53
N LEU H 18 -1.64 17.76 24.25
CA LEU H 18 -1.65 16.99 23.00
C LEU H 18 -2.94 16.21 22.87
N ASP H 19 -3.46 15.76 24.01
CA ASP H 19 -4.68 14.94 24.05
C ASP H 19 -5.90 15.70 23.51
N LEU H 20 -5.79 17.01 23.39
CA LEU H 20 -6.90 17.85 22.95
C LEU H 20 -6.95 18.04 21.43
N PHE H 21 -5.86 17.68 20.76
CA PHE H 21 -5.70 17.95 19.33
C PHE H 21 -5.42 16.70 18.51
N CYS H 22 -5.58 16.84 17.20
CA CYS H 22 -5.21 15.78 16.26
C CYS H 22 -3.71 15.82 16.00
N ILE H 23 -3.03 14.77 16.44
CA ILE H 23 -1.57 14.70 16.36
C ILE H 23 -1.15 13.43 15.62
N PRO H 24 -0.10 13.52 14.78
CA PRO H 24 0.42 12.32 14.12
C PRO H 24 0.79 11.22 15.12
N ASN H 25 0.46 9.98 14.77
CA ASN H 25 0.72 8.85 15.66
C ASN H 25 2.21 8.65 15.91
N HIS H 26 3.03 8.90 14.90
CA HIS H 26 4.46 8.63 14.99
C HIS H 26 5.24 9.70 15.77
N TYR H 27 4.52 10.68 16.30
CA TYR H 27 5.12 11.72 17.15
C TYR H 27 4.45 11.74 18.52
N ALA H 28 3.76 10.66 18.85
CA ALA H 28 2.95 10.59 20.07
C ALA H 28 3.75 10.92 21.33
N GLU H 29 4.94 10.35 21.45
CA GLU H 29 5.77 10.54 22.64
C GLU H 29 6.93 11.49 22.38
N ASP H 30 6.90 12.18 21.25
CA ASP H 30 8.00 13.04 20.83
C ASP H 30 7.73 14.53 21.04
N LEU H 31 6.49 14.84 21.42
CA LEU H 31 6.08 16.23 21.65
C LEU H 31 5.66 16.43 23.10
N GLU H 32 5.79 17.66 23.59
CA GLU H 32 5.43 18.01 24.96
C GLU H 32 4.06 18.65 24.99
N ARG H 33 3.93 19.76 24.24
CA ARG H 33 2.67 20.48 24.13
C ARG H 33 2.47 20.96 22.69
N VAL H 34 1.23 21.29 22.36
CA VAL H 34 0.95 22.08 21.17
C VAL H 34 1.17 23.54 21.55
N PHE H 35 2.04 24.24 20.83
CA PHE H 35 2.42 25.60 21.19
C PHE H 35 1.59 26.62 20.42
N ILE H 36 1.48 26.43 19.10
CA ILE H 36 0.60 27.24 18.26
C ILE H 36 -0.24 26.34 17.36
N PRO H 37 -1.56 26.22 17.65
CA PRO H 37 -2.45 25.40 16.82
C PRO H 37 -2.42 25.78 15.35
N HIS H 38 -2.62 24.80 14.48
CA HIS H 38 -2.57 25.02 13.04
C HIS H 38 -3.60 26.07 12.62
N GLY H 39 -4.81 25.94 13.14
CA GLY H 39 -5.88 26.86 12.78
C GLY H 39 -5.57 28.30 13.15
N LEU H 40 -4.87 28.48 14.28
CA LEU H 40 -4.49 29.81 14.73
C LEU H 40 -3.53 30.44 13.74
N ILE H 41 -2.65 29.62 13.18
CA ILE H 41 -1.71 30.08 12.17
C ILE H 41 -2.47 30.54 10.94
N MET H 42 -3.47 29.75 10.53
CA MET H 42 -4.28 30.07 9.37
C MET H 42 -5.02 31.38 9.54
N ASP H 43 -5.65 31.57 10.70
CA ASP H 43 -6.37 32.81 10.99
C ASP H 43 -5.44 34.02 10.91
N ARG H 44 -4.25 33.90 11.49
CA ARG H 44 -3.28 34.99 11.47
C ARG H 44 -2.78 35.20 10.05
N THR H 45 -2.55 34.11 9.34
CA THR H 45 -2.04 34.20 7.97
C THR H 45 -3.06 34.87 7.05
N GLU H 46 -4.35 34.72 7.36
CA GLU H 46 -5.40 35.36 6.57
C GLU H 46 -5.30 36.89 6.66
N ARG H 47 -5.10 37.40 7.87
CA ARG H 47 -4.94 38.84 8.06
C ARG H 47 -3.67 39.35 7.37
N LEU H 48 -2.58 38.62 7.54
CA LEU H 48 -1.29 39.00 6.96
C LEU H 48 -1.40 39.14 5.44
N ALA H 49 -2.12 38.23 4.80
CA ALA H 49 -2.33 38.28 3.35
C ALA H 49 -2.93 39.60 2.93
N ARG H 50 -3.92 40.07 3.69
CA ARG H 50 -4.59 41.32 3.37
C ARG H 50 -3.65 42.49 3.65
N ASP H 51 -2.86 42.38 4.71
CA ASP H 51 -1.85 43.40 5.01
C ASP H 51 -0.83 43.48 3.89
N VAL H 52 -0.38 42.33 3.42
CA VAL H 52 0.60 42.26 2.35
C VAL H 52 0.08 42.95 1.09
N MET H 53 -1.15 42.64 0.71
CA MET H 53 -1.73 43.23 -0.49
C MET H 53 -1.94 44.73 -0.34
N LYS H 54 -2.30 45.18 0.86
CA LYS H 54 -2.46 46.60 1.11
C LYS H 54 -1.15 47.35 0.89
N GLU H 55 -0.05 46.74 1.30
CA GLU H 55 1.26 47.40 1.22
C GLU H 55 1.94 47.22 -0.14
N MET H 56 1.73 46.07 -0.76
CA MET H 56 2.51 45.66 -1.93
C MET H 56 1.68 45.49 -3.19
N GLY H 57 0.36 45.58 -3.08
CA GLY H 57 -0.54 45.28 -4.18
C GLY H 57 -0.52 46.30 -5.30
N GLY H 58 0.24 47.38 -5.11
CA GLY H 58 0.31 48.43 -6.11
C GLY H 58 1.18 48.09 -7.30
N HIS H 59 1.83 46.93 -7.26
CA HIS H 59 2.74 46.54 -8.32
C HIS H 59 3.01 45.03 -8.29
N HIS H 60 3.45 44.50 -9.43
CA HIS H 60 3.76 43.08 -9.58
C HIS H 60 4.55 42.54 -8.41
N ILE H 61 3.99 41.53 -7.73
CA ILE H 61 4.65 40.91 -6.59
C ILE H 61 5.38 39.63 -6.99
N VAL H 62 6.62 39.49 -6.51
CA VAL H 62 7.32 38.21 -6.57
C VAL H 62 7.50 37.69 -5.15
N ALA H 63 6.83 36.59 -4.85
CA ALA H 63 6.96 35.93 -3.55
C ALA H 63 8.14 34.97 -3.56
N LEU H 64 9.15 35.25 -2.74
CA LEU H 64 10.33 34.41 -2.64
C LEU H 64 10.24 33.51 -1.42
N CYS H 65 10.07 32.21 -1.68
CA CYS H 65 9.97 31.21 -0.64
C CYS H 65 11.34 30.78 -0.13
N VAL H 66 11.57 30.91 1.17
CA VAL H 66 12.82 30.46 1.76
C VAL H 66 12.67 29.03 2.27
N LEU H 67 13.10 28.09 1.43
CA LEU H 67 13.11 26.66 1.78
C LEU H 67 14.10 26.38 2.89
N LYS H 68 13.91 25.32 3.68
CA LYS H 68 12.78 24.40 3.59
C LYS H 68 11.61 24.86 4.46
N GLY H 69 11.95 25.43 5.61
CA GLY H 69 10.97 25.67 6.66
C GLY H 69 9.87 26.64 6.30
N GLY H 70 10.10 27.45 5.28
CA GLY H 70 9.14 28.47 4.88
C GLY H 70 8.03 27.98 3.95
N TYR H 71 8.11 26.73 3.50
CA TYR H 71 7.25 26.26 2.40
C TYR H 71 5.77 26.24 2.77
N LYS H 72 5.44 25.76 3.97
CA LYS H 72 4.05 25.75 4.42
C LYS H 72 3.47 27.15 4.55
N PHE H 73 4.16 28.02 5.28
CA PHE H 73 3.70 29.39 5.47
C PHE H 73 3.57 30.09 4.13
N PHE H 74 4.53 29.85 3.25
CA PHE H 74 4.54 30.38 1.90
C PHE H 74 3.30 29.96 1.12
N ALA H 75 3.00 28.68 1.13
CA ALA H 75 1.87 28.16 0.37
C ALA H 75 0.55 28.71 0.90
N ASP H 76 0.40 28.69 2.22
CA ASP H 76 -0.86 29.12 2.84
C ASP H 76 -1.06 30.62 2.67
N LEU H 77 0.01 31.39 2.86
CA LEU H 77 -0.05 32.84 2.69
C LEU H 77 -0.48 33.20 1.26
N LEU H 78 0.14 32.58 0.26
CA LEU H 78 -0.21 32.88 -1.12
C LEU H 78 -1.64 32.43 -1.44
N ASP H 79 -2.09 31.32 -0.84
CA ASP H 79 -3.46 30.85 -1.03
C ASP H 79 -4.46 31.90 -0.55
N TYR H 80 -4.15 32.55 0.58
CA TYR H 80 -5.02 33.60 1.09
C TYR H 80 -4.94 34.86 0.25
N ILE H 81 -3.75 35.15 -0.29
CA ILE H 81 -3.59 36.28 -1.18
C ILE H 81 -4.36 36.05 -2.48
N LYS H 82 -4.35 34.81 -2.96
CA LYS H 82 -5.06 34.46 -4.18
C LYS H 82 -6.57 34.59 -3.96
N ALA H 83 -7.03 34.17 -2.78
CA ALA H 83 -8.45 34.26 -2.42
C ALA H 83 -8.91 35.71 -2.47
N LEU H 84 -8.07 36.63 -2.02
CA LEU H 84 -8.36 38.06 -2.11
C LEU H 84 -8.42 38.50 -3.56
N ASN H 85 -7.40 38.14 -4.33
CA ASN H 85 -7.24 38.63 -5.70
C ASN H 85 -8.37 38.22 -6.64
N ARG H 86 -9.00 37.09 -6.37
CA ARG H 86 -10.06 36.59 -7.23
C ARG H 86 -11.44 37.00 -6.73
N ASN H 87 -11.47 37.79 -5.66
CA ASN H 87 -12.73 38.25 -5.07
C ASN H 87 -12.78 39.77 -4.86
N SER H 88 -11.85 40.48 -5.48
CA SER H 88 -11.79 41.95 -5.37
C SER H 88 -11.76 42.60 -6.75
N ASP H 89 -12.14 43.87 -6.80
CA ASP H 89 -12.21 44.61 -8.06
C ASP H 89 -10.81 44.93 -8.60
N ARG H 90 -9.83 44.98 -7.69
CA ARG H 90 -8.45 45.26 -8.06
C ARG H 90 -7.56 44.05 -7.74
N SER H 91 -6.58 43.80 -8.59
CA SER H 91 -5.67 42.67 -8.40
C SER H 91 -4.42 42.86 -9.24
N ILE H 92 -3.32 42.26 -8.79
CA ILE H 92 -2.06 42.31 -9.52
C ILE H 92 -1.51 40.91 -9.75
N PRO H 93 -0.77 40.72 -10.86
CA PRO H 93 -0.13 39.42 -11.05
C PRO H 93 0.91 39.14 -9.97
N MET H 94 1.01 37.88 -9.57
CA MET H 94 2.01 37.45 -8.61
C MET H 94 2.75 36.26 -9.18
N THR H 95 4.08 36.35 -9.16
CA THR H 95 4.95 35.24 -9.56
C THR H 95 5.71 34.76 -8.33
N VAL H 96 6.37 33.61 -8.46
CA VAL H 96 7.05 33.00 -7.33
C VAL H 96 8.45 32.54 -7.71
N ASP H 97 9.32 32.51 -6.71
CA ASP H 97 10.61 31.88 -6.84
C ASP H 97 10.96 31.25 -5.49
N PHE H 98 12.00 30.44 -5.51
CA PHE H 98 12.40 29.64 -4.37
C PHE H 98 13.90 29.77 -4.16
N ILE H 99 14.30 29.65 -2.90
CA ILE H 99 15.71 29.66 -2.55
C ILE H 99 15.87 28.95 -1.22
N ARG H 100 17.00 28.30 -1.01
CA ARG H 100 17.33 27.74 0.29
C ARG H 100 18.65 28.30 0.81
N LEU H 101 18.62 28.77 2.04
CA LEU H 101 19.83 29.15 2.76
C LEU H 101 20.13 28.05 3.76
N LYS H 102 21.37 27.60 3.75
CA LYS H 102 21.79 26.39 4.44
C LYS H 102 23.14 26.62 5.10
N SER H 103 23.45 25.82 6.12
CA SER H 103 24.76 25.86 6.76
C SER H 103 25.69 24.81 6.14
N TYR H 104 26.98 25.11 6.09
CA TYR H 104 27.97 24.16 5.58
C TYR H 104 28.37 23.17 6.67
N ASP H 112 29.96 28.51 6.79
CA ASP H 112 29.22 29.76 6.73
C ASP H 112 27.76 29.47 6.30
N ILE H 113 27.20 30.29 5.41
CA ILE H 113 25.84 30.08 4.91
C ILE H 113 25.84 29.70 3.43
N LYS H 114 25.42 28.46 3.14
CA LYS H 114 25.29 27.99 1.77
C LYS H 114 23.96 28.44 1.17
N VAL H 115 24.02 29.04 -0.02
CA VAL H 115 22.84 29.49 -0.72
C VAL H 115 22.58 28.58 -1.92
N ILE H 116 21.38 28.02 -1.97
CA ILE H 116 21.00 27.09 -3.03
C ILE H 116 19.81 27.64 -3.80
N GLY H 117 19.97 27.77 -5.12
CA GLY H 117 18.93 28.30 -5.98
C GLY H 117 19.04 29.80 -6.17
N GLY H 118 20.15 30.38 -5.72
CA GLY H 118 20.38 31.81 -5.81
C GLY H 118 21.20 32.20 -7.03
N ASP H 119 21.47 31.22 -7.90
CA ASP H 119 22.26 31.44 -9.11
C ASP H 119 21.80 32.64 -9.93
N ASP H 120 20.56 32.58 -10.40
CA ASP H 120 20.00 33.65 -11.23
C ASP H 120 18.60 34.04 -10.79
N LEU H 121 18.54 35.03 -9.91
CA LEU H 121 17.27 35.57 -9.44
C LEU H 121 16.91 36.83 -10.21
N SER H 122 16.98 36.73 -11.54
CA SER H 122 16.63 37.84 -12.41
C SER H 122 15.12 38.04 -12.44
N THR H 123 14.38 37.03 -12.01
CA THR H 123 12.93 37.12 -11.89
C THR H 123 12.50 38.17 -10.87
N LEU H 124 13.43 38.58 -10.00
CA LEU H 124 13.17 39.58 -8.98
C LEU H 124 13.31 41.02 -9.48
N THR H 125 13.98 41.16 -10.62
CA THR H 125 14.37 42.49 -11.10
C THR H 125 13.19 43.41 -11.35
N GLY H 126 13.18 44.54 -10.65
CA GLY H 126 12.19 45.58 -10.85
C GLY H 126 10.82 45.26 -10.31
N LYS H 127 10.74 44.24 -9.45
CA LYS H 127 9.46 43.78 -8.92
C LYS H 127 9.33 44.11 -7.43
N ASN H 128 8.11 43.99 -6.91
CA ASN H 128 7.88 44.04 -5.47
C ASN H 128 8.15 42.67 -4.89
N VAL H 129 9.25 42.54 -4.16
CA VAL H 129 9.69 41.25 -3.66
C VAL H 129 9.20 41.00 -2.24
N LEU H 130 8.48 39.88 -2.06
CA LEU H 130 8.02 39.44 -0.75
C LEU H 130 8.81 38.20 -0.35
N ILE H 131 9.74 38.36 0.57
CA ILE H 131 10.51 37.23 1.08
C ILE H 131 9.74 36.55 2.20
N VAL H 132 9.49 35.26 2.06
CA VAL H 132 8.68 34.51 3.02
C VAL H 132 9.53 33.53 3.80
N GLU H 133 9.62 33.76 5.11
CA GLU H 133 10.53 33.02 5.99
C GLU H 133 9.74 32.32 7.10
N ASP H 134 10.34 31.29 7.69
CA ASP H 134 9.66 30.55 8.74
C ASP H 134 9.93 31.18 10.11
N ILE H 135 11.18 31.57 10.36
CA ILE H 135 11.52 32.15 11.65
C ILE H 135 12.74 33.07 11.61
N ILE H 136 12.63 34.20 12.31
CA ILE H 136 13.74 35.10 12.56
C ILE H 136 14.24 34.91 14.00
N ASP H 137 15.53 34.65 14.15
CA ASP H 137 16.14 34.47 15.47
C ASP H 137 17.28 35.46 15.65
N THR H 138 18.46 35.13 15.15
CA THR H 138 19.60 36.04 15.19
C THR H 138 19.46 37.12 14.12
N GLY H 139 18.81 36.76 13.01
CA GLY H 139 18.66 37.65 11.88
C GLY H 139 19.70 37.46 10.80
N LYS H 140 20.69 36.61 11.08
CA LYS H 140 21.78 36.34 10.13
C LYS H 140 21.26 35.90 8.76
N THR H 141 20.39 34.91 8.76
CA THR H 141 19.84 34.36 7.53
C THR H 141 19.24 35.44 6.65
N MET H 142 18.49 36.36 7.25
CA MET H 142 17.76 37.33 6.46
C MET H 142 18.64 38.51 6.03
N GLN H 143 19.66 38.84 6.82
CA GLN H 143 20.63 39.85 6.40
C GLN H 143 21.35 39.34 5.15
N THR H 144 21.71 38.06 5.14
CA THR H 144 22.32 37.42 3.98
C THR H 144 21.40 37.48 2.77
N LEU H 145 20.14 37.16 3.00
CA LEU H 145 19.15 37.08 1.94
C LEU H 145 18.88 38.44 1.29
N LEU H 146 18.88 39.49 2.11
CA LEU H 146 18.62 40.83 1.61
C LEU H 146 19.78 41.32 0.74
N SER H 147 21.01 41.00 1.13
CA SER H 147 22.18 41.37 0.32
C SER H 147 22.16 40.65 -1.01
N LEU H 148 21.68 39.41 -0.99
CA LEU H 148 21.54 38.60 -2.18
C LEU H 148 20.55 39.23 -3.15
N VAL H 149 19.37 39.57 -2.64
CA VAL H 149 18.30 40.13 -3.46
C VAL H 149 18.63 41.53 -3.98
N ARG H 150 19.41 42.28 -3.21
CA ARG H 150 19.77 43.66 -3.56
C ARG H 150 20.46 43.77 -4.92
N GLN H 151 21.26 42.76 -5.25
CA GLN H 151 22.08 42.78 -6.46
C GLN H 151 21.26 42.69 -7.75
N TYR H 152 19.95 42.45 -7.63
CA TYR H 152 19.09 42.26 -8.79
C TYR H 152 18.12 43.41 -8.99
N ASN H 153 18.33 44.51 -8.26
CA ASN H 153 17.50 45.71 -8.41
C ASN H 153 16.01 45.46 -8.31
N PRO H 154 15.56 44.98 -7.15
CA PRO H 154 14.11 44.91 -6.91
C PRO H 154 13.54 46.30 -6.72
N LYS H 155 12.28 46.49 -7.09
CA LYS H 155 11.63 47.77 -6.84
C LYS H 155 11.44 47.94 -5.34
N MET H 156 11.02 46.85 -4.70
CA MET H 156 10.73 46.83 -3.27
C MET H 156 11.09 45.47 -2.70
N VAL H 157 11.52 45.46 -1.45
CA VAL H 157 11.74 44.21 -0.71
C VAL H 157 11.09 44.30 0.67
N LYS H 158 10.13 43.40 0.91
CA LYS H 158 9.51 43.25 2.22
C LYS H 158 9.73 41.81 2.66
N VAL H 159 9.77 41.58 3.96
CA VAL H 159 9.96 40.25 4.51
C VAL H 159 8.79 39.87 5.41
N ALA H 160 8.23 38.69 5.15
CA ALA H 160 7.21 38.13 6.02
C ALA H 160 7.79 36.90 6.69
N SER H 161 7.65 36.81 8.01
CA SER H 161 8.13 35.67 8.75
C SER H 161 7.04 35.16 9.68
N LEU H 162 6.81 33.86 9.68
CA LEU H 162 5.79 33.26 10.53
C LEU H 162 6.11 33.53 11.99
N LEU H 163 7.37 33.29 12.36
CA LEU H 163 7.83 33.45 13.73
C LEU H 163 8.94 34.48 13.83
N VAL H 164 8.90 35.24 14.93
CA VAL H 164 10.00 36.09 15.33
C VAL H 164 10.32 35.74 16.77
N LYS H 165 11.57 35.43 17.06
CA LYS H 165 11.98 35.09 18.41
C LYS H 165 12.46 36.31 19.19
N ARG H 166 11.90 36.49 20.39
CA ARG H 166 12.44 37.42 21.36
C ARG H 166 13.73 36.82 21.91
N THR H 167 14.86 37.42 21.57
CA THR H 167 16.15 36.87 21.98
C THR H 167 17.21 37.95 22.14
N PRO H 168 18.12 37.77 23.12
CA PRO H 168 19.27 38.68 23.22
C PRO H 168 20.23 38.54 22.04
N ARG H 169 20.25 37.36 21.41
CA ARG H 169 21.11 37.11 20.26
C ARG H 169 20.72 37.98 19.07
N SER H 170 19.52 38.55 19.12
CA SER H 170 19.04 39.46 18.08
C SER H 170 19.95 40.67 17.98
N VAL H 171 20.28 41.05 16.74
CA VAL H 171 21.19 42.17 16.51
C VAL H 171 20.42 43.38 15.97
N GLY H 172 19.10 43.24 15.87
CA GLY H 172 18.24 44.35 15.54
C GLY H 172 17.43 44.17 14.26
N TYR H 173 17.59 43.01 13.61
CA TYR H 173 16.80 42.75 12.41
C TYR H 173 15.34 42.45 12.74
N LYS H 174 14.43 43.10 12.00
CA LYS H 174 13.01 42.88 12.18
C LYS H 174 12.31 42.78 10.82
N PRO H 175 11.45 41.76 10.64
CA PRO H 175 10.73 41.64 9.36
C PRO H 175 9.57 42.63 9.28
N ASP H 176 8.97 42.78 8.10
CA ASP H 176 7.90 43.74 7.88
C ASP H 176 6.54 43.17 8.27
N PHE H 177 6.39 41.85 8.12
CA PHE H 177 5.17 41.16 8.51
C PHE H 177 5.50 40.00 9.43
N VAL H 178 4.77 39.89 10.52
CA VAL H 178 5.03 38.88 11.53
C VAL H 178 3.77 38.09 11.88
N GLY H 179 3.89 36.77 11.87
CA GLY H 179 2.81 35.91 12.33
C GLY H 179 2.70 36.00 13.84
N PHE H 180 3.75 35.51 14.50
CA PHE H 180 3.79 35.36 15.96
C PHE H 180 5.17 35.73 16.51
N GLU H 181 5.17 36.46 17.62
CA GLU H 181 6.40 36.76 18.35
C GLU H 181 6.51 35.85 19.56
N ILE H 182 7.50 34.96 19.54
CA ILE H 182 7.61 33.90 20.55
C ILE H 182 8.85 34.01 21.43
N PRO H 183 8.81 33.36 22.61
CA PRO H 183 9.97 33.25 23.50
C PRO H 183 11.13 32.51 22.86
N ASP H 184 12.33 32.67 23.42
CA ASP H 184 13.48 31.92 22.95
C ASP H 184 13.37 30.47 23.40
N LYS H 185 12.42 29.76 22.81
CA LYS H 185 12.21 28.34 23.07
C LYS H 185 12.22 27.58 21.74
N PHE H 186 12.73 26.36 21.75
CA PHE H 186 12.86 25.59 20.52
C PHE H 186 11.52 24.98 20.14
N VAL H 187 11.02 25.33 18.96
CA VAL H 187 9.74 24.85 18.47
C VAL H 187 9.90 24.11 17.15
N VAL H 188 8.97 23.21 16.87
CA VAL H 188 8.95 22.45 15.63
C VAL H 188 7.54 22.40 15.08
N GLY H 189 7.41 21.99 13.82
CA GLY H 189 6.12 21.86 13.18
C GLY H 189 5.80 22.97 12.19
N TYR H 190 4.78 22.74 11.39
CA TYR H 190 4.42 23.66 10.31
C TYR H 190 5.64 23.89 9.42
N ALA H 191 6.27 22.78 9.04
CA ALA H 191 7.45 22.72 8.17
C ALA H 191 8.76 23.04 8.89
N LEU H 192 8.69 23.53 10.13
CA LEU H 192 9.90 23.72 10.93
C LEU H 192 10.39 22.37 11.45
N ASP H 193 11.70 22.19 11.45
CA ASP H 193 12.28 20.87 11.69
C ASP H 193 13.19 20.77 12.90
N TYR H 194 13.46 19.53 13.27
CA TYR H 194 14.54 19.18 14.18
C TYR H 194 15.27 18.00 13.56
N ASN H 195 16.42 18.27 12.96
CA ASN H 195 17.13 17.25 12.20
C ASN H 195 16.21 16.62 11.15
N GLU H 196 15.49 17.49 10.45
CA GLU H 196 14.58 17.13 9.35
C GLU H 196 13.31 16.41 9.77
N TYR H 197 13.15 16.16 11.06
CA TYR H 197 11.90 15.60 11.57
C TYR H 197 10.90 16.72 11.89
N PHE H 198 9.64 16.36 12.06
CA PHE H 198 8.56 17.26 12.47
C PHE H 198 8.12 18.25 11.40
N ARG H 199 8.69 18.18 10.21
CA ARG H 199 8.23 19.05 9.13
C ARG H 199 6.81 18.65 8.70
N ASP H 200 6.48 17.38 8.91
CA ASP H 200 5.18 16.83 8.53
C ASP H 200 4.15 16.99 9.65
N LEU H 201 4.36 18.01 10.47
CA LEU H 201 3.45 18.34 11.56
C LEU H 201 2.84 19.70 11.23
N ASN H 202 1.52 19.82 11.34
CA ASN H 202 0.83 21.06 10.98
C ASN H 202 0.66 22.02 12.16
N HIS H 203 0.79 21.51 13.37
CA HIS H 203 0.85 22.37 14.57
C HIS H 203 2.29 22.78 14.84
N VAL H 204 2.49 23.99 15.37
CA VAL H 204 3.78 24.35 15.95
C VAL H 204 3.81 23.85 17.39
N CYS H 205 4.83 23.07 17.72
CA CYS H 205 4.87 22.36 18.99
C CYS H 205 6.25 22.38 19.64
N VAL H 206 6.27 22.00 20.92
CA VAL H 206 7.50 21.85 21.67
C VAL H 206 7.84 20.37 21.73
N ILE H 207 9.12 20.03 21.58
CA ILE H 207 9.55 18.64 21.56
C ILE H 207 9.59 18.07 22.98
N SER H 208 9.37 16.76 23.09
CA SER H 208 9.54 16.06 24.35
C SER H 208 11.02 15.71 24.52
N GLU H 209 11.41 15.25 25.70
CA GLU H 209 12.79 14.88 25.96
C GLU H 209 13.13 13.58 25.24
N THR H 210 12.18 12.66 25.19
CA THR H 210 12.37 11.40 24.48
C THR H 210 12.61 11.68 23.00
N GLY H 211 11.87 12.66 22.47
CA GLY H 211 11.96 13.01 21.06
C GLY H 211 13.26 13.69 20.70
N LYS H 212 13.69 14.63 21.54
CA LYS H 212 14.93 15.35 21.31
C LYS H 212 16.11 14.37 21.31
N ALA H 213 15.99 13.33 22.11
CA ALA H 213 17.00 12.28 22.17
C ALA H 213 16.84 11.31 21.00
N LYS H 214 15.60 10.96 20.69
CA LYS H 214 15.29 10.03 19.61
C LYS H 214 15.80 10.55 18.27
N TYR H 215 15.55 11.82 18.01
CA TYR H 215 15.88 12.43 16.73
C TYR H 215 17.18 13.23 16.78
N LYS H 216 17.98 12.99 17.82
CA LYS H 216 19.30 13.58 17.91
C LYS H 216 20.14 13.15 16.72
N ALA H 217 21.03 14.02 16.27
CA ALA H 217 21.84 13.75 15.07
C ALA H 217 22.68 12.50 15.24
OAE 3L5 I . -6.11 -22.71 -26.40
OAE 3L5 I . -4.66 -23.07 -24.46
PBB 3L5 I . -6.69 -22.78 -27.79
PBB 3L5 I . -4.80 -24.10 -25.55
OAF 3L5 I . -5.61 -22.50 -28.80
OAF 3L5 I . -4.53 -25.48 -24.93
OAC 3L5 I . -7.79 -21.75 -27.91
OAC 3L5 I . -3.77 -23.85 -26.64
CAP 3L5 I . -7.40 -24.45 -28.10
CAP 3L5 I . -6.51 -24.03 -26.22
CAK 3L5 I . -6.82 -25.53 -27.17
CAK 3L5 I . -6.92 -25.27 -27.03
OAU 3L5 I . -7.87 -26.07 -26.33
OAU 3L5 I . -7.87 -26.03 -26.25
CAJ 3L5 I . -7.34 -26.66 -25.12
CAJ 3L5 I . -7.31 -26.67 -25.07
CAL 3L5 I . -8.27 -27.75 -24.57
CAL 3L5 I . -8.24 -27.76 -24.53
NAZ 3L5 I . -9.67 -27.36 -24.64
NAZ 3L5 I . -9.64 -27.39 -24.61
CAN 3L5 I . -10.51 -28.47 -25.07
CAN 3L5 I . -10.48 -28.49 -25.05
CAQ 3L5 I . -10.55 -29.64 -24.08
CAQ 3L5 I . -10.58 -29.66 -24.05
PBC 3L5 I . -11.64 -31.02 -24.68
PBC 3L5 I . -11.69 -31.02 -24.66
OAG 3L5 I . -11.19 -31.48 -26.04
OAG 3L5 I . -11.21 -31.52 -26.00
OAH 3L5 I . -13.07 -30.49 -24.77
OAH 3L5 I . -13.10 -30.46 -24.80
OAD 3L5 I . -11.62 -32.19 -23.71
OAD 3L5 I . -11.72 -32.17 -23.67
CAM 3L5 I . -10.09 -26.73 -23.37
CAM 3L5 I . -10.08 -26.74 -23.34
CAO 3L5 I . -11.39 -25.90 -23.54
CAO 3L5 I . -11.39 -25.92 -23.52
N9 3L5 I . -11.98 -25.69 -22.19
N9 3L5 I . -11.98 -25.70 -22.19
C4 3L5 I . -11.52 -24.80 -21.29
C4 3L5 I . -11.52 -24.80 -21.29
N3 3L5 I . -10.52 -23.90 -21.26
N3 3L5 I . -10.52 -23.90 -21.26
C2 3L5 I . -10.31 -23.12 -20.18
C2 3L5 I . -10.32 -23.12 -20.19
N2 3L5 I . -9.25 -22.18 -20.20
N2 3L5 I . -9.25 -22.17 -20.21
N1 3L5 I . -11.07 -23.22 -19.07
N1 3L5 I . -11.08 -23.20 -19.09
C6 3L5 I . -12.08 -24.09 -19.00
C6 3L5 I . -12.10 -24.07 -19.01
O6 3L5 I . -12.89 -24.18 -17.83
O6 3L5 I . -12.91 -24.15 -17.84
C5 3L5 I . -12.34 -24.92 -20.13
C5 3L5 I . -12.35 -24.91 -20.14
N7 3L5 I . -13.26 -25.90 -20.43
N7 3L5 I . -13.26 -25.89 -20.42
C8 3L5 I . -13.04 -26.36 -21.65
C8 3L5 I . -13.04 -26.37 -21.65
H3 3L5 I . -8.36 -24.41 -27.98
H3 3L5 I . -6.58 -23.25 -26.79
H4 3L5 I . -7.21 -24.71 -29.02
H4 3L5 I . -7.13 -23.94 -25.47
H5 3L5 I . -6.14 -25.12 -26.59
H5 3L5 I . -7.31 -25.02 -27.89
H6 3L5 I . -6.41 -26.24 -27.69
H6 3L5 I . -6.13 -25.82 -27.18
H7 3L5 I . -6.46 -27.05 -25.32
H7 3L5 I . -6.45 -27.07 -25.31
H8 3L5 I . -7.23 -25.96 -24.44
H8 3L5 I . -7.18 -25.99 -24.38
H9 3L5 I . -8.03 -27.95 -23.64
H9 3L5 I . -8.01 -27.95 -23.59
H10 3L5 I . -8.14 -28.57 -25.12
H10 3L5 I . -8.11 -28.58 -25.07
H12 3L5 I . -10.19 -28.80 -25.92
H12 3L5 I . -10.14 -28.84 -25.89
H13 3L5 I . -11.43 -28.14 -25.19
H13 3L5 I . -11.40 -28.15 -25.20
H14 3L5 I . -10.89 -29.32 -23.22
H14 3L5 I . -10.93 -29.33 -23.22
H15 3L5 I . -9.65 -29.99 -23.95
H15 3L5 I . -9.68 -30.03 -23.90
H18 3L5 I . -10.25 -27.44 -22.70
H18 3L5 I . -10.25 -27.46 -22.67
H19 3L5 I . -9.37 -26.15 -23.04
H19 3L5 I . -9.37 -26.16 -23.01
H20 3L5 I . -11.16 -25.02 -23.93
H20 3L5 I . -11.15 -25.05 -23.92
H21 3L5 I . -12.04 -26.37 -24.12
H21 3L5 I . -12.03 -26.39 -24.11
H23 3L5 I . -8.38 -22.46 -20.06
H23 3L5 I . -8.38 -22.46 -20.08
H24 3L5 I . -9.43 -21.30 -20.34
H24 3L5 I . -9.43 -21.30 -20.34
H25 3L5 I . -13.55 -27.06 -22.11
H25 3L5 I . -13.56 -27.08 -22.09
MG MG J . -6.93 -31.43 -23.40
OAE 3L5 K . 2.81 -28.43 26.15
PBB 3L5 K . 3.95 -27.80 25.40
OAF 3L5 K . 4.41 -28.74 24.30
OAC 3L5 K . 5.10 -27.54 26.35
CAP 3L5 K . 3.39 -26.23 24.65
CAK 3L5 K . 2.59 -26.47 23.36
OAU 3L5 K . 1.61 -25.41 23.29
CAJ 3L5 K . 1.95 -24.41 22.31
CAL 3L5 K . 0.69 -23.59 22.02
NAZ 3L5 K . -0.48 -24.23 22.61
CAN 3L5 K . -1.33 -23.30 23.31
CAQ 3L5 K . -1.80 -22.11 22.48
PBC 3L5 K . -2.66 -20.90 23.56
OAG 3L5 K . -1.68 -20.39 24.59
OAH 3L5 K . -3.17 -19.73 22.71
OAD 3L5 K . -3.83 -21.57 24.26
CAM 3L5 K . -1.22 -24.96 21.56
CAO 3L5 K . -2.04 -26.13 22.18
N9 3L5 K . -3.10 -26.42 21.22
C4 3L5 K . -2.93 -27.21 20.13
N3 3L5 K . -1.93 -27.94 19.61
C2 3L5 K . -2.09 -28.65 18.49
N2 3L5 K . -0.98 -29.42 17.98
N1 3L5 K . -3.24 -28.68 17.82
C6 3L5 K . -4.29 -27.98 18.25
O6 3L5 K . -5.54 -27.99 17.56
C5 3L5 K . -4.17 -27.22 19.45
N7 3L5 K . -5.01 -26.41 20.17
C8 3L5 K . -4.35 -25.92 21.22
H3 3L5 K . 4.15 -25.67 24.47
H4 3L5 K . 2.81 -25.77 25.29
H5 3L5 K . 3.18 -26.43 22.59
H6 3L5 K . 2.16 -27.32 23.41
H7 3L5 K . 2.64 -23.82 22.69
H8 3L5 K . 2.28 -24.83 21.49
H9 3L5 K . 0.78 -22.69 22.39
H10 3L5 K . 0.57 -23.53 21.04
H12 3L5 K . -2.12 -23.78 23.63
H13 3L5 K . -0.85 -22.96 24.11
H14 3L5 K . -1.04 -21.69 22.05
H15 3L5 K . -2.42 -22.43 21.80
H18 3L5 K . -0.58 -25.32 20.90
H19 3L5 K . -1.84 -24.35 21.12
H20 3L5 K . -1.45 -26.91 22.27
H21 3L5 K . -2.41 -25.88 23.05
H23 3L5 K . -0.17 -29.40 18.42
H24 3L5 K . -1.09 -29.92 17.23
H25 3L5 K . -4.73 -25.32 21.90
MG MG L . 0.77 -19.96 20.60
MG MG M . 2.10 -29.02 21.78
OAE 3L5 N . 16.94 -30.05 -29.22
OAE 3L5 N . 17.90 -30.02 -26.60
PBB 3L5 N . 16.22 -28.94 -29.94
PBB 3L5 N . 18.85 -29.06 -27.28
OAF 3L5 N . 15.98 -27.79 -28.97
OAF 3L5 N . 19.90 -28.62 -26.26
OAC 3L5 N . 14.88 -29.46 -30.42
OAC 3L5 N . 18.05 -27.90 -27.81
CAP 3L5 N . 17.22 -28.29 -31.34
CAP 3L5 N . 19.71 -29.84 -28.69
CAK 3L5 N . 18.40 -29.19 -31.74
CAK 3L5 N . 20.77 -28.92 -29.27
OAU 3L5 N . 19.77 -28.74 -31.49
OAU 3L5 N . 20.17 -27.66 -29.65
CAJ 3L5 N . 20.17 -27.42 -31.00
CAJ 3L5 N . 20.27 -27.30 -31.04
CAL 3L5 N . 21.17 -26.81 -32.00
CAL 3L5 N . 20.75 -25.84 -31.15
NAZ 3L5 N . 21.82 -25.63 -31.41
NAZ 3L5 N . 22.12 -25.77 -31.67
CAN 3L5 N . 22.43 -24.76 -32.40
CAN 3L5 N . 22.31 -24.68 -32.61
CAQ 3L5 N . 22.39 -23.31 -31.90
CAQ 3L5 N . 22.42 -23.30 -31.95
PBC 3L5 N . 23.37 -22.15 -32.95
PBC 3L5 N . 23.37 -22.06 -32.96
OAG 3L5 N . 22.59 -21.80 -34.21
OAG 3L5 N . 22.59 -21.69 -34.21
OAH 3L5 N . 23.64 -20.89 -32.16
OAH 3L5 N . 23.56 -20.82 -32.12
OAD 3L5 N . 24.69 -22.78 -33.36
OAD 3L5 N . 24.72 -22.62 -33.37
CAM 3L5 N . 22.73 -25.92 -30.26
CAM 3L5 N . 23.15 -25.87 -30.62
CAO 3L5 N . 23.58 -27.20 -30.48
CAO 3L5 N . 23.70 -27.32 -30.54
N9 3L5 N . 24.62 -27.30 -29.44
N9 3L5 N . 24.71 -27.39 -29.48
C4 3L5 N . 24.52 -28.07 -28.33
C4 3L5 N . 24.62 -28.12 -28.34
N3 3L5 N . 23.58 -28.89 -27.83
N3 3L5 N . 23.71 -28.95 -27.81
C2 3L5 N . 23.78 -29.53 -26.66
C2 3L5 N . 23.90 -29.54 -26.63
N2 3L5 N . 22.75 -30.39 -26.18
N2 3L5 N . 22.89 -30.43 -26.14
N1 3L5 N . 24.90 -29.39 -25.95
N1 3L5 N . 25.01 -29.34 -25.91
C6 3L5 N . 25.90 -28.60 -26.36
C6 3L5 N . 25.98 -28.53 -26.33
O6 3L5 N . 27.09 -28.44 -25.59
O6 3L5 N . 27.15 -28.33 -25.53
C5 3L5 N . 25.72 -27.89 -27.60
C5 3L5 N . 25.81 -27.88 -27.59
N7 3L5 N . 26.49 -27.02 -28.33
N7 3L5 N . 26.55 -26.99 -28.34
C8 3L5 N . 25.82 -26.66 -29.43
C8 3L5 N . 25.88 -26.70 -29.46
H3 3L5 N . 17.58 -27.44 -31.09
H3 3L5 N . 19.07 -30.09 -29.37
H4 3L5 N . 16.64 -28.16 -32.12
H4 3L5 N . 20.15 -30.66 -28.37
H5 3L5 N . 18.29 -30.05 -31.27
H5 3L5 N . 21.47 -28.76 -28.61
H6 3L5 N . 18.33 -29.38 -32.68
H6 3L5 N . 21.17 -29.32 -30.06
H7 3L5 N . 19.38 -26.84 -30.93
H7 3L5 N . 19.40 -27.40 -31.48
H8 3L5 N . 20.60 -27.50 -30.12
H8 3L5 N . 20.93 -27.89 -31.47
H9 3L5 N . 20.69 -26.55 -32.82
H9 3L5 N . 20.72 -25.42 -30.27
H10 3L5 N . 21.85 -27.49 -32.23
H10 3L5 N . 20.15 -25.36 -31.76
H12 3L5 N . 23.35 -25.02 -32.55
H12 3L5 N . 23.12 -24.85 -33.14
H13 3L5 N . 21.94 -24.83 -33.25
H13 3L5 N . 21.55 -24.66 -33.23
H14 3L5 N . 22.76 -23.29 -31.01
H14 3L5 N . 22.89 -23.42 -31.11
H15 3L5 N . 21.46 -23.00 -31.86
H15 3L5 N . 21.53 -22.95 -31.76
H18 3L5 N . 22.19 -26.02 -29.44
H18 3L5 N . 23.89 -25.24 -30.82
H19 3L5 N . 23.33 -25.16 -30.15
H19 3L5 N . 22.76 -25.64 -29.75
H20 3L5 N . 22.97 -27.98 -30.37
H20 3L5 N . 22.94 -27.91 -30.28
H21 3L5 N . 23.98 -27.22 -31.37
H21 3L5 N . 24.06 -27.62 -31.40
H23 3L5 N . 22.74 -30.64 -25.28
H23 3L5 N . 22.89 -30.68 -25.25
H24 3L5 N . 22.11 -30.70 -26.73
H24 3L5 N . 22.26 -30.74 -26.69
H25 3L5 N . 26.15 -26.05 -30.13
H25 3L5 N . 26.20 -26.10 -30.17
MG MG O . 17.85 -23.92 -28.99
OAE 3L5 P . 28.51 -17.42 17.86
OAE 3L5 P . 25.93 -18.32 16.42
PBB 3L5 P . 27.37 -17.66 18.82
PBB 3L5 P . 25.40 -19.43 17.31
OAF 3L5 P . 26.16 -18.10 18.02
OAF 3L5 P . 24.01 -19.07 17.79
OAC 3L5 P . 27.05 -16.40 19.57
OAC 3L5 P . 26.31 -19.61 18.51
CAP 3L5 P . 27.83 -18.99 20.00
CAP 3L5 P . 25.31 -20.99 16.34
CAK 3L5 P . 28.98 -19.86 19.46
CAK 3L5 P . 26.47 -21.18 15.35
OAU 3L5 P . 28.38 -20.76 18.51
OAU 3L5 P . 27.47 -22.03 15.94
CAJ 3L5 P . 28.99 -20.81 17.19
CAJ 3L5 P . 28.57 -21.35 16.55
CAL 3L5 P . 30.46 -21.21 17.35
CAL 3L5 P . 29.66 -22.40 16.77
NAZ 3L5 P . 30.85 -22.14 16.31
NAZ 3L5 P . 30.98 -21.96 16.35
CAN 3L5 P . 32.07 -22.86 16.65
CAN 3L5 P . 32.02 -22.85 16.88
CAQ 3L5 P . 32.11 -24.25 15.98
CAQ 3L5 P . 32.16 -24.17 16.10
PBC 3L5 P . 33.50 -25.27 16.69
PBC 3L5 P . 33.51 -25.24 16.77
OAG 3L5 P . 33.23 -25.51 18.17
OAG 3L5 P . 33.28 -25.56 18.23
OAH 3L5 P . 33.58 -26.59 15.96
OAH 3L5 P . 33.55 -26.53 15.96
OAD 3L5 P . 34.81 -24.52 16.56
OAD 3L5 P . 34.84 -24.52 16.62
CAM 3L5 P . 30.96 -21.55 14.94
CAM 3L5 P . 31.14 -21.58 14.92
CAO 3L5 P . 31.77 -20.23 14.89
CAO 3L5 P . 31.76 -20.16 14.85
N9 3L5 P . 32.38 -20.10 13.55
N9 3L5 P . 32.39 -20.04 13.52
C4 3L5 P . 31.87 -19.38 12.52
C4 3L5 P . 31.89 -19.34 12.48
N3 3L5 P . 30.79 -18.62 12.33
N3 3L5 P . 30.80 -18.57 12.28
C2 3L5 P . 30.56 -18.02 11.16
C2 3L5 P . 30.58 -17.99 11.11
N2 3L5 P . 29.39 -17.21 11.01
N2 3L5 P . 29.41 -17.18 10.96
N1 3L5 P . 31.39 -18.15 10.11
N1 3L5 P . 31.41 -18.13 10.06
C6 3L5 P . 32.49 -18.90 10.19
C6 3L5 P . 32.51 -18.87 10.16
O6 3L5 P . 33.37 -19.04 9.08
O6 3L5 P . 33.39 -19.03 9.05
C5 3L5 P . 32.77 -19.55 11.44
C5 3L5 P . 32.79 -19.52 11.40
N7 3L5 P . 33.79 -20.36 11.88
N7 3L5 P . 33.79 -20.33 11.86
C8 3L5 P . 33.54 -20.69 13.16
C8 3L5 P . 33.54 -20.65 13.13
H3 3L5 P . 27.07 -19.55 20.14
H3 3L5 P . 24.48 -21.00 15.85
H4 3L5 P . 28.09 -18.59 20.85
H4 3L5 P . 25.32 -21.74 16.96
H5 3L5 P . 29.41 -20.35 20.18
H5 3L5 P . 26.88 -20.30 15.15
H6 3L5 P . 29.62 -19.30 19.01
H6 3L5 P . 26.14 -21.57 14.54
H7 3L5 P . 28.92 -19.93 16.76
H7 3L5 P . 28.91 -20.62 15.97
H8 3L5 P . 28.53 -21.50 16.66
H8 3L5 P . 28.30 -20.97 17.42
H9 3L5 P . 31.03 -20.41 17.30
H9 3L5 P . 29.68 -22.66 17.71
H10 3L5 P . 30.57 -21.65 18.23
H10 3L5 P . 29.41 -23.18 16.22
H12 3L5 P . 32.13 -22.96 17.61
H12 3L5 P . 31.79 -23.07 17.81
H13 3L5 P . 32.84 -22.35 16.33
H13 3L5 P . 32.88 -22.37 16.86
H14 3L5 P . 32.27 -24.13 15.03
H14 3L5 P . 32.36 -23.95 15.17
H15 3L5 P . 31.27 -24.71 16.13
H15 3L5 P . 31.31 -24.66 16.14
H18 3L5 P . 30.04 -21.39 14.60
H18 3L5 P . 30.25 -21.58 14.49
H19 3L5 P . 31.40 -22.20 14.36
H19 3L5 P . 31.72 -22.23 14.47
H20 3L5 P . 31.14 -19.48 15.02
H20 3L5 P . 31.03 -19.49 14.91
H21 3L5 P . 32.46 -20.20 15.60
H21 3L5 P . 32.41 -20.00 15.56
H23 3L5 P . 29.46 -16.28 10.99
H23 3L5 P . 29.48 -16.25 10.94
H24 3L5 P . 28.58 -17.60 10.93
H24 3L5 P . 28.60 -17.57 10.88
H25 3L5 P . 34.11 -21.27 13.71
H25 3L5 P . 34.11 -21.23 13.70
MG MG Q . 26.89 -23.82 15.25
OAE 3L5 R . -35.14 16.44 2.21
OAE 3L5 R . -38.98 14.65 2.54
PBB 3L5 R . -36.08 17.63 2.31
PBB 3L5 R . -38.98 16.14 2.29
OAF 3L5 R . -36.23 18.04 3.76
OAF 3L5 R . -38.69 16.87 3.60
OAC 3L5 R . -37.43 17.25 1.75
OAC 3L5 R . -40.32 16.58 1.77
CAP 3L5 R . -35.36 19.03 1.38
CAP 3L5 R . -37.66 16.56 1.09
CAK 3L5 R . -36.36 20.16 1.12
CAK 3L5 R . -37.70 18.05 0.73
OAU 3L5 R . -36.37 20.45 -0.28
OAU 3L5 R . -37.72 18.20 -0.71
CAJ 3L5 R . -36.80 19.35 -1.12
CAJ 3L5 R . -36.91 19.31 -1.16
CAL 3L5 R . -37.47 19.98 -2.33
CAL 3L5 R . -37.59 19.95 -2.38
NAZ 3L5 R . -38.13 18.99 -3.19
NAZ 3L5 R . -38.17 18.98 -3.30
CAN 3L5 R . -38.92 19.56 -4.27
CAN 3L5 R . -38.87 19.57 -4.43
CAQ 3L5 R . -38.68 21.04 -4.61
CAQ 3L5 R . -38.79 21.09 -4.60
PBC 3L5 R . -39.99 21.66 -5.77
PBC 3L5 R . -40.00 21.71 -5.86
OAG 3L5 R . -41.17 22.15 -4.96
OAG 3L5 R . -41.16 22.35 -5.14
OAH 3L5 R . -39.45 22.81 -6.60
OAH 3L5 R . -39.35 22.74 -6.76
OAD 3L5 R . -40.47 20.56 -6.70
OAD 3L5 R . -40.52 20.56 -6.71
CAM 3L5 R . -37.15 18.00 -3.72
CAM 3L5 R . -37.15 17.99 -3.77
CAO 3L5 R . -37.79 16.75 -4.39
CAO 3L5 R . -37.79 16.75 -4.46
N9 3L5 R . -36.83 16.34 -5.43
N9 3L5 R . -36.82 16.34 -5.49
C4 3L5 R . -35.64 15.72 -5.20
C4 3L5 R . -35.63 15.73 -5.23
N3 3L5 R . -34.97 15.27 -4.12
N3 3L5 R . -34.98 15.27 -4.15
C2 3L5 R . -33.78 14.68 -4.23
C2 3L5 R . -33.78 14.67 -4.24
N2 3L5 R . -33.11 14.21 -3.06
N2 3L5 R . -33.13 14.21 -3.07
N1 3L5 R . -33.18 14.48 -5.42
N1 3L5 R . -33.18 14.48 -5.42
C6 3L5 R . -33.76 14.90 -6.54
C6 3L5 R . -33.74 14.89 -6.55
O6 3L5 R . -33.13 14.71 -7.82
O6 3L5 R . -33.10 14.70 -7.81
C5 3L5 R . -35.03 15.54 -6.47
C5 3L5 R . -35.01 15.54 -6.49
N7 3L5 R . -35.90 16.07 -7.40
N7 3L5 R . -35.86 16.07 -7.44
C8 3L5 R . -36.97 16.56 -6.76
C8 3L5 R . -36.94 16.55 -6.82
H3 3L5 R . -34.63 19.40 1.90
H3 3L5 R . -36.81 16.37 1.49
H4 3L5 R . -35.00 18.71 0.53
H4 3L5 R . -37.77 16.01 0.28
H5 3L5 R . -37.25 19.89 1.41
H5 3L5 R . -38.49 18.46 1.11
H6 3L5 R . -36.09 20.95 1.60
H6 3L5 R . -36.91 18.48 1.08
H7 3L5 R . -37.45 18.80 -0.62
H7 3L5 R . -36.85 19.97 -0.43
H8 3L5 R . -36.03 18.81 -1.40
H8 3L5 R . -36.02 18.99 -1.40
H9 3L5 R . -36.80 20.46 -2.86
H9 3L5 R . -36.93 20.50 -2.86
H10 3L5 R . -38.15 20.62 -2.02
H10 3L5 R . -38.31 20.53 -2.06
H12 3L5 R . -38.73 19.06 -5.08
H12 3L5 R . -38.51 19.16 -5.25
H13 3L5 R . -39.87 19.45 -4.06
H13 3L5 R . -39.82 19.32 -4.38
H14 3L5 R . -37.81 21.12 -5.05
H14 3L5 R . -37.89 21.33 -4.89
H15 3L5 R . -38.68 21.58 -3.80
H15 3L5 R . -38.97 21.52 -3.75
H18 3L5 R . -36.59 18.45 -4.40
H18 3L5 R . -36.56 18.44 -4.41
H19 3L5 R . -36.57 17.71 -2.98
H19 3L5 R . -36.62 17.70 -2.99
H20 3L5 R . -38.65 17.01 -4.80
H20 3L5 R . -38.64 17.03 -4.89
H21 3L5 R . -37.92 16.03 -3.73
H21 3L5 R . -37.94 16.03 -3.81
H23 3L5 R . -33.49 14.36 -2.22
H23 3L5 R . -33.51 14.35 -2.23
H24 3L5 R . -32.32 13.78 -3.13
H24 3L5 R . -32.33 13.77 -3.13
H25 3L5 R . -37.73 17.00 -7.19
H25 3L5 R . -37.70 17.00 -7.26
OAE 3L5 S . 9.26 26.32 -15.37
PBB 3L5 S . 9.99 25.99 -16.65
OAF 3L5 S . 11.40 26.52 -16.59
OAC 3L5 S . 9.26 26.60 -17.81
CAP 3L5 S . 10.07 24.17 -16.86
CAK 3L5 S . 8.70 23.55 -16.56
OAU 3L5 S . 8.83 22.11 -16.58
CAJ 3L5 S . 7.62 21.48 -16.10
CAL 3L5 S . 7.32 20.25 -16.96
NAZ 3L5 S . 7.24 20.57 -18.38
CAN 3L5 S . 7.75 19.48 -19.19
CAQ 3L5 S . 7.07 18.13 -18.95
PBC 3L5 S . 7.88 16.80 -19.95
OAG 3L5 S . 9.35 16.76 -19.63
OAH 3L5 S . 7.69 17.13 -21.42
OAD 3L5 S . 7.25 15.45 -19.64
CAM 3L5 S . 5.85 20.96 -18.77
CAO 3L5 S . 5.76 21.76 -20.11
N9 3L5 S . 4.35 21.61 -20.54
C4 3L5 S . 3.33 22.38 -20.09
N3 3L5 S . 3.21 23.42 -19.24
C2 3L5 S . 2.02 23.98 -19.00
N2 3L5 S . 1.94 25.08 -18.09
N1 3L5 S . 0.89 23.56 -19.58
C6 3L5 S . 0.90 22.53 -20.43
O6 3L5 S . -0.31 22.08 -21.03
C5 3L5 S . 2.15 21.89 -20.72
N7 3L5 S . 2.55 20.85 -21.53
C8 3L5 S . 3.87 20.68 -21.41
H3 3L5 S . 10.74 23.80 -16.28
H4 3L5 S . 10.29 23.97 -17.79
H5 3L5 S . 8.06 23.83 -17.23
H6 3L5 S . 8.40 23.84 -15.69
H7 3L5 S . 6.88 22.11 -16.18
H8 3L5 S . 7.73 21.21 -15.16
H9 3L5 S . 6.46 19.85 -16.67
H10 3L5 S . 8.04 19.59 -16.83
H12 3L5 S . 8.71 19.38 -19.01
H13 3L5 S . 7.64 19.71 -20.14
H14 3L5 S . 7.11 17.90 -18.01
H15 3L5 S . 6.13 18.19 -19.22
H18 3L5 S . 5.32 20.13 -18.88
H19 3L5 S . 5.46 21.49 -18.05
H20 3L5 S . 5.95 22.71 -19.93
H21 3L5 S . 6.38 21.41 -20.79
H23 3L5 S . 2.60 25.74 -18.10
H24 3L5 S . 1.25 25.13 -17.51
H25 3L5 S . 4.40 20.00 -21.87
MG MG T . 7.10 17.16 -15.08
MG MG U . 6.47 26.35 -17.68
OAE 3L5 V . -34.65 31.82 22.14
PBB 3L5 V . -33.19 31.51 22.32
OAF 3L5 V . -32.40 32.17 21.20
OAC 3L5 V . -32.99 30.01 22.27
CAP 3L5 V . -32.63 32.18 23.94
CAK 3L5 V . -32.15 31.11 24.92
OAU 3L5 V . -30.91 30.52 24.49
CAJ 3L5 V . -30.90 29.07 24.50
CAL 3L5 V . -29.47 28.53 24.60
NAZ 3L5 V . -28.87 28.86 25.89
CAN 3L5 V . -28.68 27.62 26.65
CAQ 3L5 V . -28.30 27.93 28.11
PBC 3L5 V . -28.45 26.44 29.22
OAG 3L5 V . -29.88 25.94 29.22
OAH 3L5 V . -27.53 25.33 28.75
OAD 3L5 V . -28.06 26.85 30.63
CAM 3L5 V . -27.60 29.61 25.77
CAO 3L5 V . -27.61 30.82 26.75
N9 3L5 V . -26.23 31.30 26.96
C4 3L5 V . -25.52 32.03 26.06
N3 3L5 V . -25.74 32.52 24.82
C2 3L5 V . -24.80 33.23 24.18
N2 3L5 V . -25.08 33.74 22.87
N1 3L5 V . -23.60 33.47 24.71
C6 3L5 V . -23.28 33.02 25.92
O6 3L5 V . -22.01 33.28 26.49
C5 3L5 V . -24.26 32.27 26.65
N7 3L5 V . -24.28 31.67 27.88
C8 3L5 V . -25.48 31.08 28.06
H3 3L5 V . -33.38 32.64 24.35
H4 3L5 V . -31.92 32.83 23.80
H5 3L5 V . -32.02 31.51 25.81
H6 3L5 V . -32.81 30.42 25.00
H7 3L5 V . -31.43 28.75 25.26
H8 3L5 V . -31.31 28.75 23.66
H9 3L5 V . -29.49 27.56 24.49
H10 3L5 V . -28.92 28.92 23.88
H12 3L5 V . -27.97 27.10 26.24
H13 3L5 V . -29.51 27.10 26.64
H14 3L5 V . -28.90 28.61 28.44
H15 3L5 V . -27.39 28.26 28.14
H18 3L5 V . -26.84 29.01 25.99
H19 3L5 V . -27.50 29.94 24.85
H20 3L5 V . -28.14 31.55 26.32
H21 3L5 V . -28.02 30.58 27.60
H23 3L5 V . -24.41 34.16 22.39
H24 3L5 V . -25.91 33.65 22.52
H25 3L5 V . -25.75 30.58 28.86
MG MG W . -27.84 26.69 21.98
OAE 3L5 X . 14.98 23.88 7.36
OAE 3L5 X . 18.99 23.10 7.51
PBB 3L5 X . 15.83 25.03 6.89
PBB 3L5 X . 17.69 23.28 8.25
OAF 3L5 X . 14.93 26.26 6.73
OAF 3L5 X . 17.63 22.33 9.43
OAC 3L5 X . 16.45 24.71 5.56
OAC 3L5 X . 16.53 23.02 7.31
CAP 3L5 X . 17.13 25.32 8.15
CAP 3L5 X . 17.60 25.01 8.88
CAK 3L5 X . 17.99 26.55 7.90
CAK 3L5 X . 17.48 26.02 7.73
OAU 3L5 X . 17.92 27.37 9.09
OAU 3L5 X . 17.62 27.41 8.14
CAJ 3L5 X . 17.56 28.74 8.85
CAJ 3L5 X . 18.02 27.83 9.46
CAL 3L5 X . 16.62 29.26 9.93
CAL 3L5 X . 17.03 28.92 9.86
NAZ 3L5 X . 17.27 29.30 11.23
NAZ 3L5 X . 17.33 29.34 11.22
CAN 3L5 X . 18.10 30.49 11.43
CAN 3L5 X . 18.09 30.60 11.33
CAQ 3L5 X . 17.34 31.79 11.72
CAQ 3L5 X . 17.30 31.81 11.85
PBC 3L5 X . 18.44 33.26 11.95
PBC 3L5 X . 18.36 33.32 12.03
OAG 3L5 X . 19.50 33.34 10.87
OAG 3L5 X . 19.32 33.47 10.87
OAH 3L5 X . 17.61 34.52 11.91
OAH 3L5 X . 17.47 34.54 12.11
OAD 3L5 X . 19.13 33.16 13.31
OAD 3L5 X . 19.16 33.20 13.32
CAM 3L5 X . 16.32 28.98 12.34
CAM 3L5 X . 16.31 28.99 12.24
CAO 3L5 X . 17.08 28.30 13.53
CAO 3L5 X . 17.02 28.35 13.47
N9 3L5 X . 16.13 28.29 14.67
N9 3L5 X . 16.09 28.34 14.61
C4 3L5 X . 15.15 27.38 14.85
C4 3L5 X . 15.13 27.41 14.80
N3 3L5 X . 14.73 26.29 14.18
N3 3L5 X . 14.71 26.31 14.15
C2 3L5 X . 13.71 25.56 14.62
C2 3L5 X . 13.70 25.57 14.61
N2 3L5 X . 13.30 24.41 13.87
N2 3L5 X . 13.30 24.41 13.87
N1 3L5 X . 13.04 25.86 15.75
N1 3L5 X . 13.04 25.87 15.74
C6 3L5 X . 13.38 26.93 16.48
C6 3L5 X . 13.36 26.94 16.46
O6 3L5 X . 12.66 27.24 17.68
O6 3L5 X . 12.65 27.26 17.67
C5 3L5 X . 14.48 27.73 16.04
C5 3L5 X . 14.45 27.76 16.01
N7 3L5 X . 15.10 28.86 16.51
N7 3L5 X . 15.06 28.91 16.46
C8 3L5 X . 16.09 29.20 15.68
C8 3L5 X . 16.04 29.25 15.62
H3 3L5 X . 17.69 24.53 8.20
H3 3L5 X . 16.82 25.10 9.45
H4 3L5 X . 16.69 25.44 9.01
H4 3L5 X . 18.40 25.21 9.40
H5 3L5 X . 17.65 27.05 7.13
H5 3L5 X . 18.17 25.82 7.08
H6 3L5 X . 18.91 26.29 7.73
H6 3L5 X . 16.62 25.91 7.31
H7 3L5 X . 18.37 29.29 8.82
H7 3L5 X . 17.97 27.08 10.09
H8 3L5 X . 17.10 28.80 7.97
H8 3L5 X . 18.93 28.20 9.45
H9 3L5 X . 15.84 28.67 9.99
H9 3L5 X . 17.11 29.68 9.25
H10 3L5 X . 16.32 30.17 9.70
H10 3L5 X . 16.10 28.56 9.83
H12 3L5 X . 18.63 30.62 10.62
H12 3L5 X . 18.41 30.83 10.44
H13 3L5 X . 18.72 30.31 12.18
H13 3L5 X . 18.85 30.44 11.92
H14 3L5 X . 16.73 31.97 10.97
H14 3L5 X . 16.57 32.00 11.24
H15 3L5 X . 16.80 31.66 12.53
H15 3L5 X . 16.93 31.58 12.73
H18 3L5 X . 15.91 29.82 12.67
H18 3L5 X . 15.83 29.80 12.53
H19 3L5 X . 15.63 28.38 12.00
H19 3L5 X . 15.68 28.35 11.86
H20 3L5 X . 17.28 27.37 13.27
H20 3L5 X . 17.25 27.41 13.24
H21 3L5 X . 17.90 28.79 13.75
H21 3L5 X . 17.84 28.84 13.70
H23 3L5 X . 13.82 24.10 13.17
H23 3L5 X . 13.81 24.10 13.18
H24 3L5 X . 12.53 23.98 14.08
H24 3L5 X . 12.53 23.97 14.10
H25 3L5 X . 16.69 29.97 15.78
H25 3L5 X . 16.63 30.02 15.72
MG MG Y . 14.12 29.56 7.69
#